data_2DPK
# 
_entry.id   2DPK 
# 
_audit_conform.dict_name       mmcif_pdbx.dic 
_audit_conform.dict_version    5.397 
_audit_conform.dict_location   http://mmcif.pdb.org/dictionaries/ascii/mmcif_pdbx.dic 
# 
loop_
_database_2.database_id 
_database_2.database_code 
_database_2.pdbx_database_accession 
_database_2.pdbx_DOI 
PDB   2DPK         pdb_00002dpk 10.2210/pdb2dpk/pdb 
RCSB  RCSB025691   ?            ?                   
WWPDB D_1000025691 ?            ?                   
# 
loop_
_pdbx_audit_revision_history.ordinal 
_pdbx_audit_revision_history.data_content_type 
_pdbx_audit_revision_history.major_revision 
_pdbx_audit_revision_history.minor_revision 
_pdbx_audit_revision_history.revision_date 
1 'Structure model' 1 0 2006-06-13 
2 'Structure model' 1 1 2008-04-30 
3 'Structure model' 1 2 2011-07-13 
4 'Structure model' 1 3 2024-10-23 
# 
_pdbx_audit_revision_details.ordinal             1 
_pdbx_audit_revision_details.revision_ordinal    1 
_pdbx_audit_revision_details.data_content_type   'Structure model' 
_pdbx_audit_revision_details.provider            repository 
_pdbx_audit_revision_details.type                'Initial release' 
_pdbx_audit_revision_details.description         ? 
_pdbx_audit_revision_details.details             ? 
# 
loop_
_pdbx_audit_revision_group.ordinal 
_pdbx_audit_revision_group.revision_ordinal 
_pdbx_audit_revision_group.data_content_type 
_pdbx_audit_revision_group.group 
1 2 'Structure model' 'Version format compliance' 
2 3 'Structure model' 'Version format compliance' 
3 4 'Structure model' 'Data collection'           
4 4 'Structure model' 'Database references'       
5 4 'Structure model' 'Derived calculations'      
6 4 'Structure model' 'Structure summary'         
# 
loop_
_pdbx_audit_revision_category.ordinal 
_pdbx_audit_revision_category.revision_ordinal 
_pdbx_audit_revision_category.data_content_type 
_pdbx_audit_revision_category.category 
1 4 'Structure model' chem_comp_atom            
2 4 'Structure model' chem_comp_bond            
3 4 'Structure model' database_2                
4 4 'Structure model' pdbx_entry_details        
5 4 'Structure model' pdbx_modification_feature 
6 4 'Structure model' pdbx_struct_conn_angle    
7 4 'Structure model' struct_conn               
8 4 'Structure model' struct_ref_seq_dif        
9 4 'Structure model' struct_site               
# 
loop_
_pdbx_audit_revision_item.ordinal 
_pdbx_audit_revision_item.revision_ordinal 
_pdbx_audit_revision_item.data_content_type 
_pdbx_audit_revision_item.item 
1  4 'Structure model' '_database_2.pdbx_DOI'                        
2  4 'Structure model' '_database_2.pdbx_database_accession'         
3  4 'Structure model' '_pdbx_struct_conn_angle.ptnr1_auth_comp_id'  
4  4 'Structure model' '_pdbx_struct_conn_angle.ptnr1_auth_seq_id'   
5  4 'Structure model' '_pdbx_struct_conn_angle.ptnr1_label_asym_id' 
6  4 'Structure model' '_pdbx_struct_conn_angle.ptnr1_label_atom_id' 
7  4 'Structure model' '_pdbx_struct_conn_angle.ptnr1_label_comp_id' 
8  4 'Structure model' '_pdbx_struct_conn_angle.ptnr1_label_seq_id'  
9  4 'Structure model' '_pdbx_struct_conn_angle.ptnr2_auth_seq_id'   
10 4 'Structure model' '_pdbx_struct_conn_angle.ptnr2_label_asym_id' 
11 4 'Structure model' '_pdbx_struct_conn_angle.ptnr3_auth_comp_id'  
12 4 'Structure model' '_pdbx_struct_conn_angle.ptnr3_auth_seq_id'   
13 4 'Structure model' '_pdbx_struct_conn_angle.ptnr3_label_asym_id' 
14 4 'Structure model' '_pdbx_struct_conn_angle.ptnr3_label_atom_id' 
15 4 'Structure model' '_pdbx_struct_conn_angle.ptnr3_label_comp_id' 
16 4 'Structure model' '_pdbx_struct_conn_angle.ptnr3_label_seq_id'  
17 4 'Structure model' '_pdbx_struct_conn_angle.value'               
18 4 'Structure model' '_struct_conn.pdbx_dist_value'                
19 4 'Structure model' '_struct_conn.ptnr1_auth_comp_id'             
20 4 'Structure model' '_struct_conn.ptnr1_auth_seq_id'              
21 4 'Structure model' '_struct_conn.ptnr1_label_asym_id'            
22 4 'Structure model' '_struct_conn.ptnr1_label_atom_id'            
23 4 'Structure model' '_struct_conn.ptnr1_label_comp_id'            
24 4 'Structure model' '_struct_conn.ptnr1_label_seq_id'             
25 4 'Structure model' '_struct_conn.ptnr2_auth_comp_id'             
26 4 'Structure model' '_struct_conn.ptnr2_auth_seq_id'              
27 4 'Structure model' '_struct_conn.ptnr2_label_asym_id'            
28 4 'Structure model' '_struct_conn.ptnr2_label_atom_id'            
29 4 'Structure model' '_struct_conn.ptnr2_label_comp_id'            
30 4 'Structure model' '_struct_conn.ptnr2_label_seq_id'             
31 4 'Structure model' '_struct_ref_seq_dif.details'                 
32 4 'Structure model' '_struct_site.pdbx_auth_asym_id'              
33 4 'Structure model' '_struct_site.pdbx_auth_comp_id'              
34 4 'Structure model' '_struct_site.pdbx_auth_seq_id'               
# 
_pdbx_database_status.status_code                     REL 
_pdbx_database_status.entry_id                        2DPK 
_pdbx_database_status.recvd_initial_deposition_date   2006-05-12 
_pdbx_database_status.deposit_site                    PDBJ 
_pdbx_database_status.process_site                    PDBJ 
_pdbx_database_status.status_code_sf                  ? 
_pdbx_database_status.status_code_mr                  ? 
_pdbx_database_status.SG_entry                        ? 
_pdbx_database_status.pdb_format_compatible           Y 
_pdbx_database_status.status_code_cs                  ? 
_pdbx_database_status.status_code_nmr_data            ? 
_pdbx_database_status.methods_development_category    ? 
# 
loop_
_audit_author.name 
_audit_author.pdbx_ordinal 
'Abramson, J.' 1 
'Sawaya, M.'   2 
# 
_citation.id                        primary 
_citation.title                     
'The crystal structure of the primary Ca2+ sensor of the na+/ca2+ exchanger reveals a novel Ca2+ binding motif.' 
_citation.journal_abbrev            J.Biol.Chem. 
_citation.journal_volume            281 
_citation.page_first                21577 
_citation.page_last                 21581 
_citation.year                      2006 
_citation.journal_id_ASTM           JBCHA3 
_citation.country                   US 
_citation.journal_id_ISSN           0021-9258 
_citation.journal_id_CSD            0071 
_citation.book_publisher            ? 
_citation.pdbx_database_id_PubMed   16774926 
_citation.pdbx_database_id_DOI      10.1074/jbc.C600117200 
# 
loop_
_citation_author.citation_id 
_citation_author.name 
_citation_author.ordinal 
_citation_author.identifier_ORCID 
primary 'Nicoll, D.A.'    1 ? 
primary 'Sawaya, M.'      2 ? 
primary 'Kwon, S.'        3 ? 
primary 'Cascio, D.'      4 ? 
primary 'Philipson, K.D.' 5 ? 
primary 'Abramson, J.'    6 ? 
# 
loop_
_entity.id 
_entity.type 
_entity.src_method 
_entity.pdbx_description 
_entity.formula_weight 
_entity.pdbx_number_of_molecules 
_entity.pdbx_ec 
_entity.pdbx_mutation 
_entity.pdbx_fragment 
_entity.details 
1 polymer     man 'Sodium/calcium exchanger 1'                          16692.250 1  ? ? 'Ca2+ binding domain 1' ? 
2 non-polymer syn 'CALCIUM ION'                                         40.078    4  ? ? ?                       ? 
3 non-polymer syn GUANIDINE                                             59.070    1  ? ? ?                       ? 
4 non-polymer syn '4-(2-HYDROXYETHYL)-1-PIPERAZINE ETHANESULFONIC ACID' 238.305   1  ? ? ?                       ? 
5 water       nat water                                                 18.015    17 ? ? ?                       ? 
# 
_entity_name_com.entity_id   1 
_entity_name_com.name        'CBD1, Na+/Ca2+ exchange protein 1' 
# 
_entity_poly.entity_id                      1 
_entity_poly.type                           'polypeptide(L)' 
_entity_poly.nstd_linkage                   no 
_entity_poly.nstd_monomer                   no 
_entity_poly.pdbx_seq_one_letter_code       
;MRGSHHHHHHGIPVSKIFFEQGTYQCLENCGTVALTIIRRGGDLTNTVFVDFRTEDGTANAGSDYEFTEGTVVFKPGETQ
KEIRVGIIDDDIFEEDENFLVHLSNVKVSSEASEDGILEANHVSALACLGSPSTATVTIFDDDHAGIFTFEE
;
_entity_poly.pdbx_seq_one_letter_code_can   
;MRGSHHHHHHGIPVSKIFFEQGTYQCLENCGTVALTIIRRGGDLTNTVFVDFRTEDGTANAGSDYEFTEGTVVFKPGETQ
KEIRVGIIDDDIFEEDENFLVHLSNVKVSSEASEDGILEANHVSALACLGSPSTATVTIFDDDHAGIFTFEE
;
_entity_poly.pdbx_strand_id                 A 
_entity_poly.pdbx_target_identifier         ? 
# 
loop_
_pdbx_entity_nonpoly.entity_id 
_pdbx_entity_nonpoly.name 
_pdbx_entity_nonpoly.comp_id 
2 'CALCIUM ION'                                         CA  
3 GUANIDINE                                             GAI 
4 '4-(2-HYDROXYETHYL)-1-PIPERAZINE ETHANESULFONIC ACID' EPE 
5 water                                                 HOH 
# 
loop_
_entity_poly_seq.entity_id 
_entity_poly_seq.num 
_entity_poly_seq.mon_id 
_entity_poly_seq.hetero 
1 1   MET n 
1 2   ARG n 
1 3   GLY n 
1 4   SER n 
1 5   HIS n 
1 6   HIS n 
1 7   HIS n 
1 8   HIS n 
1 9   HIS n 
1 10  HIS n 
1 11  GLY n 
1 12  ILE n 
1 13  PRO n 
1 14  VAL n 
1 15  SER n 
1 16  LYS n 
1 17  ILE n 
1 18  PHE n 
1 19  PHE n 
1 20  GLU n 
1 21  GLN n 
1 22  GLY n 
1 23  THR n 
1 24  TYR n 
1 25  GLN n 
1 26  CYS n 
1 27  LEU n 
1 28  GLU n 
1 29  ASN n 
1 30  CYS n 
1 31  GLY n 
1 32  THR n 
1 33  VAL n 
1 34  ALA n 
1 35  LEU n 
1 36  THR n 
1 37  ILE n 
1 38  ILE n 
1 39  ARG n 
1 40  ARG n 
1 41  GLY n 
1 42  GLY n 
1 43  ASP n 
1 44  LEU n 
1 45  THR n 
1 46  ASN n 
1 47  THR n 
1 48  VAL n 
1 49  PHE n 
1 50  VAL n 
1 51  ASP n 
1 52  PHE n 
1 53  ARG n 
1 54  THR n 
1 55  GLU n 
1 56  ASP n 
1 57  GLY n 
1 58  THR n 
1 59  ALA n 
1 60  ASN n 
1 61  ALA n 
1 62  GLY n 
1 63  SER n 
1 64  ASP n 
1 65  TYR n 
1 66  GLU n 
1 67  PHE n 
1 68  THR n 
1 69  GLU n 
1 70  GLY n 
1 71  THR n 
1 72  VAL n 
1 73  VAL n 
1 74  PHE n 
1 75  LYS n 
1 76  PRO n 
1 77  GLY n 
1 78  GLU n 
1 79  THR n 
1 80  GLN n 
1 81  LYS n 
1 82  GLU n 
1 83  ILE n 
1 84  ARG n 
1 85  VAL n 
1 86  GLY n 
1 87  ILE n 
1 88  ILE n 
1 89  ASP n 
1 90  ASP n 
1 91  ASP n 
1 92  ILE n 
1 93  PHE n 
1 94  GLU n 
1 95  GLU n 
1 96  ASP n 
1 97  GLU n 
1 98  ASN n 
1 99  PHE n 
1 100 LEU n 
1 101 VAL n 
1 102 HIS n 
1 103 LEU n 
1 104 SER n 
1 105 ASN n 
1 106 VAL n 
1 107 LYS n 
1 108 VAL n 
1 109 SER n 
1 110 SER n 
1 111 GLU n 
1 112 ALA n 
1 113 SER n 
1 114 GLU n 
1 115 ASP n 
1 116 GLY n 
1 117 ILE n 
1 118 LEU n 
1 119 GLU n 
1 120 ALA n 
1 121 ASN n 
1 122 HIS n 
1 123 VAL n 
1 124 SER n 
1 125 ALA n 
1 126 LEU n 
1 127 ALA n 
1 128 CYS n 
1 129 LEU n 
1 130 GLY n 
1 131 SER n 
1 132 PRO n 
1 133 SER n 
1 134 THR n 
1 135 ALA n 
1 136 THR n 
1 137 VAL n 
1 138 THR n 
1 139 ILE n 
1 140 PHE n 
1 141 ASP n 
1 142 ASP n 
1 143 ASP n 
1 144 HIS n 
1 145 ALA n 
1 146 GLY n 
1 147 ILE n 
1 148 PHE n 
1 149 THR n 
1 150 PHE n 
1 151 GLU n 
1 152 GLU n 
# 
_entity_src_gen.entity_id                          1 
_entity_src_gen.pdbx_src_id                        1 
_entity_src_gen.pdbx_alt_source_flag               sample 
_entity_src_gen.pdbx_seq_type                      ? 
_entity_src_gen.pdbx_beg_seq_num                   ? 
_entity_src_gen.pdbx_end_seq_num                   ? 
_entity_src_gen.gene_src_common_name               dog 
_entity_src_gen.gene_src_genus                     Canis 
_entity_src_gen.pdbx_gene_src_gene                 ? 
_entity_src_gen.gene_src_species                   'Canis lupus' 
_entity_src_gen.gene_src_strain                    familiaris 
_entity_src_gen.gene_src_tissue                    ? 
_entity_src_gen.gene_src_tissue_fraction           ? 
_entity_src_gen.gene_src_details                   ? 
_entity_src_gen.pdbx_gene_src_fragment             ? 
_entity_src_gen.pdbx_gene_src_scientific_name      'Canis lupus familiaris' 
_entity_src_gen.pdbx_gene_src_ncbi_taxonomy_id     9615 
_entity_src_gen.pdbx_gene_src_variant              ? 
_entity_src_gen.pdbx_gene_src_cell_line            ? 
_entity_src_gen.pdbx_gene_src_atcc                 ? 
_entity_src_gen.pdbx_gene_src_organ                ? 
_entity_src_gen.pdbx_gene_src_organelle            ? 
_entity_src_gen.pdbx_gene_src_cell                 ? 
_entity_src_gen.pdbx_gene_src_cellular_location    ? 
_entity_src_gen.host_org_common_name               ? 
_entity_src_gen.pdbx_host_org_scientific_name      'Escherichia coli' 
_entity_src_gen.pdbx_host_org_ncbi_taxonomy_id     562 
_entity_src_gen.host_org_genus                     Escherichia 
_entity_src_gen.pdbx_host_org_gene                 ? 
_entity_src_gen.pdbx_host_org_organ                ? 
_entity_src_gen.host_org_species                   ? 
_entity_src_gen.pdbx_host_org_tissue               ? 
_entity_src_gen.pdbx_host_org_tissue_fraction      ? 
_entity_src_gen.pdbx_host_org_strain               ? 
_entity_src_gen.pdbx_host_org_variant              ? 
_entity_src_gen.pdbx_host_org_cell_line            ? 
_entity_src_gen.pdbx_host_org_atcc                 ? 
_entity_src_gen.pdbx_host_org_culture_collection   ? 
_entity_src_gen.pdbx_host_org_cell                 M15pRep4 
_entity_src_gen.pdbx_host_org_organelle            ? 
_entity_src_gen.pdbx_host_org_cellular_location    ? 
_entity_src_gen.pdbx_host_org_vector_type          plasmid 
_entity_src_gen.pdbx_host_org_vector               ? 
_entity_src_gen.host_org_details                   ? 
_entity_src_gen.expression_system_id               ? 
_entity_src_gen.plasmid_name                       pQE32 
_entity_src_gen.plasmid_details                    ? 
_entity_src_gen.pdbx_description                   ? 
# 
loop_
_chem_comp.id 
_chem_comp.type 
_chem_comp.mon_nstd_flag 
_chem_comp.name 
_chem_comp.pdbx_synonyms 
_chem_comp.formula 
_chem_comp.formula_weight 
ALA 'L-peptide linking' y ALANINE                                               ?     'C3 H7 N O2'     89.093  
ARG 'L-peptide linking' y ARGININE                                              ?     'C6 H15 N4 O2 1' 175.209 
ASN 'L-peptide linking' y ASPARAGINE                                            ?     'C4 H8 N2 O3'    132.118 
ASP 'L-peptide linking' y 'ASPARTIC ACID'                                       ?     'C4 H7 N O4'     133.103 
CA  non-polymer         . 'CALCIUM ION'                                         ?     'Ca 2'           40.078  
CYS 'L-peptide linking' y CYSTEINE                                              ?     'C3 H7 N O2 S'   121.158 
EPE non-polymer         . '4-(2-HYDROXYETHYL)-1-PIPERAZINE ETHANESULFONIC ACID' HEPES 'C8 H18 N2 O4 S' 238.305 
GAI non-polymer         . GUANIDINE                                             ?     'C H5 N3'        59.070  
GLN 'L-peptide linking' y GLUTAMINE                                             ?     'C5 H10 N2 O3'   146.144 
GLU 'L-peptide linking' y 'GLUTAMIC ACID'                                       ?     'C5 H9 N O4'     147.129 
GLY 'peptide linking'   y GLYCINE                                               ?     'C2 H5 N O2'     75.067  
HIS 'L-peptide linking' y HISTIDINE                                             ?     'C6 H10 N3 O2 1' 156.162 
HOH non-polymer         . WATER                                                 ?     'H2 O'           18.015  
ILE 'L-peptide linking' y ISOLEUCINE                                            ?     'C6 H13 N O2'    131.173 
LEU 'L-peptide linking' y LEUCINE                                               ?     'C6 H13 N O2'    131.173 
LYS 'L-peptide linking' y LYSINE                                                ?     'C6 H15 N2 O2 1' 147.195 
MET 'L-peptide linking' y METHIONINE                                            ?     'C5 H11 N O2 S'  149.211 
PHE 'L-peptide linking' y PHENYLALANINE                                         ?     'C9 H11 N O2'    165.189 
PRO 'L-peptide linking' y PROLINE                                               ?     'C5 H9 N O2'     115.130 
SER 'L-peptide linking' y SERINE                                                ?     'C3 H7 N O3'     105.093 
THR 'L-peptide linking' y THREONINE                                             ?     'C4 H9 N O3'     119.119 
TYR 'L-peptide linking' y TYROSINE                                              ?     'C9 H11 N O3'    181.189 
VAL 'L-peptide linking' y VALINE                                                ?     'C5 H11 N O2'    117.146 
# 
loop_
_pdbx_poly_seq_scheme.asym_id 
_pdbx_poly_seq_scheme.entity_id 
_pdbx_poly_seq_scheme.seq_id 
_pdbx_poly_seq_scheme.mon_id 
_pdbx_poly_seq_scheme.ndb_seq_num 
_pdbx_poly_seq_scheme.pdb_seq_num 
_pdbx_poly_seq_scheme.auth_seq_num 
_pdbx_poly_seq_scheme.pdb_mon_id 
_pdbx_poly_seq_scheme.auth_mon_id 
_pdbx_poly_seq_scheme.pdb_strand_id 
_pdbx_poly_seq_scheme.pdb_ins_code 
_pdbx_poly_seq_scheme.hetero 
A 1 1   MET 1   358 ?   ?   ?   A . n 
A 1 2   ARG 2   359 ?   ?   ?   A . n 
A 1 3   GLY 3   360 ?   ?   ?   A . n 
A 1 4   SER 4   361 ?   ?   ?   A . n 
A 1 5   HIS 5   362 ?   ?   ?   A . n 
A 1 6   HIS 6   363 ?   ?   ?   A . n 
A 1 7   HIS 7   364 ?   ?   ?   A . n 
A 1 8   HIS 8   365 ?   ?   ?   A . n 
A 1 9   HIS 9   366 ?   ?   ?   A . n 
A 1 10  HIS 10  367 367 HIS HIS A . n 
A 1 11  GLY 11  368 368 GLY GLY A . n 
A 1 12  ILE 12  369 369 ILE ILE A . n 
A 1 13  PRO 13  370 370 PRO PRO A . n 
A 1 14  VAL 14  371 371 VAL VAL A . n 
A 1 15  SER 15  372 372 SER SER A . n 
A 1 16  LYS 16  373 373 LYS LYS A . n 
A 1 17  ILE 17  374 374 ILE ILE A . n 
A 1 18  PHE 18  375 375 PHE PHE A . n 
A 1 19  PHE 19  376 376 PHE PHE A . n 
A 1 20  GLU 20  377 377 GLU GLU A . n 
A 1 21  GLN 21  378 378 GLN GLN A . n 
A 1 22  GLY 22  379 379 GLY GLY A . n 
A 1 23  THR 23  380 380 THR THR A . n 
A 1 24  TYR 24  381 381 TYR TYR A . n 
A 1 25  GLN 25  382 382 GLN GLN A . n 
A 1 26  CYS 26  383 383 CYS CYS A . n 
A 1 27  LEU 27  384 384 LEU LEU A . n 
A 1 28  GLU 28  385 385 GLU GLU A . n 
A 1 29  ASN 29  386 386 ASN ASN A . n 
A 1 30  CYS 30  387 387 CYS CYS A . n 
A 1 31  GLY 31  388 388 GLY GLY A . n 
A 1 32  THR 32  389 389 THR THR A . n 
A 1 33  VAL 33  390 390 VAL VAL A . n 
A 1 34  ALA 34  391 391 ALA ALA A . n 
A 1 35  LEU 35  392 392 LEU LEU A . n 
A 1 36  THR 36  393 393 THR THR A . n 
A 1 37  ILE 37  394 394 ILE ILE A . n 
A 1 38  ILE 38  395 395 ILE ILE A . n 
A 1 39  ARG 39  396 396 ARG ARG A . n 
A 1 40  ARG 40  397 397 ARG ARG A . n 
A 1 41  GLY 41  398 398 GLY GLY A . n 
A 1 42  GLY 42  399 399 GLY GLY A . n 
A 1 43  ASP 43  400 400 ASP ASP A . n 
A 1 44  LEU 44  401 401 LEU LEU A . n 
A 1 45  THR 45  402 402 THR THR A . n 
A 1 46  ASN 46  403 403 ASN ASN A . n 
A 1 47  THR 47  404 404 THR THR A . n 
A 1 48  VAL 48  405 405 VAL VAL A . n 
A 1 49  PHE 49  406 406 PHE PHE A . n 
A 1 50  VAL 50  407 407 VAL VAL A . n 
A 1 51  ASP 51  408 408 ASP ASP A . n 
A 1 52  PHE 52  409 409 PHE PHE A . n 
A 1 53  ARG 53  410 410 ARG ARG A . n 
A 1 54  THR 54  411 411 THR THR A . n 
A 1 55  GLU 55  412 412 GLU GLU A . n 
A 1 56  ASP 56  413 413 ASP ASP A . n 
A 1 57  GLY 57  414 414 GLY GLY A . n 
A 1 58  THR 58  415 415 THR THR A . n 
A 1 59  ALA 59  416 416 ALA ALA A . n 
A 1 60  ASN 60  417 417 ASN ASN A . n 
A 1 61  ALA 61  418 418 ALA ALA A . n 
A 1 62  GLY 62  419 419 GLY GLY A . n 
A 1 63  SER 63  420 420 SER SER A . n 
A 1 64  ASP 64  421 421 ASP ASP A . n 
A 1 65  TYR 65  422 422 TYR TYR A . n 
A 1 66  GLU 66  423 423 GLU GLU A . n 
A 1 67  PHE 67  424 424 PHE PHE A . n 
A 1 68  THR 68  425 425 THR THR A . n 
A 1 69  GLU 69  426 426 GLU GLU A . n 
A 1 70  GLY 70  427 427 GLY GLY A . n 
A 1 71  THR 71  428 428 THR THR A . n 
A 1 72  VAL 72  429 429 VAL VAL A . n 
A 1 73  VAL 73  430 430 VAL VAL A . n 
A 1 74  PHE 74  431 431 PHE PHE A . n 
A 1 75  LYS 75  432 432 LYS LYS A . n 
A 1 76  PRO 76  433 433 PRO PRO A . n 
A 1 77  GLY 77  434 434 GLY GLY A . n 
A 1 78  GLU 78  435 435 GLU GLU A . n 
A 1 79  THR 79  436 436 THR THR A . n 
A 1 80  GLN 80  437 437 GLN GLN A . n 
A 1 81  LYS 81  438 438 LYS LYS A . n 
A 1 82  GLU 82  439 439 GLU GLU A . n 
A 1 83  ILE 83  440 440 ILE ILE A . n 
A 1 84  ARG 84  441 441 ARG ARG A . n 
A 1 85  VAL 85  442 442 VAL VAL A . n 
A 1 86  GLY 86  443 443 GLY GLY A . n 
A 1 87  ILE 87  444 444 ILE ILE A . n 
A 1 88  ILE 88  445 445 ILE ILE A . n 
A 1 89  ASP 89  446 446 ASP ASP A . n 
A 1 90  ASP 90  447 447 ASP ASP A . n 
A 1 91  ASP 91  448 448 ASP ASP A . n 
A 1 92  ILE 92  449 449 ILE ILE A . n 
A 1 93  PHE 93  450 450 PHE PHE A . n 
A 1 94  GLU 94  451 451 GLU GLU A . n 
A 1 95  GLU 95  452 452 GLU GLU A . n 
A 1 96  ASP 96  453 453 ASP ASP A . n 
A 1 97  GLU 97  454 454 GLU GLU A . n 
A 1 98  ASN 98  455 455 ASN ASN A . n 
A 1 99  PHE 99  456 456 PHE PHE A . n 
A 1 100 LEU 100 457 457 LEU LEU A . n 
A 1 101 VAL 101 458 458 VAL VAL A . n 
A 1 102 HIS 102 459 459 HIS HIS A . n 
A 1 103 LEU 103 460 460 LEU LEU A . n 
A 1 104 SER 104 461 461 SER SER A . n 
A 1 105 ASN 105 462 462 ASN ASN A . n 
A 1 106 VAL 106 463 463 VAL VAL A . n 
A 1 107 LYS 107 464 464 LYS LYS A . n 
A 1 108 VAL 108 465 465 VAL VAL A . n 
A 1 109 SER 109 466 466 SER SER A . n 
A 1 110 SER 110 467 467 SER SER A . n 
A 1 111 GLU 111 468 468 GLU GLU A . n 
A 1 112 ALA 112 469 ?   ?   ?   A . n 
A 1 113 SER 113 470 ?   ?   ?   A . n 
A 1 114 GLU 114 471 ?   ?   ?   A . n 
A 1 115 ASP 115 472 ?   ?   ?   A . n 
A 1 116 GLY 116 473 ?   ?   ?   A . n 
A 1 117 ILE 117 474 ?   ?   ?   A . n 
A 1 118 LEU 118 475 ?   ?   ?   A . n 
A 1 119 GLU 119 476 ?   ?   ?   A . n 
A 1 120 ALA 120 477 ?   ?   ?   A . n 
A 1 121 ASN 121 478 ?   ?   ?   A . n 
A 1 122 HIS 122 479 ?   ?   ?   A . n 
A 1 123 VAL 123 480 ?   ?   ?   A . n 
A 1 124 SER 124 481 481 SER SER A . n 
A 1 125 ALA 125 482 482 ALA ALA A . n 
A 1 126 LEU 126 483 483 LEU LEU A . n 
A 1 127 ALA 127 484 484 ALA ALA A . n 
A 1 128 CYS 128 485 485 CYS CYS A . n 
A 1 129 LEU 129 486 486 LEU LEU A . n 
A 1 130 GLY 130 487 487 GLY GLY A . n 
A 1 131 SER 131 488 488 SER SER A . n 
A 1 132 PRO 132 489 489 PRO PRO A . n 
A 1 133 SER 133 490 490 SER SER A . n 
A 1 134 THR 134 491 491 THR THR A . n 
A 1 135 ALA 135 492 492 ALA ALA A . n 
A 1 136 THR 136 493 493 THR THR A . n 
A 1 137 VAL 137 494 494 VAL VAL A . n 
A 1 138 THR 138 495 495 THR THR A . n 
A 1 139 ILE 139 496 496 ILE ILE A . n 
A 1 140 PHE 140 497 497 PHE PHE A . n 
A 1 141 ASP 141 498 498 ASP ASP A . n 
A 1 142 ASP 142 499 499 ASP ASP A . n 
A 1 143 ASP 143 500 500 ASP ASP A . n 
A 1 144 HIS 144 501 501 HIS HIS A . n 
A 1 145 ALA 145 502 502 ALA ALA A . n 
A 1 146 GLY 146 503 ?   ?   ?   A . n 
A 1 147 ILE 147 504 ?   ?   ?   A . n 
A 1 148 PHE 148 505 ?   ?   ?   A . n 
A 1 149 THR 149 506 ?   ?   ?   A . n 
A 1 150 PHE 150 507 ?   ?   ?   A . n 
A 1 151 GLU 151 508 ?   ?   ?   A . n 
A 1 152 GLU 152 509 ?   ?   ?   A . n 
# 
loop_
_pdbx_nonpoly_scheme.asym_id 
_pdbx_nonpoly_scheme.entity_id 
_pdbx_nonpoly_scheme.mon_id 
_pdbx_nonpoly_scheme.ndb_seq_num 
_pdbx_nonpoly_scheme.pdb_seq_num 
_pdbx_nonpoly_scheme.auth_seq_num 
_pdbx_nonpoly_scheme.pdb_mon_id 
_pdbx_nonpoly_scheme.auth_mon_id 
_pdbx_nonpoly_scheme.pdb_strand_id 
_pdbx_nonpoly_scheme.pdb_ins_code 
B 2 CA  1  1001 1001 CA  CA  A . 
C 2 CA  1  2001 2001 CA  CA  A . 
D 2 CA  1  3001 3001 CA  CA  A . 
E 2 CA  1  4001 4001 CA  CA  A . 
F 3 GAI 1  1008 1008 GAI GAI A . 
G 4 EPE 1  1009 1009 EPE EPE A . 
H 5 HOH 1  1    1    HOH HOH A . 
H 5 HOH 2  2    2    HOH HOH A . 
H 5 HOH 3  3    3    HOH HOH A . 
H 5 HOH 4  4    4    HOH HOH A . 
H 5 HOH 5  5    5    HOH HOH A . 
H 5 HOH 6  6    6    HOH HOH A . 
H 5 HOH 7  7    7    HOH HOH A . 
H 5 HOH 8  8    8    HOH HOH A . 
H 5 HOH 9  9    9    HOH HOH A . 
H 5 HOH 10 10   10   HOH HOH A . 
H 5 HOH 11 11   11   HOH HOH A . 
H 5 HOH 12 12   12   HOH HOH A . 
H 5 HOH 13 13   13   HOH HOH A . 
H 5 HOH 14 14   14   HOH HOH A . 
H 5 HOH 15 15   15   HOH HOH A . 
H 5 HOH 16 16   16   HOH HOH A . 
H 5 HOH 17 17   17   HOH HOH A . 
# 
loop_
_pdbx_unobs_or_zero_occ_atoms.id 
_pdbx_unobs_or_zero_occ_atoms.PDB_model_num 
_pdbx_unobs_or_zero_occ_atoms.polymer_flag 
_pdbx_unobs_or_zero_occ_atoms.occupancy_flag 
_pdbx_unobs_or_zero_occ_atoms.auth_asym_id 
_pdbx_unobs_or_zero_occ_atoms.auth_comp_id 
_pdbx_unobs_or_zero_occ_atoms.auth_seq_id 
_pdbx_unobs_or_zero_occ_atoms.PDB_ins_code 
_pdbx_unobs_or_zero_occ_atoms.auth_atom_id 
_pdbx_unobs_or_zero_occ_atoms.label_alt_id 
_pdbx_unobs_or_zero_occ_atoms.label_asym_id 
_pdbx_unobs_or_zero_occ_atoms.label_comp_id 
_pdbx_unobs_or_zero_occ_atoms.label_seq_id 
_pdbx_unobs_or_zero_occ_atoms.label_atom_id 
1 1 Y 1 A HIS 367 ? CG  ? A HIS 10 CG  
2 1 Y 1 A HIS 367 ? ND1 ? A HIS 10 ND1 
3 1 Y 1 A HIS 367 ? CD2 ? A HIS 10 CD2 
4 1 Y 1 A HIS 367 ? CE1 ? A HIS 10 CE1 
5 1 Y 1 A HIS 367 ? NE2 ? A HIS 10 NE2 
# 
_software.name             REFMAC 
_software.classification   refinement 
_software.version          5.2.0005 
_software.citation_id      ? 
_software.pdbx_ordinal     1 
# 
_cell.entry_id           2DPK 
_cell.length_a           59.624 
_cell.length_b           45.524 
_cell.length_c           57.269 
_cell.angle_alpha        90.00 
_cell.angle_beta         90.00 
_cell.angle_gamma        90.00 
_cell.Z_PDB              4 
_cell.pdbx_unique_axis   ? 
_cell.length_a_esd       ? 
_cell.length_b_esd       ? 
_cell.length_c_esd       ? 
_cell.angle_alpha_esd    ? 
_cell.angle_beta_esd     ? 
_cell.angle_gamma_esd    ? 
# 
_symmetry.entry_id                         2DPK 
_symmetry.space_group_name_H-M             'P 21 21 2' 
_symmetry.pdbx_full_space_group_name_H-M   ? 
_symmetry.cell_setting                     ? 
_symmetry.Int_Tables_number                18 
_symmetry.space_group_name_Hall            ? 
# 
_exptl.entry_id          2DPK 
_exptl.method            'X-RAY DIFFRACTION' 
_exptl.crystals_number   ? 
# 
_exptl_crystal.id                    1 
_exptl_crystal.density_meas          ? 
_exptl_crystal.density_Matthews      2.33 
_exptl_crystal.density_percent_sol   47.16 
_exptl_crystal.description           ? 
_exptl_crystal.F_000                 ? 
_exptl_crystal.preparation           ? 
# 
_diffrn.id                     1 
_diffrn.ambient_temp           ? 
_diffrn.ambient_temp_details   ? 
_diffrn.crystal_id             1 
# 
_diffrn_radiation.diffrn_id                        1 
_diffrn_radiation.wavelength_id                    1 
_diffrn_radiation.pdbx_monochromatic_or_laue_m_l   M 
_diffrn_radiation.monochromator                    ? 
_diffrn_radiation.pdbx_diffrn_protocol             'SINGLE WAVELENGTH' 
_diffrn_radiation.pdbx_scattering_type             x-ray 
# 
_diffrn_radiation_wavelength.id           1 
_diffrn_radiation_wavelength.wavelength   1.0 
_diffrn_radiation_wavelength.wt           1.0 
# 
_diffrn_source.diffrn_id                   1 
_diffrn_source.source                      SYNCHROTRON 
_diffrn_source.type                        'ALS BEAMLINE 8.2.2' 
_diffrn_source.pdbx_synchrotron_site       ALS 
_diffrn_source.pdbx_synchrotron_beamline   8.2.2 
_diffrn_source.pdbx_wavelength             ? 
_diffrn_source.pdbx_wavelength_list        1.0 
# 
_reflns.entry_id                     2DPK 
_reflns.observed_criterion_sigma_I   2.0 
_reflns.observed_criterion_sigma_F   2.0 
_reflns.d_resolution_low             90 
_reflns.d_resolution_high            2.5 
_reflns.number_obs                   5386 
_reflns.number_all                   5791 
_reflns.percent_possible_obs         93 
_reflns.pdbx_Rmerge_I_obs            ? 
_reflns.pdbx_Rsym_value              ? 
_reflns.pdbx_netI_over_sigmaI        ? 
_reflns.B_iso_Wilson_estimate        ? 
_reflns.pdbx_redundancy              ? 
_reflns.R_free_details               ? 
_reflns.limit_h_max                  ? 
_reflns.limit_h_min                  ? 
_reflns.limit_k_max                  ? 
_reflns.limit_k_min                  ? 
_reflns.limit_l_max                  ? 
_reflns.limit_l_min                  ? 
_reflns.observed_criterion_F_max     ? 
_reflns.observed_criterion_F_min     ? 
_reflns.pdbx_chi_squared             ? 
_reflns.pdbx_scaling_rejects         ? 
_reflns.pdbx_diffrn_id               1 
_reflns.pdbx_ordinal                 1 
# 
_refine.entry_id                                 2DPK 
_refine.ls_number_reflns_obs                     5386 
_refine.ls_number_reflns_all                     ? 
_refine.pdbx_ls_sigma_I                          ? 
_refine.pdbx_ls_sigma_F                          0.0 
_refine.pdbx_data_cutoff_high_absF               ? 
_refine.pdbx_data_cutoff_low_absF                ? 
_refine.pdbx_data_cutoff_high_rms_absF           ? 
_refine.ls_d_res_low                             57.26 
_refine.ls_d_res_high                            2.50 
_refine.ls_percent_reflns_obs                    98.33 
_refine.ls_R_factor_obs                          0.22514 
_refine.ls_R_factor_all                          0.22514 
_refine.ls_R_factor_R_work                       0.22233 
_refine.ls_R_factor_R_free                       0.28364 
_refine.ls_R_factor_R_free_error                 ? 
_refine.ls_R_factor_R_free_error_details         ? 
_refine.ls_percent_reflns_R_free                 4.6 
_refine.ls_number_reflns_R_free                  257 
_refine.ls_number_parameters                     ? 
_refine.ls_number_restraints                     ? 
_refine.occupancy_min                            ? 
_refine.occupancy_max                            ? 
_refine.correlation_coeff_Fo_to_Fc               0.942 
_refine.correlation_coeff_Fo_to_Fc_free          0.918 
_refine.B_iso_mean                               42.205 
_refine.aniso_B[1][1]                            -3.39 
_refine.aniso_B[2][2]                            -3.22 
_refine.aniso_B[3][3]                            6.62 
_refine.aniso_B[1][2]                            0.00 
_refine.aniso_B[1][3]                            0.00 
_refine.aniso_B[2][3]                            0.00 
_refine.solvent_model_details                    MASK 
_refine.solvent_model_param_ksol                 ? 
_refine.solvent_model_param_bsol                 ? 
_refine.pdbx_solvent_vdw_probe_radii             1.20 
_refine.pdbx_solvent_ion_probe_radii             0.80 
_refine.pdbx_solvent_shrinkage_radii             0.80 
_refine.pdbx_ls_cross_valid_method               THROUGHOUT 
_refine.details                                  'HYDROGENS HAVE BEEN ADDED IN THE RIDING POSITIONS' 
_refine.pdbx_starting_model                      ? 
_refine.pdbx_method_to_determine_struct          'MOLECULAR REPLACEMENT' 
_refine.pdbx_isotropic_thermal_model             ? 
_refine.pdbx_stereochemistry_target_values       'MAXIMUM LIKELIHOOD' 
_refine.pdbx_stereochem_target_val_spec_case     ? 
_refine.pdbx_R_Free_selection_details            RANDOM 
_refine.pdbx_overall_ESU_R                       0.468 
_refine.pdbx_overall_ESU_R_Free                  0.310 
_refine.overall_SU_ML                            0.230 
_refine.overall_SU_B                             18.957 
_refine.ls_redundancy_reflns_obs                 ? 
_refine.B_iso_min                                ? 
_refine.B_iso_max                                ? 
_refine.overall_SU_R_Cruickshank_DPI             ? 
_refine.overall_SU_R_free                        ? 
_refine.ls_wR_factor_R_free                      ? 
_refine.ls_wR_factor_R_work                      ? 
_refine.overall_FOM_free_R_set                   ? 
_refine.overall_FOM_work_R_set                   ? 
_refine.pdbx_refine_id                           'X-RAY DIFFRACTION' 
_refine.pdbx_diffrn_id                           1 
_refine.pdbx_TLS_residual_ADP_flag               ? 
_refine.pdbx_overall_phase_error                 ? 
_refine.pdbx_overall_SU_R_free_Cruickshank_DPI   ? 
_refine.pdbx_overall_SU_R_Blow_DPI               ? 
_refine.pdbx_overall_SU_R_free_Blow_DPI          ? 
# 
_refine_hist.pdbx_refine_id                   'X-RAY DIFFRACTION' 
_refine_hist.cycle_id                         LAST 
_refine_hist.pdbx_number_atoms_protein        944 
_refine_hist.pdbx_number_atoms_nucleic_acid   0 
_refine_hist.pdbx_number_atoms_ligand         23 
_refine_hist.number_atoms_solvent             17 
_refine_hist.number_atoms_total               984 
_refine_hist.d_res_high                       2.50 
_refine_hist.d_res_low                        57.26 
# 
loop_
_refine_ls_restr.type 
_refine_ls_restr.dev_ideal 
_refine_ls_restr.dev_ideal_target 
_refine_ls_restr.weight 
_refine_ls_restr.number 
_refine_ls_restr.pdbx_refine_id 
_refine_ls_restr.pdbx_restraint_function 
r_bond_refined_d             0.007  0.022  ? 977  'X-RAY DIFFRACTION' ? 
r_bond_other_d               0.001  0.020  ? 864  'X-RAY DIFFRACTION' ? 
r_angle_refined_deg          1.326  1.963  ? 1324 'X-RAY DIFFRACTION' ? 
r_angle_other_deg            0.803  3.000  ? 2010 'X-RAY DIFFRACTION' ? 
r_dihedral_angle_1_deg       6.095  5.000  ? 122  'X-RAY DIFFRACTION' ? 
r_dihedral_angle_2_deg       28.302 25.532 ? 47   'X-RAY DIFFRACTION' ? 
r_dihedral_angle_3_deg       12.107 15.000 ? 152  'X-RAY DIFFRACTION' ? 
r_dihedral_angle_4_deg       16.358 15.000 ? 4    'X-RAY DIFFRACTION' ? 
r_chiral_restr               0.082  0.200  ? 153  'X-RAY DIFFRACTION' ? 
r_gen_planes_refined         0.003  0.020  ? 1096 'X-RAY DIFFRACTION' ? 
r_gen_planes_other           0.001  0.020  ? 201  'X-RAY DIFFRACTION' ? 
r_nbd_refined                0.211  0.200  ? 171  'X-RAY DIFFRACTION' ? 
r_nbd_other                  0.182  0.200  ? 821  'X-RAY DIFFRACTION' ? 
r_nbtor_refined              0.171  0.200  ? 478  'X-RAY DIFFRACTION' ? 
r_nbtor_other                0.079  0.200  ? 551  'X-RAY DIFFRACTION' ? 
r_xyhbond_nbd_refined        0.176  0.200  ? 35   'X-RAY DIFFRACTION' ? 
r_xyhbond_nbd_other          0.057  0.200  ? 1    'X-RAY DIFFRACTION' ? 
r_metal_ion_refined          0.121  0.200  ? 8    'X-RAY DIFFRACTION' ? 
r_metal_ion_other            ?      ?      ? ?    'X-RAY DIFFRACTION' ? 
r_symmetry_vdw_refined       0.114  0.200  ? 6    'X-RAY DIFFRACTION' ? 
r_symmetry_vdw_other         0.229  0.200  ? 24   'X-RAY DIFFRACTION' ? 
r_symmetry_hbond_refined     0.152  0.200  ? 5    'X-RAY DIFFRACTION' ? 
r_symmetry_hbond_other       ?      ?      ? ?    'X-RAY DIFFRACTION' ? 
r_symmetry_metal_ion_refined ?      ?      ? ?    'X-RAY DIFFRACTION' ? 
r_symmetry_metal_ion_other   ?      ?      ? ?    'X-RAY DIFFRACTION' ? 
r_mcbond_it                  3.222  2.000  ? 635  'X-RAY DIFFRACTION' ? 
r_mcbond_other               0.959  2.000  ? 258  'X-RAY DIFFRACTION' ? 
r_mcangle_it                 4.574  3.000  ? 987  'X-RAY DIFFRACTION' ? 
r_scbond_it                  3.205  2.000  ? 379  'X-RAY DIFFRACTION' ? 
r_scangle_it                 4.672  3.000  ? 337  'X-RAY DIFFRACTION' ? 
r_rigid_bond_restr           ?      ?      ? ?    'X-RAY DIFFRACTION' ? 
r_sphericity_free            ?      ?      ? ?    'X-RAY DIFFRACTION' ? 
r_sphericity_bonded          ?      ?      ? ?    'X-RAY DIFFRACTION' ? 
# 
_refine_ls_shell.pdbx_total_number_of_bins_used   20 
_refine_ls_shell.d_res_high                       2.501 
_refine_ls_shell.d_res_low                        2.565 
_refine_ls_shell.number_reflns_R_work             329 
_refine_ls_shell.R_factor_R_work                  0.334 
_refine_ls_shell.percent_reflns_obs               86.28 
_refine_ls_shell.R_factor_R_free                  0.27 
_refine_ls_shell.R_factor_R_free_error            ? 
_refine_ls_shell.percent_reflns_R_free            ? 
_refine_ls_shell.number_reflns_R_free             17 
_refine_ls_shell.number_reflns_all                ? 
_refine_ls_shell.R_factor_all                     ? 
_refine_ls_shell.number_reflns_obs                ? 
_refine_ls_shell.redundancy_reflns_obs            ? 
_refine_ls_shell.pdbx_refine_id                   'X-RAY DIFFRACTION' 
# 
_struct.entry_id                  2DPK 
_struct.title                     'The Crystal Structure of the Primary Ca2+ Sensor of the Na+/Ca2+ Exchanger' 
_struct.pdbx_model_details        ? 
_struct.pdbx_CASP_flag            ? 
_struct.pdbx_model_type_details   ? 
# 
_struct_keywords.entry_id        2DPK 
_struct_keywords.pdbx_keywords   'METAL TRANSPORT' 
_struct_keywords.text            'Calcium sensory domain, beta-sandwich, cis-proline, beta-bulge, METAL TRANSPORT' 
# 
loop_
_struct_asym.id 
_struct_asym.pdbx_blank_PDB_chainid_flag 
_struct_asym.pdbx_modified 
_struct_asym.entity_id 
_struct_asym.details 
A N N 1 ? 
B N N 2 ? 
C N N 2 ? 
D N N 2 ? 
E N N 2 ? 
F N N 3 ? 
G N N 4 ? 
H N N 5 ? 
# 
_struct_ref.id                         1 
_struct_ref.db_name                    UNP 
_struct_ref.db_code                    NAC1_CANFA 
_struct_ref.pdbx_db_accession          P23685 
_struct_ref.entity_id                  1 
_struct_ref.pdbx_seq_one_letter_code   
;PVSKIFFEQGTYQCLENCGTVALTIIRRGGDLTNTVFVDFRTEDGTANAGSDYEFTEGTVVFKPGETQKEIRVGIIDDDI
FEEDENFLVHLSNVKVSSEASEDGILEANHVSALACLGSPSTATVTIFDDDHAGIFTFEE
;
_struct_ref.pdbx_align_begin           402 
_struct_ref.pdbx_db_isoform            ? 
# 
_struct_ref_seq.align_id                      1 
_struct_ref_seq.ref_id                        1 
_struct_ref_seq.pdbx_PDB_id_code              2DPK 
_struct_ref_seq.pdbx_strand_id                A 
_struct_ref_seq.seq_align_beg                 13 
_struct_ref_seq.pdbx_seq_align_beg_ins_code   ? 
_struct_ref_seq.seq_align_end                 152 
_struct_ref_seq.pdbx_seq_align_end_ins_code   ? 
_struct_ref_seq.pdbx_db_accession             P23685 
_struct_ref_seq.db_align_beg                  402 
_struct_ref_seq.pdbx_db_align_beg_ins_code    ? 
_struct_ref_seq.db_align_end                  541 
_struct_ref_seq.pdbx_db_align_end_ins_code    ? 
_struct_ref_seq.pdbx_auth_seq_align_beg       370 
_struct_ref_seq.pdbx_auth_seq_align_end       509 
# 
loop_
_struct_ref_seq_dif.align_id 
_struct_ref_seq_dif.pdbx_pdb_id_code 
_struct_ref_seq_dif.mon_id 
_struct_ref_seq_dif.pdbx_pdb_strand_id 
_struct_ref_seq_dif.seq_num 
_struct_ref_seq_dif.pdbx_pdb_ins_code 
_struct_ref_seq_dif.pdbx_seq_db_name 
_struct_ref_seq_dif.pdbx_seq_db_accession_code 
_struct_ref_seq_dif.db_mon_id 
_struct_ref_seq_dif.pdbx_seq_db_seq_num 
_struct_ref_seq_dif.details 
_struct_ref_seq_dif.pdbx_auth_seq_num 
_struct_ref_seq_dif.pdbx_ordinal 
1 2DPK MET A 1  ? UNP P23685 ? ? 'expression tag' 358 1  
1 2DPK ARG A 2  ? UNP P23685 ? ? 'expression tag' 359 2  
1 2DPK GLY A 3  ? UNP P23685 ? ? 'expression tag' 360 3  
1 2DPK SER A 4  ? UNP P23685 ? ? 'expression tag' 361 4  
1 2DPK HIS A 5  ? UNP P23685 ? ? 'expression tag' 362 5  
1 2DPK HIS A 6  ? UNP P23685 ? ? 'expression tag' 363 6  
1 2DPK HIS A 7  ? UNP P23685 ? ? 'expression tag' 364 7  
1 2DPK HIS A 8  ? UNP P23685 ? ? 'expression tag' 365 8  
1 2DPK HIS A 9  ? UNP P23685 ? ? 'expression tag' 366 9  
1 2DPK HIS A 10 ? UNP P23685 ? ? 'expression tag' 367 10 
1 2DPK GLY A 11 ? UNP P23685 ? ? 'expression tag' 368 11 
1 2DPK ILE A 12 ? UNP P23685 ? ? 'expression tag' 369 12 
# 
_pdbx_struct_assembly.id                   1 
_pdbx_struct_assembly.details              author_defined_assembly 
_pdbx_struct_assembly.method_details       ? 
_pdbx_struct_assembly.oligomeric_details   monomeric 
_pdbx_struct_assembly.oligomeric_count     1 
# 
_pdbx_struct_assembly_gen.assembly_id       1 
_pdbx_struct_assembly_gen.oper_expression   1 
_pdbx_struct_assembly_gen.asym_id_list      A,B,C,D,E,F,G,H 
# 
_pdbx_struct_oper_list.id                   1 
_pdbx_struct_oper_list.type                 'identity operation' 
_pdbx_struct_oper_list.name                 1_555 
_pdbx_struct_oper_list.symmetry_operation   x,y,z 
_pdbx_struct_oper_list.matrix[1][1]         1.0000000000 
_pdbx_struct_oper_list.matrix[1][2]         0.0000000000 
_pdbx_struct_oper_list.matrix[1][3]         0.0000000000 
_pdbx_struct_oper_list.vector[1]            0.0000000000 
_pdbx_struct_oper_list.matrix[2][1]         0.0000000000 
_pdbx_struct_oper_list.matrix[2][2]         1.0000000000 
_pdbx_struct_oper_list.matrix[2][3]         0.0000000000 
_pdbx_struct_oper_list.vector[2]            0.0000000000 
_pdbx_struct_oper_list.matrix[3][1]         0.0000000000 
_pdbx_struct_oper_list.matrix[3][2]         0.0000000000 
_pdbx_struct_oper_list.matrix[3][3]         1.0000000000 
_pdbx_struct_oper_list.vector[3]            0.0000000000 
# 
_struct_biol.id                    1 
_struct_biol.details               ? 
_struct_biol.pdbx_parent_biol_id   ? 
# 
loop_
_struct_conn.id 
_struct_conn.conn_type_id 
_struct_conn.pdbx_leaving_atom_flag 
_struct_conn.pdbx_PDB_id 
_struct_conn.ptnr1_label_asym_id 
_struct_conn.ptnr1_label_comp_id 
_struct_conn.ptnr1_label_seq_id 
_struct_conn.ptnr1_label_atom_id 
_struct_conn.pdbx_ptnr1_label_alt_id 
_struct_conn.pdbx_ptnr1_PDB_ins_code 
_struct_conn.pdbx_ptnr1_standard_comp_id 
_struct_conn.ptnr1_symmetry 
_struct_conn.ptnr2_label_asym_id 
_struct_conn.ptnr2_label_comp_id 
_struct_conn.ptnr2_label_seq_id 
_struct_conn.ptnr2_label_atom_id 
_struct_conn.pdbx_ptnr2_label_alt_id 
_struct_conn.pdbx_ptnr2_PDB_ins_code 
_struct_conn.ptnr1_auth_asym_id 
_struct_conn.ptnr1_auth_comp_id 
_struct_conn.ptnr1_auth_seq_id 
_struct_conn.ptnr2_auth_asym_id 
_struct_conn.ptnr2_auth_comp_id 
_struct_conn.ptnr2_auth_seq_id 
_struct_conn.ptnr2_symmetry 
_struct_conn.pdbx_ptnr3_label_atom_id 
_struct_conn.pdbx_ptnr3_label_seq_id 
_struct_conn.pdbx_ptnr3_label_comp_id 
_struct_conn.pdbx_ptnr3_label_asym_id 
_struct_conn.pdbx_ptnr3_label_alt_id 
_struct_conn.pdbx_ptnr3_PDB_ins_code 
_struct_conn.details 
_struct_conn.pdbx_dist_value 
_struct_conn.pdbx_value_order 
_struct_conn.pdbx_role 
disulf1  disulf ? ? A CYS 26  SG  ? ? ? 1_555 A CYS 30 SG ? ? A CYS 383 A CYS 387  1_555 ? ? ? ? ? ? ? 2.044 ? ? 
metalc1  metalc ? ? H HOH .   O   ? ? ? 1_555 C CA  .  CA ? ? A HOH 1   A CA  2001 1_555 ? ? ? ? ? ? ? 2.260 ? ? 
metalc2  metalc ? ? H HOH .   O   ? ? ? 1_555 C CA  .  CA ? ? A HOH 15  A CA  2001 1_555 ? ? ? ? ? ? ? 2.454 ? ? 
metalc3  metalc ? ? H HOH .   O   ? ? ? 1_555 C CA  .  CA ? ? A HOH 16  A CA  2001 1_555 ? ? ? ? ? ? ? 2.257 ? ? 
metalc4  metalc ? ? A GLU 28  OE1 ? ? ? 1_555 D CA  .  CA ? ? A GLU 385 A CA  3001 1_555 ? ? ? ? ? ? ? 2.658 ? ? 
metalc5  metalc ? ? A GLU 28  OE2 ? ? ? 1_555 D CA  .  CA ? ? A GLU 385 A CA  3001 1_555 ? ? ? ? ? ? ? 2.736 ? ? 
metalc6  metalc ? ? A ASP 64  OD1 ? ? ? 1_555 B CA  .  CA ? ? A ASP 421 A CA  1001 1_555 ? ? ? ? ? ? ? 2.801 ? ? 
metalc7  metalc ? ? A ASP 64  OD2 ? ? ? 1_555 B CA  .  CA ? ? A ASP 421 A CA  1001 1_555 ? ? ? ? ? ? ? 2.707 ? ? 
metalc8  metalc ? ? A ASP 64  OD2 ? ? ? 1_555 C CA  .  CA ? ? A ASP 421 A CA  2001 1_555 ? ? ? ? ? ? ? 2.473 ? ? 
metalc9  metalc ? ? A ASP 89  OD2 ? ? ? 1_555 E CA  .  CA ? ? A ASP 446 A CA  4001 1_555 ? ? ? ? ? ? ? 2.300 ? ? 
metalc10 metalc ? ? A ASP 90  OD2 ? ? ? 1_555 D CA  .  CA ? ? A ASP 447 A CA  3001 1_555 ? ? ? ? ? ? ? 2.388 ? ? 
metalc11 metalc ? ? A ASP 90  O   ? ? ? 1_555 E CA  .  CA ? ? A ASP 447 A CA  4001 1_555 ? ? ? ? ? ? ? 2.293 ? ? 
metalc12 metalc ? ? A ILE 92  O   ? ? ? 1_555 D CA  .  CA ? ? A ILE 449 A CA  3001 1_555 ? ? ? ? ? ? ? 2.359 ? ? 
metalc13 metalc ? ? A GLU 94  OE2 ? ? ? 1_555 B CA  .  CA ? ? A GLU 451 A CA  1001 1_555 ? ? ? ? ? ? ? 2.478 ? ? 
metalc14 metalc ? ? A GLU 94  OE1 ? ? ? 1_555 C CA  .  CA ? ? A GLU 451 A CA  2001 1_555 ? ? ? ? ? ? ? 2.725 ? ? 
metalc15 metalc ? ? A GLU 94  OE2 ? ? ? 1_555 C CA  .  CA ? ? A GLU 451 A CA  2001 1_555 ? ? ? ? ? ? ? 2.863 ? ? 
metalc16 metalc ? ? A GLU 94  OE1 ? ? ? 1_555 D CA  .  CA ? ? A GLU 451 A CA  3001 1_555 ? ? ? ? ? ? ? 2.595 ? ? 
metalc17 metalc ? ? A GLU 97  OE1 ? ? ? 1_555 B CA  .  CA ? ? A GLU 454 A CA  1001 1_555 ? ? ? ? ? ? ? 2.854 ? ? 
metalc18 metalc ? ? A GLU 97  OE2 ? ? ? 1_555 B CA  .  CA ? ? A GLU 454 A CA  1001 1_555 ? ? ? ? ? ? ? 2.600 ? ? 
metalc19 metalc ? ? A ASP 141 OD1 ? ? ? 1_555 D CA  .  CA ? ? A ASP 498 A CA  3001 1_555 ? ? ? ? ? ? ? 2.437 ? ? 
metalc20 metalc ? ? A ASP 142 OD1 ? ? ? 1_555 E CA  .  CA ? ? A ASP 499 A CA  4001 1_555 ? ? ? ? ? ? ? 2.259 ? ? 
metalc21 metalc ? ? A ASP 143 OD2 ? ? ? 1_555 D CA  .  CA ? ? A ASP 500 A CA  3001 1_555 ? ? ? ? ? ? ? 2.367 ? ? 
metalc22 metalc ? ? A ASP 143 OD1 ? ? ? 1_555 E CA  .  CA ? ? A ASP 500 A CA  4001 1_555 ? ? ? ? ? ? ? 2.543 ? ? 
metalc23 metalc ? ? A ASP 143 OD2 ? ? ? 1_555 E CA  .  CA ? ? A ASP 500 A CA  4001 1_555 ? ? ? ? ? ? ? 2.798 ? ? 
# 
loop_
_struct_conn_type.id 
_struct_conn_type.criteria 
_struct_conn_type.reference 
disulf ? ? 
metalc ? ? 
# 
loop_
_pdbx_struct_conn_angle.id 
_pdbx_struct_conn_angle.ptnr1_label_atom_id 
_pdbx_struct_conn_angle.ptnr1_label_alt_id 
_pdbx_struct_conn_angle.ptnr1_label_asym_id 
_pdbx_struct_conn_angle.ptnr1_label_comp_id 
_pdbx_struct_conn_angle.ptnr1_label_seq_id 
_pdbx_struct_conn_angle.ptnr1_auth_atom_id 
_pdbx_struct_conn_angle.ptnr1_auth_asym_id 
_pdbx_struct_conn_angle.ptnr1_auth_comp_id 
_pdbx_struct_conn_angle.ptnr1_auth_seq_id 
_pdbx_struct_conn_angle.ptnr1_PDB_ins_code 
_pdbx_struct_conn_angle.ptnr1_symmetry 
_pdbx_struct_conn_angle.ptnr2_label_atom_id 
_pdbx_struct_conn_angle.ptnr2_label_alt_id 
_pdbx_struct_conn_angle.ptnr2_label_asym_id 
_pdbx_struct_conn_angle.ptnr2_label_comp_id 
_pdbx_struct_conn_angle.ptnr2_label_seq_id 
_pdbx_struct_conn_angle.ptnr2_auth_atom_id 
_pdbx_struct_conn_angle.ptnr2_auth_asym_id 
_pdbx_struct_conn_angle.ptnr2_auth_comp_id 
_pdbx_struct_conn_angle.ptnr2_auth_seq_id 
_pdbx_struct_conn_angle.ptnr2_PDB_ins_code 
_pdbx_struct_conn_angle.ptnr2_symmetry 
_pdbx_struct_conn_angle.ptnr3_label_atom_id 
_pdbx_struct_conn_angle.ptnr3_label_alt_id 
_pdbx_struct_conn_angle.ptnr3_label_asym_id 
_pdbx_struct_conn_angle.ptnr3_label_comp_id 
_pdbx_struct_conn_angle.ptnr3_label_seq_id 
_pdbx_struct_conn_angle.ptnr3_auth_atom_id 
_pdbx_struct_conn_angle.ptnr3_auth_asym_id 
_pdbx_struct_conn_angle.ptnr3_auth_comp_id 
_pdbx_struct_conn_angle.ptnr3_auth_seq_id 
_pdbx_struct_conn_angle.ptnr3_PDB_ins_code 
_pdbx_struct_conn_angle.ptnr3_symmetry 
_pdbx_struct_conn_angle.value 
_pdbx_struct_conn_angle.value_esd 
1  O   ? H HOH .   ? A HOH 1   ? 1_555 CA ? C CA . ? A CA 2001 ? 1_555 O   ? H HOH .   ? A HOH 15  ? 1_555 157.2 ? 
2  O   ? H HOH .   ? A HOH 1   ? 1_555 CA ? C CA . ? A CA 2001 ? 1_555 O   ? H HOH .   ? A HOH 16  ? 1_555 105.5 ? 
3  O   ? H HOH .   ? A HOH 15  ? 1_555 CA ? C CA . ? A CA 2001 ? 1_555 O   ? H HOH .   ? A HOH 16  ? 1_555 86.0  ? 
4  O   ? H HOH .   ? A HOH 1   ? 1_555 CA ? C CA . ? A CA 2001 ? 1_555 OD2 ? A ASP 64  ? A ASP 421 ? 1_555 120.7 ? 
5  O   ? H HOH .   ? A HOH 15  ? 1_555 CA ? C CA . ? A CA 2001 ? 1_555 OD2 ? A ASP 64  ? A ASP 421 ? 1_555 76.2  ? 
6  O   ? H HOH .   ? A HOH 16  ? 1_555 CA ? C CA . ? A CA 2001 ? 1_555 OD2 ? A ASP 64  ? A ASP 421 ? 1_555 96.4  ? 
7  O   ? H HOH .   ? A HOH 1   ? 1_555 CA ? C CA . ? A CA 2001 ? 1_555 OE1 ? A GLU 94  ? A GLU 451 ? 1_555 84.8  ? 
8  O   ? H HOH .   ? A HOH 15  ? 1_555 CA ? C CA . ? A CA 2001 ? 1_555 OE1 ? A GLU 94  ? A GLU 451 ? 1_555 75.7  ? 
9  O   ? H HOH .   ? A HOH 16  ? 1_555 CA ? C CA . ? A CA 2001 ? 1_555 OE1 ? A GLU 94  ? A GLU 451 ? 1_555 148.1 ? 
10 OD2 ? A ASP 64  ? A ASP 421 ? 1_555 CA ? C CA . ? A CA 2001 ? 1_555 OE1 ? A GLU 94  ? A GLU 451 ? 1_555 104.1 ? 
11 O   ? H HOH .   ? A HOH 1   ? 1_555 CA ? C CA . ? A CA 2001 ? 1_555 OE2 ? A GLU 94  ? A GLU 451 ? 1_555 77.2  ? 
12 O   ? H HOH .   ? A HOH 15  ? 1_555 CA ? C CA . ? A CA 2001 ? 1_555 OE2 ? A GLU 94  ? A GLU 451 ? 1_555 96.9  ? 
13 O   ? H HOH .   ? A HOH 16  ? 1_555 CA ? C CA . ? A CA 2001 ? 1_555 OE2 ? A GLU 94  ? A GLU 451 ? 1_555 164.8 ? 
14 OD2 ? A ASP 64  ? A ASP 421 ? 1_555 CA ? C CA . ? A CA 2001 ? 1_555 OE2 ? A GLU 94  ? A GLU 451 ? 1_555 70.1  ? 
15 OE1 ? A GLU 94  ? A GLU 451 ? 1_555 CA ? C CA . ? A CA 2001 ? 1_555 OE2 ? A GLU 94  ? A GLU 451 ? 1_555 46.1  ? 
16 OE1 ? A GLU 28  ? A GLU 385 ? 1_555 CA ? D CA . ? A CA 3001 ? 1_555 OE2 ? A GLU 28  ? A GLU 385 ? 1_555 47.7  ? 
17 OE1 ? A GLU 28  ? A GLU 385 ? 1_555 CA ? D CA . ? A CA 3001 ? 1_555 OD2 ? A ASP 90  ? A ASP 447 ? 1_555 111.2 ? 
18 OE2 ? A GLU 28  ? A GLU 385 ? 1_555 CA ? D CA . ? A CA 3001 ? 1_555 OD2 ? A ASP 90  ? A ASP 447 ? 1_555 63.5  ? 
19 OE1 ? A GLU 28  ? A GLU 385 ? 1_555 CA ? D CA . ? A CA 3001 ? 1_555 O   ? A ILE 92  ? A ILE 449 ? 1_555 151.3 ? 
20 OE2 ? A GLU 28  ? A GLU 385 ? 1_555 CA ? D CA . ? A CA 3001 ? 1_555 O   ? A ILE 92  ? A ILE 449 ? 1_555 159.2 ? 
21 OD2 ? A ASP 90  ? A ASP 447 ? 1_555 CA ? D CA . ? A CA 3001 ? 1_555 O   ? A ILE 92  ? A ILE 449 ? 1_555 97.0  ? 
22 OE1 ? A GLU 28  ? A GLU 385 ? 1_555 CA ? D CA . ? A CA 3001 ? 1_555 OE1 ? A GLU 94  ? A GLU 451 ? 1_555 89.2  ? 
23 OE2 ? A GLU 28  ? A GLU 385 ? 1_555 CA ? D CA . ? A CA 3001 ? 1_555 OE1 ? A GLU 94  ? A GLU 451 ? 1_555 84.7  ? 
24 OD2 ? A ASP 90  ? A ASP 447 ? 1_555 CA ? D CA . ? A CA 3001 ? 1_555 OE1 ? A GLU 94  ? A GLU 451 ? 1_555 82.6  ? 
25 O   ? A ILE 92  ? A ILE 449 ? 1_555 CA ? D CA . ? A CA 3001 ? 1_555 OE1 ? A GLU 94  ? A GLU 451 ? 1_555 100.4 ? 
26 OE1 ? A GLU 28  ? A GLU 385 ? 1_555 CA ? D CA . ? A CA 3001 ? 1_555 OD1 ? A ASP 141 ? A ASP 498 ? 1_555 60.0  ? 
27 OE2 ? A GLU 28  ? A GLU 385 ? 1_555 CA ? D CA . ? A CA 3001 ? 1_555 OD1 ? A ASP 141 ? A ASP 498 ? 1_555 107.6 ? 
28 OD2 ? A ASP 90  ? A ASP 447 ? 1_555 CA ? D CA . ? A CA 3001 ? 1_555 OD1 ? A ASP 141 ? A ASP 498 ? 1_555 171.1 ? 
29 O   ? A ILE 92  ? A ILE 449 ? 1_555 CA ? D CA . ? A CA 3001 ? 1_555 OD1 ? A ASP 141 ? A ASP 498 ? 1_555 91.7  ? 
30 OE1 ? A GLU 94  ? A GLU 451 ? 1_555 CA ? D CA . ? A CA 3001 ? 1_555 OD1 ? A ASP 141 ? A ASP 498 ? 1_555 97.9  ? 
31 OE1 ? A GLU 28  ? A GLU 385 ? 1_555 CA ? D CA . ? A CA 3001 ? 1_555 OD2 ? A ASP 143 ? A ASP 500 ? 1_555 102.0 ? 
32 OE2 ? A GLU 28  ? A GLU 385 ? 1_555 CA ? D CA . ? A CA 3001 ? 1_555 OD2 ? A ASP 143 ? A ASP 500 ? 1_555 103.2 ? 
33 OD2 ? A ASP 90  ? A ASP 447 ? 1_555 CA ? D CA . ? A CA 3001 ? 1_555 OD2 ? A ASP 143 ? A ASP 500 ? 1_555 93.8  ? 
34 O   ? A ILE 92  ? A ILE 449 ? 1_555 CA ? D CA . ? A CA 3001 ? 1_555 OD2 ? A ASP 143 ? A ASP 500 ? 1_555 69.4  ? 
35 OE1 ? A GLU 94  ? A GLU 451 ? 1_555 CA ? D CA . ? A CA 3001 ? 1_555 OD2 ? A ASP 143 ? A ASP 500 ? 1_555 168.8 ? 
36 OD1 ? A ASP 141 ? A ASP 498 ? 1_555 CA ? D CA . ? A CA 3001 ? 1_555 OD2 ? A ASP 143 ? A ASP 500 ? 1_555 87.3  ? 
37 OD1 ? A ASP 64  ? A ASP 421 ? 1_555 CA ? B CA . ? A CA 1001 ? 1_555 OD2 ? A ASP 64  ? A ASP 421 ? 1_555 46.9  ? 
38 OD1 ? A ASP 64  ? A ASP 421 ? 1_555 CA ? B CA . ? A CA 1001 ? 1_555 OE2 ? A GLU 94  ? A GLU 451 ? 1_555 117.7 ? 
39 OD2 ? A ASP 64  ? A ASP 421 ? 1_555 CA ? B CA . ? A CA 1001 ? 1_555 OE2 ? A GLU 94  ? A GLU 451 ? 1_555 72.7  ? 
40 OD1 ? A ASP 64  ? A ASP 421 ? 1_555 CA ? B CA . ? A CA 1001 ? 1_555 OE1 ? A GLU 97  ? A GLU 454 ? 1_555 64.7  ? 
41 OD2 ? A ASP 64  ? A ASP 421 ? 1_555 CA ? B CA . ? A CA 1001 ? 1_555 OE1 ? A GLU 97  ? A GLU 454 ? 1_555 65.5  ? 
42 OE2 ? A GLU 94  ? A GLU 451 ? 1_555 CA ? B CA . ? A CA 1001 ? 1_555 OE1 ? A GLU 97  ? A GLU 454 ? 1_555 79.1  ? 
43 OD1 ? A ASP 64  ? A ASP 421 ? 1_555 CA ? B CA . ? A CA 1001 ? 1_555 OE2 ? A GLU 97  ? A GLU 454 ? 1_555 101.2 ? 
44 OD2 ? A ASP 64  ? A ASP 421 ? 1_555 CA ? B CA . ? A CA 1001 ? 1_555 OE2 ? A GLU 97  ? A GLU 454 ? 1_555 112.0 ? 
45 OE2 ? A GLU 94  ? A GLU 451 ? 1_555 CA ? B CA . ? A CA 1001 ? 1_555 OE2 ? A GLU 97  ? A GLU 454 ? 1_555 86.2  ? 
46 OE1 ? A GLU 97  ? A GLU 454 ? 1_555 CA ? B CA . ? A CA 1001 ? 1_555 OE2 ? A GLU 97  ? A GLU 454 ? 1_555 47.1  ? 
47 OD2 ? A ASP 89  ? A ASP 446 ? 1_555 CA ? E CA . ? A CA 4001 ? 1_555 O   ? A ASP 90  ? A ASP 447 ? 1_555 87.2  ? 
48 OD2 ? A ASP 89  ? A ASP 446 ? 1_555 CA ? E CA . ? A CA 4001 ? 1_555 OD1 ? A ASP 142 ? A ASP 499 ? 1_555 102.4 ? 
49 O   ? A ASP 90  ? A ASP 447 ? 1_555 CA ? E CA . ? A CA 4001 ? 1_555 OD1 ? A ASP 142 ? A ASP 499 ? 1_555 170.3 ? 
50 OD2 ? A ASP 89  ? A ASP 446 ? 1_555 CA ? E CA . ? A CA 4001 ? 1_555 OD1 ? A ASP 143 ? A ASP 500 ? 1_555 157.6 ? 
51 O   ? A ASP 90  ? A ASP 447 ? 1_555 CA ? E CA . ? A CA 4001 ? 1_555 OD1 ? A ASP 143 ? A ASP 500 ? 1_555 96.0  ? 
52 OD1 ? A ASP 142 ? A ASP 499 ? 1_555 CA ? E CA . ? A CA 4001 ? 1_555 OD1 ? A ASP 143 ? A ASP 500 ? 1_555 75.5  ? 
53 OD2 ? A ASP 89  ? A ASP 446 ? 1_555 CA ? E CA . ? A CA 4001 ? 1_555 OD2 ? A ASP 143 ? A ASP 500 ? 1_555 153.8 ? 
54 O   ? A ASP 90  ? A ASP 447 ? 1_555 CA ? E CA . ? A CA 4001 ? 1_555 OD2 ? A ASP 143 ? A ASP 500 ? 1_555 79.3  ? 
55 OD1 ? A ASP 142 ? A ASP 499 ? 1_555 CA ? E CA . ? A CA 4001 ? 1_555 OD2 ? A ASP 143 ? A ASP 500 ? 1_555 91.5  ? 
56 OD1 ? A ASP 143 ? A ASP 500 ? 1_555 CA ? E CA . ? A CA 4001 ? 1_555 OD2 ? A ASP 143 ? A ASP 500 ? 1_555 47.7  ? 
# 
_pdbx_modification_feature.ordinal                            1 
_pdbx_modification_feature.label_comp_id                      CYS 
_pdbx_modification_feature.label_asym_id                      A 
_pdbx_modification_feature.label_seq_id                       26 
_pdbx_modification_feature.label_alt_id                       ? 
_pdbx_modification_feature.modified_residue_label_comp_id     CYS 
_pdbx_modification_feature.modified_residue_label_asym_id     A 
_pdbx_modification_feature.modified_residue_label_seq_id      30 
_pdbx_modification_feature.modified_residue_label_alt_id      ? 
_pdbx_modification_feature.auth_comp_id                       CYS 
_pdbx_modification_feature.auth_asym_id                       A 
_pdbx_modification_feature.auth_seq_id                        383 
_pdbx_modification_feature.PDB_ins_code                       ? 
_pdbx_modification_feature.symmetry                           1_555 
_pdbx_modification_feature.modified_residue_auth_comp_id      CYS 
_pdbx_modification_feature.modified_residue_auth_asym_id      A 
_pdbx_modification_feature.modified_residue_auth_seq_id       387 
_pdbx_modification_feature.modified_residue_PDB_ins_code      ? 
_pdbx_modification_feature.modified_residue_symmetry          1_555 
_pdbx_modification_feature.comp_id_linking_atom               SG 
_pdbx_modification_feature.modified_residue_id_linking_atom   SG 
_pdbx_modification_feature.modified_residue_id                . 
_pdbx_modification_feature.ref_pcm_id                         . 
_pdbx_modification_feature.ref_comp_id                        . 
_pdbx_modification_feature.type                               None 
_pdbx_modification_feature.category                           'Disulfide bridge' 
# 
_struct_mon_prot_cis.pdbx_id                1 
_struct_mon_prot_cis.label_comp_id          SER 
_struct_mon_prot_cis.label_seq_id           131 
_struct_mon_prot_cis.label_asym_id          A 
_struct_mon_prot_cis.label_alt_id           . 
_struct_mon_prot_cis.pdbx_PDB_ins_code      ? 
_struct_mon_prot_cis.auth_comp_id           SER 
_struct_mon_prot_cis.auth_seq_id            488 
_struct_mon_prot_cis.auth_asym_id           A 
_struct_mon_prot_cis.pdbx_label_comp_id_2   PRO 
_struct_mon_prot_cis.pdbx_label_seq_id_2    132 
_struct_mon_prot_cis.pdbx_label_asym_id_2   A 
_struct_mon_prot_cis.pdbx_PDB_ins_code_2    ? 
_struct_mon_prot_cis.pdbx_auth_comp_id_2    PRO 
_struct_mon_prot_cis.pdbx_auth_seq_id_2     489 
_struct_mon_prot_cis.pdbx_auth_asym_id_2    A 
_struct_mon_prot_cis.pdbx_PDB_model_num     1 
_struct_mon_prot_cis.pdbx_omega_angle       3.84 
# 
loop_
_struct_sheet.id 
_struct_sheet.type 
_struct_sheet.number_strands 
_struct_sheet.details 
A ? 4 ? 
B ? 5 ? 
# 
loop_
_struct_sheet_order.sheet_id 
_struct_sheet_order.range_id_1 
_struct_sheet_order.range_id_2 
_struct_sheet_order.offset 
_struct_sheet_order.sense 
A 1 2 ? anti-parallel 
A 2 3 ? anti-parallel 
A 3 4 ? parallel      
B 1 2 ? parallel      
B 2 3 ? anti-parallel 
B 3 4 ? anti-parallel 
B 4 5 ? anti-parallel 
# 
loop_
_struct_sheet_range.sheet_id 
_struct_sheet_range.id 
_struct_sheet_range.beg_label_comp_id 
_struct_sheet_range.beg_label_asym_id 
_struct_sheet_range.beg_label_seq_id 
_struct_sheet_range.pdbx_beg_PDB_ins_code 
_struct_sheet_range.end_label_comp_id 
_struct_sheet_range.end_label_asym_id 
_struct_sheet_range.end_label_seq_id 
_struct_sheet_range.pdbx_end_PDB_ins_code 
_struct_sheet_range.beg_auth_comp_id 
_struct_sheet_range.beg_auth_asym_id 
_struct_sheet_range.beg_auth_seq_id 
_struct_sheet_range.end_auth_comp_id 
_struct_sheet_range.end_auth_asym_id 
_struct_sheet_range.end_auth_seq_id 
A 1 GLN A 80  ? GLY A 86  ? GLN A 437 GLY A 443 
A 2 THR A 32  ? ARG A 40  ? THR A 389 ARG A 397 
A 3 SER A 15  ? PHE A 19  ? SER A 372 PHE A 376 
A 4 ALA A 127 ? LEU A 129 ? ALA A 484 LEU A 486 
B 1 THR A 23  ? LEU A 27  ? THR A 380 LEU A 384 
B 2 THR A 134 ? PHE A 140 ? THR A 491 PHE A 497 
B 3 GLU A 97  ? VAL A 108 ? GLU A 454 VAL A 465 
B 4 VAL A 48  ? GLU A 55  ? VAL A 405 GLU A 412 
B 5 GLU A 69  ? PHE A 74  ? GLU A 426 PHE A 431 
# 
loop_
_pdbx_struct_sheet_hbond.sheet_id 
_pdbx_struct_sheet_hbond.range_id_1 
_pdbx_struct_sheet_hbond.range_id_2 
_pdbx_struct_sheet_hbond.range_1_label_atom_id 
_pdbx_struct_sheet_hbond.range_1_label_comp_id 
_pdbx_struct_sheet_hbond.range_1_label_asym_id 
_pdbx_struct_sheet_hbond.range_1_label_seq_id 
_pdbx_struct_sheet_hbond.range_1_PDB_ins_code 
_pdbx_struct_sheet_hbond.range_1_auth_atom_id 
_pdbx_struct_sheet_hbond.range_1_auth_comp_id 
_pdbx_struct_sheet_hbond.range_1_auth_asym_id 
_pdbx_struct_sheet_hbond.range_1_auth_seq_id 
_pdbx_struct_sheet_hbond.range_2_label_atom_id 
_pdbx_struct_sheet_hbond.range_2_label_comp_id 
_pdbx_struct_sheet_hbond.range_2_label_asym_id 
_pdbx_struct_sheet_hbond.range_2_label_seq_id 
_pdbx_struct_sheet_hbond.range_2_PDB_ins_code 
_pdbx_struct_sheet_hbond.range_2_auth_atom_id 
_pdbx_struct_sheet_hbond.range_2_auth_comp_id 
_pdbx_struct_sheet_hbond.range_2_auth_asym_id 
_pdbx_struct_sheet_hbond.range_2_auth_seq_id 
A 1 2 O LYS A 81  ? O LYS A 438 N ILE A 37  ? N ILE A 394 
A 2 3 O ILE A 38  ? O ILE A 395 N PHE A 18  ? N PHE A 375 
A 3 4 N SER A 15  ? N SER A 372 O CYS A 128 ? O CYS A 485 
B 1 2 N TYR A 24  ? N TYR A 381 O THR A 138 ? O THR A 495 
B 2 3 O ILE A 139 ? O ILE A 496 N GLU A 97  ? N GLU A 454 
B 3 4 O HIS A 102 ? O HIS A 459 N ARG A 53  ? N ARG A 410 
B 4 5 N VAL A 50  ? N VAL A 407 O VAL A 72  ? O VAL A 429 
# 
loop_
_struct_site.id 
_struct_site.pdbx_evidence_code 
_struct_site.pdbx_auth_asym_id 
_struct_site.pdbx_auth_comp_id 
_struct_site.pdbx_auth_seq_id 
_struct_site.pdbx_auth_ins_code 
_struct_site.pdbx_num_residues 
_struct_site.details 
AC1 Software A CA  1001 ? 3 'BINDING SITE FOR RESIDUE CA A 1001'  
AC2 Software A CA  2001 ? 6 'BINDING SITE FOR RESIDUE CA A 2001'  
AC3 Software A CA  3001 ? 6 'BINDING SITE FOR RESIDUE CA A 3001'  
AC4 Software A CA  4001 ? 5 'BINDING SITE FOR RESIDUE CA A 4001'  
AC5 Software A GAI 1008 ? 4 'BINDING SITE FOR RESIDUE GAI A 1008' 
AC6 Software A EPE 1009 ? 9 'BINDING SITE FOR RESIDUE EPE A 1009' 
# 
loop_
_struct_site_gen.id 
_struct_site_gen.site_id 
_struct_site_gen.pdbx_num_res 
_struct_site_gen.label_comp_id 
_struct_site_gen.label_asym_id 
_struct_site_gen.label_seq_id 
_struct_site_gen.pdbx_auth_ins_code 
_struct_site_gen.auth_comp_id 
_struct_site_gen.auth_asym_id 
_struct_site_gen.auth_seq_id 
_struct_site_gen.label_atom_id 
_struct_site_gen.label_alt_id 
_struct_site_gen.symmetry 
_struct_site_gen.details 
1  AC1 3 ASP A 64  ? ASP A 421 . ? 1_555 ? 
2  AC1 3 GLU A 94  ? GLU A 451 . ? 1_555 ? 
3  AC1 3 GLU A 97  ? GLU A 454 . ? 1_555 ? 
4  AC2 6 HOH H .   ? HOH A 1   . ? 1_555 ? 
5  AC2 6 HOH H .   ? HOH A 15  . ? 1_555 ? 
6  AC2 6 HOH H .   ? HOH A 16  . ? 1_555 ? 
7  AC2 6 GLU A 28  ? GLU A 385 . ? 1_555 ? 
8  AC2 6 ASP A 64  ? ASP A 421 . ? 1_555 ? 
9  AC2 6 GLU A 94  ? GLU A 451 . ? 1_555 ? 
10 AC3 6 GLU A 28  ? GLU A 385 . ? 1_555 ? 
11 AC3 6 ASP A 90  ? ASP A 447 . ? 1_555 ? 
12 AC3 6 ILE A 92  ? ILE A 449 . ? 1_555 ? 
13 AC3 6 GLU A 94  ? GLU A 451 . ? 1_555 ? 
14 AC3 6 ASP A 141 ? ASP A 498 . ? 1_555 ? 
15 AC3 6 ASP A 143 ? ASP A 500 . ? 1_555 ? 
16 AC4 5 GLU A 28  ? GLU A 385 . ? 1_555 ? 
17 AC4 5 ASP A 89  ? ASP A 446 . ? 1_555 ? 
18 AC4 5 ASP A 90  ? ASP A 447 . ? 1_555 ? 
19 AC4 5 ASP A 142 ? ASP A 499 . ? 1_555 ? 
20 AC4 5 ASP A 143 ? ASP A 500 . ? 1_555 ? 
21 AC5 4 ASP A 43  ? ASP A 400 . ? 3_556 ? 
22 AC5 4 THR A 45  ? THR A 402 . ? 3_556 ? 
23 AC5 4 ASP A 96  ? ASP A 453 . ? 1_555 ? 
24 AC5 4 ASP A 141 ? ASP A 498 . ? 1_555 ? 
25 AC6 9 HOH H .   ? HOH A 13  . ? 1_555 ? 
26 AC6 9 PHE A 18  ? PHE A 375 . ? 4_456 ? 
27 AC6 9 PHE A 19  ? PHE A 376 . ? 4_456 ? 
28 AC6 9 GLU A 20  ? GLU A 377 . ? 4_456 ? 
29 AC6 9 THR A 54  ? THR A 411 . ? 1_555 ? 
30 AC6 9 GLU A 55  ? GLU A 412 . ? 1_555 ? 
31 AC6 9 ASP A 56  ? ASP A 413 . ? 1_555 ? 
32 AC6 9 ALA A 61  ? ALA A 418 . ? 1_555 ? 
33 AC6 9 PRO A 132 ? PRO A 489 . ? 4_456 ? 
# 
_pdbx_entry_details.entry_id                   2DPK 
_pdbx_entry_details.compound_details           ? 
_pdbx_entry_details.source_details             ? 
_pdbx_entry_details.nonpolymer_details         ? 
_pdbx_entry_details.sequence_details           ? 
_pdbx_entry_details.has_ligand_of_interest     ? 
_pdbx_entry_details.has_protein_modification   Y 
# 
loop_
_pdbx_validate_torsion.id 
_pdbx_validate_torsion.PDB_model_num 
_pdbx_validate_torsion.auth_comp_id 
_pdbx_validate_torsion.auth_asym_id 
_pdbx_validate_torsion.auth_seq_id 
_pdbx_validate_torsion.PDB_ins_code 
_pdbx_validate_torsion.label_alt_id 
_pdbx_validate_torsion.phi 
_pdbx_validate_torsion.psi 
1 1 ALA A 482 ? ? -35.19 56.47  
2 1 HIS A 501 ? ? -96.35 -60.45 
# 
_pdbx_validate_peptide_omega.id               1 
_pdbx_validate_peptide_omega.PDB_model_num    1 
_pdbx_validate_peptide_omega.auth_comp_id_1   SER 
_pdbx_validate_peptide_omega.auth_asym_id_1   A 
_pdbx_validate_peptide_omega.auth_seq_id_1    467 
_pdbx_validate_peptide_omega.PDB_ins_code_1   ? 
_pdbx_validate_peptide_omega.label_alt_id_1   ? 
_pdbx_validate_peptide_omega.auth_comp_id_2   GLU 
_pdbx_validate_peptide_omega.auth_asym_id_2   A 
_pdbx_validate_peptide_omega.auth_seq_id_2    468 
_pdbx_validate_peptide_omega.PDB_ins_code_2   ? 
_pdbx_validate_peptide_omega.label_alt_id_2   ? 
_pdbx_validate_peptide_omega.omega            -147.24 
# 
_pdbx_refine_tls.id               1 
_pdbx_refine_tls.details          ? 
_pdbx_refine_tls.method           refined 
_pdbx_refine_tls.origin_x         -0.0566 
_pdbx_refine_tls.origin_y         0.7353 
_pdbx_refine_tls.origin_z         -0.2062 
_pdbx_refine_tls.T[1][1]          -0.0165 
_pdbx_refine_tls.T[2][2]          0.1435 
_pdbx_refine_tls.T[3][3]          0.0091 
_pdbx_refine_tls.T[1][2]          -0.0321 
_pdbx_refine_tls.T[1][3]          -0.0218 
_pdbx_refine_tls.T[2][3]          -0.0691 
_pdbx_refine_tls.L[1][1]          1.3710 
_pdbx_refine_tls.L[2][2]          4.2468 
_pdbx_refine_tls.L[3][3]          4.1345 
_pdbx_refine_tls.L[1][2]          0.8479 
_pdbx_refine_tls.L[1][3]          -0.9350 
_pdbx_refine_tls.L[2][3]          -2.7159 
_pdbx_refine_tls.S[1][1]          0.0402 
_pdbx_refine_tls.S[1][2]          -0.0046 
_pdbx_refine_tls.S[1][3]          0.1128 
_pdbx_refine_tls.S[2][1]          -0.0012 
_pdbx_refine_tls.S[2][2]          -0.0511 
_pdbx_refine_tls.S[2][3]          0.1249 
_pdbx_refine_tls.S[3][1]          -0.1492 
_pdbx_refine_tls.S[3][2]          0.0256 
_pdbx_refine_tls.S[3][3]          0.0109 
_pdbx_refine_tls.pdbx_refine_id   'X-RAY DIFFRACTION' 
# 
_pdbx_refine_tls_group.id                  1 
_pdbx_refine_tls_group.refine_tls_id       1 
_pdbx_refine_tls_group.beg_auth_asym_id    A 
_pdbx_refine_tls_group.beg_auth_seq_id     369 
_pdbx_refine_tls_group.beg_label_asym_id   A 
_pdbx_refine_tls_group.beg_label_seq_id    12 
_pdbx_refine_tls_group.end_auth_asym_id    A 
_pdbx_refine_tls_group.end_auth_seq_id     497 
_pdbx_refine_tls_group.end_label_asym_id   A 
_pdbx_refine_tls_group.end_label_seq_id    140 
_pdbx_refine_tls_group.selection           ? 
_pdbx_refine_tls_group.pdbx_refine_id      'X-RAY DIFFRACTION' 
_pdbx_refine_tls_group.selection_details   ? 
# 
loop_
_pdbx_unobs_or_zero_occ_residues.id 
_pdbx_unobs_or_zero_occ_residues.PDB_model_num 
_pdbx_unobs_or_zero_occ_residues.polymer_flag 
_pdbx_unobs_or_zero_occ_residues.occupancy_flag 
_pdbx_unobs_or_zero_occ_residues.auth_asym_id 
_pdbx_unobs_or_zero_occ_residues.auth_comp_id 
_pdbx_unobs_or_zero_occ_residues.auth_seq_id 
_pdbx_unobs_or_zero_occ_residues.PDB_ins_code 
_pdbx_unobs_or_zero_occ_residues.label_asym_id 
_pdbx_unobs_or_zero_occ_residues.label_comp_id 
_pdbx_unobs_or_zero_occ_residues.label_seq_id 
1  1 Y 1 A MET 358 ? A MET 1   
2  1 Y 1 A ARG 359 ? A ARG 2   
3  1 Y 1 A GLY 360 ? A GLY 3   
4  1 Y 1 A SER 361 ? A SER 4   
5  1 Y 1 A HIS 362 ? A HIS 5   
6  1 Y 1 A HIS 363 ? A HIS 6   
7  1 Y 1 A HIS 364 ? A HIS 7   
8  1 Y 1 A HIS 365 ? A HIS 8   
9  1 Y 1 A HIS 366 ? A HIS 9   
10 1 Y 1 A ALA 469 ? A ALA 112 
11 1 Y 1 A SER 470 ? A SER 113 
12 1 Y 1 A GLU 471 ? A GLU 114 
13 1 Y 1 A ASP 472 ? A ASP 115 
14 1 Y 1 A GLY 473 ? A GLY 116 
15 1 Y 1 A ILE 474 ? A ILE 117 
16 1 Y 1 A LEU 475 ? A LEU 118 
17 1 Y 1 A GLU 476 ? A GLU 119 
18 1 Y 1 A ALA 477 ? A ALA 120 
19 1 Y 1 A ASN 478 ? A ASN 121 
20 1 Y 1 A HIS 479 ? A HIS 122 
21 1 Y 1 A VAL 480 ? A VAL 123 
22 1 Y 1 A GLY 503 ? A GLY 146 
23 1 Y 1 A ILE 504 ? A ILE 147 
24 1 Y 1 A PHE 505 ? A PHE 148 
25 1 Y 1 A THR 506 ? A THR 149 
26 1 Y 1 A PHE 507 ? A PHE 150 
27 1 Y 1 A GLU 508 ? A GLU 151 
28 1 Y 1 A GLU 509 ? A GLU 152 
# 
loop_
_chem_comp_atom.comp_id 
_chem_comp_atom.atom_id 
_chem_comp_atom.type_symbol 
_chem_comp_atom.pdbx_aromatic_flag 
_chem_comp_atom.pdbx_stereo_config 
_chem_comp_atom.pdbx_ordinal 
ALA N    N  N N 1   
ALA CA   C  N S 2   
ALA C    C  N N 3   
ALA O    O  N N 4   
ALA CB   C  N N 5   
ALA OXT  O  N N 6   
ALA H    H  N N 7   
ALA H2   H  N N 8   
ALA HA   H  N N 9   
ALA HB1  H  N N 10  
ALA HB2  H  N N 11  
ALA HB3  H  N N 12  
ALA HXT  H  N N 13  
ARG N    N  N N 14  
ARG CA   C  N S 15  
ARG C    C  N N 16  
ARG O    O  N N 17  
ARG CB   C  N N 18  
ARG CG   C  N N 19  
ARG CD   C  N N 20  
ARG NE   N  N N 21  
ARG CZ   C  N N 22  
ARG NH1  N  N N 23  
ARG NH2  N  N N 24  
ARG OXT  O  N N 25  
ARG H    H  N N 26  
ARG H2   H  N N 27  
ARG HA   H  N N 28  
ARG HB2  H  N N 29  
ARG HB3  H  N N 30  
ARG HG2  H  N N 31  
ARG HG3  H  N N 32  
ARG HD2  H  N N 33  
ARG HD3  H  N N 34  
ARG HE   H  N N 35  
ARG HH11 H  N N 36  
ARG HH12 H  N N 37  
ARG HH21 H  N N 38  
ARG HH22 H  N N 39  
ARG HXT  H  N N 40  
ASN N    N  N N 41  
ASN CA   C  N S 42  
ASN C    C  N N 43  
ASN O    O  N N 44  
ASN CB   C  N N 45  
ASN CG   C  N N 46  
ASN OD1  O  N N 47  
ASN ND2  N  N N 48  
ASN OXT  O  N N 49  
ASN H    H  N N 50  
ASN H2   H  N N 51  
ASN HA   H  N N 52  
ASN HB2  H  N N 53  
ASN HB3  H  N N 54  
ASN HD21 H  N N 55  
ASN HD22 H  N N 56  
ASN HXT  H  N N 57  
ASP N    N  N N 58  
ASP CA   C  N S 59  
ASP C    C  N N 60  
ASP O    O  N N 61  
ASP CB   C  N N 62  
ASP CG   C  N N 63  
ASP OD1  O  N N 64  
ASP OD2  O  N N 65  
ASP OXT  O  N N 66  
ASP H    H  N N 67  
ASP H2   H  N N 68  
ASP HA   H  N N 69  
ASP HB2  H  N N 70  
ASP HB3  H  N N 71  
ASP HD2  H  N N 72  
ASP HXT  H  N N 73  
CA  CA   CA N N 74  
CYS N    N  N N 75  
CYS CA   C  N R 76  
CYS C    C  N N 77  
CYS O    O  N N 78  
CYS CB   C  N N 79  
CYS SG   S  N N 80  
CYS OXT  O  N N 81  
CYS H    H  N N 82  
CYS H2   H  N N 83  
CYS HA   H  N N 84  
CYS HB2  H  N N 85  
CYS HB3  H  N N 86  
CYS HG   H  N N 87  
CYS HXT  H  N N 88  
EPE N1   N  N N 89  
EPE C2   C  N N 90  
EPE C3   C  N N 91  
EPE N4   N  N N 92  
EPE C5   C  N N 93  
EPE C6   C  N N 94  
EPE C7   C  N N 95  
EPE C8   C  N N 96  
EPE O8   O  N N 97  
EPE C9   C  N N 98  
EPE C10  C  N N 99  
EPE S    S  N N 100 
EPE O1S  O  N N 101 
EPE O2S  O  N N 102 
EPE O3S  O  N N 103 
EPE H21  H  N N 104 
EPE H22  H  N N 105 
EPE H31  H  N N 106 
EPE H32  H  N N 107 
EPE H51  H  N N 108 
EPE H52  H  N N 109 
EPE H61  H  N N 110 
EPE H62  H  N N 111 
EPE H71  H  N N 112 
EPE H72  H  N N 113 
EPE H81  H  N N 114 
EPE H82  H  N N 115 
EPE HO8  H  N N 116 
EPE H91  H  N N 117 
EPE H92  H  N N 118 
EPE H101 H  N N 119 
EPE H102 H  N N 120 
EPE HOS3 H  N N 121 
GAI C    C  N N 122 
GAI N1   N  N N 123 
GAI N2   N  N N 124 
GAI N3   N  N N 125 
GAI HN1  H  N N 126 
GAI HN21 H  N N 127 
GAI HN22 H  N N 128 
GAI HN31 H  N N 129 
GAI HN32 H  N N 130 
GLN N    N  N N 131 
GLN CA   C  N S 132 
GLN C    C  N N 133 
GLN O    O  N N 134 
GLN CB   C  N N 135 
GLN CG   C  N N 136 
GLN CD   C  N N 137 
GLN OE1  O  N N 138 
GLN NE2  N  N N 139 
GLN OXT  O  N N 140 
GLN H    H  N N 141 
GLN H2   H  N N 142 
GLN HA   H  N N 143 
GLN HB2  H  N N 144 
GLN HB3  H  N N 145 
GLN HG2  H  N N 146 
GLN HG3  H  N N 147 
GLN HE21 H  N N 148 
GLN HE22 H  N N 149 
GLN HXT  H  N N 150 
GLU N    N  N N 151 
GLU CA   C  N S 152 
GLU C    C  N N 153 
GLU O    O  N N 154 
GLU CB   C  N N 155 
GLU CG   C  N N 156 
GLU CD   C  N N 157 
GLU OE1  O  N N 158 
GLU OE2  O  N N 159 
GLU OXT  O  N N 160 
GLU H    H  N N 161 
GLU H2   H  N N 162 
GLU HA   H  N N 163 
GLU HB2  H  N N 164 
GLU HB3  H  N N 165 
GLU HG2  H  N N 166 
GLU HG3  H  N N 167 
GLU HE2  H  N N 168 
GLU HXT  H  N N 169 
GLY N    N  N N 170 
GLY CA   C  N N 171 
GLY C    C  N N 172 
GLY O    O  N N 173 
GLY OXT  O  N N 174 
GLY H    H  N N 175 
GLY H2   H  N N 176 
GLY HA2  H  N N 177 
GLY HA3  H  N N 178 
GLY HXT  H  N N 179 
HIS N    N  N N 180 
HIS CA   C  N S 181 
HIS C    C  N N 182 
HIS O    O  N N 183 
HIS CB   C  N N 184 
HIS CG   C  Y N 185 
HIS ND1  N  Y N 186 
HIS CD2  C  Y N 187 
HIS CE1  C  Y N 188 
HIS NE2  N  Y N 189 
HIS OXT  O  N N 190 
HIS H    H  N N 191 
HIS H2   H  N N 192 
HIS HA   H  N N 193 
HIS HB2  H  N N 194 
HIS HB3  H  N N 195 
HIS HD1  H  N N 196 
HIS HD2  H  N N 197 
HIS HE1  H  N N 198 
HIS HE2  H  N N 199 
HIS HXT  H  N N 200 
HOH O    O  N N 201 
HOH H1   H  N N 202 
HOH H2   H  N N 203 
ILE N    N  N N 204 
ILE CA   C  N S 205 
ILE C    C  N N 206 
ILE O    O  N N 207 
ILE CB   C  N S 208 
ILE CG1  C  N N 209 
ILE CG2  C  N N 210 
ILE CD1  C  N N 211 
ILE OXT  O  N N 212 
ILE H    H  N N 213 
ILE H2   H  N N 214 
ILE HA   H  N N 215 
ILE HB   H  N N 216 
ILE HG12 H  N N 217 
ILE HG13 H  N N 218 
ILE HG21 H  N N 219 
ILE HG22 H  N N 220 
ILE HG23 H  N N 221 
ILE HD11 H  N N 222 
ILE HD12 H  N N 223 
ILE HD13 H  N N 224 
ILE HXT  H  N N 225 
LEU N    N  N N 226 
LEU CA   C  N S 227 
LEU C    C  N N 228 
LEU O    O  N N 229 
LEU CB   C  N N 230 
LEU CG   C  N N 231 
LEU CD1  C  N N 232 
LEU CD2  C  N N 233 
LEU OXT  O  N N 234 
LEU H    H  N N 235 
LEU H2   H  N N 236 
LEU HA   H  N N 237 
LEU HB2  H  N N 238 
LEU HB3  H  N N 239 
LEU HG   H  N N 240 
LEU HD11 H  N N 241 
LEU HD12 H  N N 242 
LEU HD13 H  N N 243 
LEU HD21 H  N N 244 
LEU HD22 H  N N 245 
LEU HD23 H  N N 246 
LEU HXT  H  N N 247 
LYS N    N  N N 248 
LYS CA   C  N S 249 
LYS C    C  N N 250 
LYS O    O  N N 251 
LYS CB   C  N N 252 
LYS CG   C  N N 253 
LYS CD   C  N N 254 
LYS CE   C  N N 255 
LYS NZ   N  N N 256 
LYS OXT  O  N N 257 
LYS H    H  N N 258 
LYS H2   H  N N 259 
LYS HA   H  N N 260 
LYS HB2  H  N N 261 
LYS HB3  H  N N 262 
LYS HG2  H  N N 263 
LYS HG3  H  N N 264 
LYS HD2  H  N N 265 
LYS HD3  H  N N 266 
LYS HE2  H  N N 267 
LYS HE3  H  N N 268 
LYS HZ1  H  N N 269 
LYS HZ2  H  N N 270 
LYS HZ3  H  N N 271 
LYS HXT  H  N N 272 
MET N    N  N N 273 
MET CA   C  N S 274 
MET C    C  N N 275 
MET O    O  N N 276 
MET CB   C  N N 277 
MET CG   C  N N 278 
MET SD   S  N N 279 
MET CE   C  N N 280 
MET OXT  O  N N 281 
MET H    H  N N 282 
MET H2   H  N N 283 
MET HA   H  N N 284 
MET HB2  H  N N 285 
MET HB3  H  N N 286 
MET HG2  H  N N 287 
MET HG3  H  N N 288 
MET HE1  H  N N 289 
MET HE2  H  N N 290 
MET HE3  H  N N 291 
MET HXT  H  N N 292 
PHE N    N  N N 293 
PHE CA   C  N S 294 
PHE C    C  N N 295 
PHE O    O  N N 296 
PHE CB   C  N N 297 
PHE CG   C  Y N 298 
PHE CD1  C  Y N 299 
PHE CD2  C  Y N 300 
PHE CE1  C  Y N 301 
PHE CE2  C  Y N 302 
PHE CZ   C  Y N 303 
PHE OXT  O  N N 304 
PHE H    H  N N 305 
PHE H2   H  N N 306 
PHE HA   H  N N 307 
PHE HB2  H  N N 308 
PHE HB3  H  N N 309 
PHE HD1  H  N N 310 
PHE HD2  H  N N 311 
PHE HE1  H  N N 312 
PHE HE2  H  N N 313 
PHE HZ   H  N N 314 
PHE HXT  H  N N 315 
PRO N    N  N N 316 
PRO CA   C  N S 317 
PRO C    C  N N 318 
PRO O    O  N N 319 
PRO CB   C  N N 320 
PRO CG   C  N N 321 
PRO CD   C  N N 322 
PRO OXT  O  N N 323 
PRO H    H  N N 324 
PRO HA   H  N N 325 
PRO HB2  H  N N 326 
PRO HB3  H  N N 327 
PRO HG2  H  N N 328 
PRO HG3  H  N N 329 
PRO HD2  H  N N 330 
PRO HD3  H  N N 331 
PRO HXT  H  N N 332 
SER N    N  N N 333 
SER CA   C  N S 334 
SER C    C  N N 335 
SER O    O  N N 336 
SER CB   C  N N 337 
SER OG   O  N N 338 
SER OXT  O  N N 339 
SER H    H  N N 340 
SER H2   H  N N 341 
SER HA   H  N N 342 
SER HB2  H  N N 343 
SER HB3  H  N N 344 
SER HG   H  N N 345 
SER HXT  H  N N 346 
THR N    N  N N 347 
THR CA   C  N S 348 
THR C    C  N N 349 
THR O    O  N N 350 
THR CB   C  N R 351 
THR OG1  O  N N 352 
THR CG2  C  N N 353 
THR OXT  O  N N 354 
THR H    H  N N 355 
THR H2   H  N N 356 
THR HA   H  N N 357 
THR HB   H  N N 358 
THR HG1  H  N N 359 
THR HG21 H  N N 360 
THR HG22 H  N N 361 
THR HG23 H  N N 362 
THR HXT  H  N N 363 
TYR N    N  N N 364 
TYR CA   C  N S 365 
TYR C    C  N N 366 
TYR O    O  N N 367 
TYR CB   C  N N 368 
TYR CG   C  Y N 369 
TYR CD1  C  Y N 370 
TYR CD2  C  Y N 371 
TYR CE1  C  Y N 372 
TYR CE2  C  Y N 373 
TYR CZ   C  Y N 374 
TYR OH   O  N N 375 
TYR OXT  O  N N 376 
TYR H    H  N N 377 
TYR H2   H  N N 378 
TYR HA   H  N N 379 
TYR HB2  H  N N 380 
TYR HB3  H  N N 381 
TYR HD1  H  N N 382 
TYR HD2  H  N N 383 
TYR HE1  H  N N 384 
TYR HE2  H  N N 385 
TYR HH   H  N N 386 
TYR HXT  H  N N 387 
VAL N    N  N N 388 
VAL CA   C  N S 389 
VAL C    C  N N 390 
VAL O    O  N N 391 
VAL CB   C  N N 392 
VAL CG1  C  N N 393 
VAL CG2  C  N N 394 
VAL OXT  O  N N 395 
VAL H    H  N N 396 
VAL H2   H  N N 397 
VAL HA   H  N N 398 
VAL HB   H  N N 399 
VAL HG11 H  N N 400 
VAL HG12 H  N N 401 
VAL HG13 H  N N 402 
VAL HG21 H  N N 403 
VAL HG22 H  N N 404 
VAL HG23 H  N N 405 
VAL HXT  H  N N 406 
# 
loop_
_chem_comp_bond.comp_id 
_chem_comp_bond.atom_id_1 
_chem_comp_bond.atom_id_2 
_chem_comp_bond.value_order 
_chem_comp_bond.pdbx_aromatic_flag 
_chem_comp_bond.pdbx_stereo_config 
_chem_comp_bond.pdbx_ordinal 
ALA N   CA   sing N N 1   
ALA N   H    sing N N 2   
ALA N   H2   sing N N 3   
ALA CA  C    sing N N 4   
ALA CA  CB   sing N N 5   
ALA CA  HA   sing N N 6   
ALA C   O    doub N N 7   
ALA C   OXT  sing N N 8   
ALA CB  HB1  sing N N 9   
ALA CB  HB2  sing N N 10  
ALA CB  HB3  sing N N 11  
ALA OXT HXT  sing N N 12  
ARG N   CA   sing N N 13  
ARG N   H    sing N N 14  
ARG N   H2   sing N N 15  
ARG CA  C    sing N N 16  
ARG CA  CB   sing N N 17  
ARG CA  HA   sing N N 18  
ARG C   O    doub N N 19  
ARG C   OXT  sing N N 20  
ARG CB  CG   sing N N 21  
ARG CB  HB2  sing N N 22  
ARG CB  HB3  sing N N 23  
ARG CG  CD   sing N N 24  
ARG CG  HG2  sing N N 25  
ARG CG  HG3  sing N N 26  
ARG CD  NE   sing N N 27  
ARG CD  HD2  sing N N 28  
ARG CD  HD3  sing N N 29  
ARG NE  CZ   sing N N 30  
ARG NE  HE   sing N N 31  
ARG CZ  NH1  sing N N 32  
ARG CZ  NH2  doub N N 33  
ARG NH1 HH11 sing N N 34  
ARG NH1 HH12 sing N N 35  
ARG NH2 HH21 sing N N 36  
ARG NH2 HH22 sing N N 37  
ARG OXT HXT  sing N N 38  
ASN N   CA   sing N N 39  
ASN N   H    sing N N 40  
ASN N   H2   sing N N 41  
ASN CA  C    sing N N 42  
ASN CA  CB   sing N N 43  
ASN CA  HA   sing N N 44  
ASN C   O    doub N N 45  
ASN C   OXT  sing N N 46  
ASN CB  CG   sing N N 47  
ASN CB  HB2  sing N N 48  
ASN CB  HB3  sing N N 49  
ASN CG  OD1  doub N N 50  
ASN CG  ND2  sing N N 51  
ASN ND2 HD21 sing N N 52  
ASN ND2 HD22 sing N N 53  
ASN OXT HXT  sing N N 54  
ASP N   CA   sing N N 55  
ASP N   H    sing N N 56  
ASP N   H2   sing N N 57  
ASP CA  C    sing N N 58  
ASP CA  CB   sing N N 59  
ASP CA  HA   sing N N 60  
ASP C   O    doub N N 61  
ASP C   OXT  sing N N 62  
ASP CB  CG   sing N N 63  
ASP CB  HB2  sing N N 64  
ASP CB  HB3  sing N N 65  
ASP CG  OD1  doub N N 66  
ASP CG  OD2  sing N N 67  
ASP OD2 HD2  sing N N 68  
ASP OXT HXT  sing N N 69  
CYS N   CA   sing N N 70  
CYS N   H    sing N N 71  
CYS N   H2   sing N N 72  
CYS CA  C    sing N N 73  
CYS CA  CB   sing N N 74  
CYS CA  HA   sing N N 75  
CYS C   O    doub N N 76  
CYS C   OXT  sing N N 77  
CYS CB  SG   sing N N 78  
CYS CB  HB2  sing N N 79  
CYS CB  HB3  sing N N 80  
CYS SG  HG   sing N N 81  
CYS OXT HXT  sing N N 82  
EPE N1  C2   sing N N 83  
EPE N1  C6   sing N N 84  
EPE N1  C9   sing N N 85  
EPE C2  C3   sing N N 86  
EPE C2  H21  sing N N 87  
EPE C2  H22  sing N N 88  
EPE C3  N4   sing N N 89  
EPE C3  H31  sing N N 90  
EPE C3  H32  sing N N 91  
EPE N4  C5   sing N N 92  
EPE N4  C7   sing N N 93  
EPE C5  C6   sing N N 94  
EPE C5  H51  sing N N 95  
EPE C5  H52  sing N N 96  
EPE C6  H61  sing N N 97  
EPE C6  H62  sing N N 98  
EPE C7  C8   sing N N 99  
EPE C7  H71  sing N N 100 
EPE C7  H72  sing N N 101 
EPE C8  O8   sing N N 102 
EPE C8  H81  sing N N 103 
EPE C8  H82  sing N N 104 
EPE O8  HO8  sing N N 105 
EPE C9  C10  sing N N 106 
EPE C9  H91  sing N N 107 
EPE C9  H92  sing N N 108 
EPE C10 S    sing N N 109 
EPE C10 H101 sing N N 110 
EPE C10 H102 sing N N 111 
EPE S   O1S  doub N N 112 
EPE S   O2S  doub N N 113 
EPE S   O3S  sing N N 114 
EPE O3S HOS3 sing N N 115 
GAI C   N1   doub N N 116 
GAI C   N2   sing N N 117 
GAI C   N3   sing N N 118 
GAI N1  HN1  sing N N 119 
GAI N2  HN21 sing N N 120 
GAI N2  HN22 sing N N 121 
GAI N3  HN31 sing N N 122 
GAI N3  HN32 sing N N 123 
GLN N   CA   sing N N 124 
GLN N   H    sing N N 125 
GLN N   H2   sing N N 126 
GLN CA  C    sing N N 127 
GLN CA  CB   sing N N 128 
GLN CA  HA   sing N N 129 
GLN C   O    doub N N 130 
GLN C   OXT  sing N N 131 
GLN CB  CG   sing N N 132 
GLN CB  HB2  sing N N 133 
GLN CB  HB3  sing N N 134 
GLN CG  CD   sing N N 135 
GLN CG  HG2  sing N N 136 
GLN CG  HG3  sing N N 137 
GLN CD  OE1  doub N N 138 
GLN CD  NE2  sing N N 139 
GLN NE2 HE21 sing N N 140 
GLN NE2 HE22 sing N N 141 
GLN OXT HXT  sing N N 142 
GLU N   CA   sing N N 143 
GLU N   H    sing N N 144 
GLU N   H2   sing N N 145 
GLU CA  C    sing N N 146 
GLU CA  CB   sing N N 147 
GLU CA  HA   sing N N 148 
GLU C   O    doub N N 149 
GLU C   OXT  sing N N 150 
GLU CB  CG   sing N N 151 
GLU CB  HB2  sing N N 152 
GLU CB  HB3  sing N N 153 
GLU CG  CD   sing N N 154 
GLU CG  HG2  sing N N 155 
GLU CG  HG3  sing N N 156 
GLU CD  OE1  doub N N 157 
GLU CD  OE2  sing N N 158 
GLU OE2 HE2  sing N N 159 
GLU OXT HXT  sing N N 160 
GLY N   CA   sing N N 161 
GLY N   H    sing N N 162 
GLY N   H2   sing N N 163 
GLY CA  C    sing N N 164 
GLY CA  HA2  sing N N 165 
GLY CA  HA3  sing N N 166 
GLY C   O    doub N N 167 
GLY C   OXT  sing N N 168 
GLY OXT HXT  sing N N 169 
HIS N   CA   sing N N 170 
HIS N   H    sing N N 171 
HIS N   H2   sing N N 172 
HIS CA  C    sing N N 173 
HIS CA  CB   sing N N 174 
HIS CA  HA   sing N N 175 
HIS C   O    doub N N 176 
HIS C   OXT  sing N N 177 
HIS CB  CG   sing N N 178 
HIS CB  HB2  sing N N 179 
HIS CB  HB3  sing N N 180 
HIS CG  ND1  sing Y N 181 
HIS CG  CD2  doub Y N 182 
HIS ND1 CE1  doub Y N 183 
HIS ND1 HD1  sing N N 184 
HIS CD2 NE2  sing Y N 185 
HIS CD2 HD2  sing N N 186 
HIS CE1 NE2  sing Y N 187 
HIS CE1 HE1  sing N N 188 
HIS NE2 HE2  sing N N 189 
HIS OXT HXT  sing N N 190 
HOH O   H1   sing N N 191 
HOH O   H2   sing N N 192 
ILE N   CA   sing N N 193 
ILE N   H    sing N N 194 
ILE N   H2   sing N N 195 
ILE CA  C    sing N N 196 
ILE CA  CB   sing N N 197 
ILE CA  HA   sing N N 198 
ILE C   O    doub N N 199 
ILE C   OXT  sing N N 200 
ILE CB  CG1  sing N N 201 
ILE CB  CG2  sing N N 202 
ILE CB  HB   sing N N 203 
ILE CG1 CD1  sing N N 204 
ILE CG1 HG12 sing N N 205 
ILE CG1 HG13 sing N N 206 
ILE CG2 HG21 sing N N 207 
ILE CG2 HG22 sing N N 208 
ILE CG2 HG23 sing N N 209 
ILE CD1 HD11 sing N N 210 
ILE CD1 HD12 sing N N 211 
ILE CD1 HD13 sing N N 212 
ILE OXT HXT  sing N N 213 
LEU N   CA   sing N N 214 
LEU N   H    sing N N 215 
LEU N   H2   sing N N 216 
LEU CA  C    sing N N 217 
LEU CA  CB   sing N N 218 
LEU CA  HA   sing N N 219 
LEU C   O    doub N N 220 
LEU C   OXT  sing N N 221 
LEU CB  CG   sing N N 222 
LEU CB  HB2  sing N N 223 
LEU CB  HB3  sing N N 224 
LEU CG  CD1  sing N N 225 
LEU CG  CD2  sing N N 226 
LEU CG  HG   sing N N 227 
LEU CD1 HD11 sing N N 228 
LEU CD1 HD12 sing N N 229 
LEU CD1 HD13 sing N N 230 
LEU CD2 HD21 sing N N 231 
LEU CD2 HD22 sing N N 232 
LEU CD2 HD23 sing N N 233 
LEU OXT HXT  sing N N 234 
LYS N   CA   sing N N 235 
LYS N   H    sing N N 236 
LYS N   H2   sing N N 237 
LYS CA  C    sing N N 238 
LYS CA  CB   sing N N 239 
LYS CA  HA   sing N N 240 
LYS C   O    doub N N 241 
LYS C   OXT  sing N N 242 
LYS CB  CG   sing N N 243 
LYS CB  HB2  sing N N 244 
LYS CB  HB3  sing N N 245 
LYS CG  CD   sing N N 246 
LYS CG  HG2  sing N N 247 
LYS CG  HG3  sing N N 248 
LYS CD  CE   sing N N 249 
LYS CD  HD2  sing N N 250 
LYS CD  HD3  sing N N 251 
LYS CE  NZ   sing N N 252 
LYS CE  HE2  sing N N 253 
LYS CE  HE3  sing N N 254 
LYS NZ  HZ1  sing N N 255 
LYS NZ  HZ2  sing N N 256 
LYS NZ  HZ3  sing N N 257 
LYS OXT HXT  sing N N 258 
MET N   CA   sing N N 259 
MET N   H    sing N N 260 
MET N   H2   sing N N 261 
MET CA  C    sing N N 262 
MET CA  CB   sing N N 263 
MET CA  HA   sing N N 264 
MET C   O    doub N N 265 
MET C   OXT  sing N N 266 
MET CB  CG   sing N N 267 
MET CB  HB2  sing N N 268 
MET CB  HB3  sing N N 269 
MET CG  SD   sing N N 270 
MET CG  HG2  sing N N 271 
MET CG  HG3  sing N N 272 
MET SD  CE   sing N N 273 
MET CE  HE1  sing N N 274 
MET CE  HE2  sing N N 275 
MET CE  HE3  sing N N 276 
MET OXT HXT  sing N N 277 
PHE N   CA   sing N N 278 
PHE N   H    sing N N 279 
PHE N   H2   sing N N 280 
PHE CA  C    sing N N 281 
PHE CA  CB   sing N N 282 
PHE CA  HA   sing N N 283 
PHE C   O    doub N N 284 
PHE C   OXT  sing N N 285 
PHE CB  CG   sing N N 286 
PHE CB  HB2  sing N N 287 
PHE CB  HB3  sing N N 288 
PHE CG  CD1  doub Y N 289 
PHE CG  CD2  sing Y N 290 
PHE CD1 CE1  sing Y N 291 
PHE CD1 HD1  sing N N 292 
PHE CD2 CE2  doub Y N 293 
PHE CD2 HD2  sing N N 294 
PHE CE1 CZ   doub Y N 295 
PHE CE1 HE1  sing N N 296 
PHE CE2 CZ   sing Y N 297 
PHE CE2 HE2  sing N N 298 
PHE CZ  HZ   sing N N 299 
PHE OXT HXT  sing N N 300 
PRO N   CA   sing N N 301 
PRO N   CD   sing N N 302 
PRO N   H    sing N N 303 
PRO CA  C    sing N N 304 
PRO CA  CB   sing N N 305 
PRO CA  HA   sing N N 306 
PRO C   O    doub N N 307 
PRO C   OXT  sing N N 308 
PRO CB  CG   sing N N 309 
PRO CB  HB2  sing N N 310 
PRO CB  HB3  sing N N 311 
PRO CG  CD   sing N N 312 
PRO CG  HG2  sing N N 313 
PRO CG  HG3  sing N N 314 
PRO CD  HD2  sing N N 315 
PRO CD  HD3  sing N N 316 
PRO OXT HXT  sing N N 317 
SER N   CA   sing N N 318 
SER N   H    sing N N 319 
SER N   H2   sing N N 320 
SER CA  C    sing N N 321 
SER CA  CB   sing N N 322 
SER CA  HA   sing N N 323 
SER C   O    doub N N 324 
SER C   OXT  sing N N 325 
SER CB  OG   sing N N 326 
SER CB  HB2  sing N N 327 
SER CB  HB3  sing N N 328 
SER OG  HG   sing N N 329 
SER OXT HXT  sing N N 330 
THR N   CA   sing N N 331 
THR N   H    sing N N 332 
THR N   H2   sing N N 333 
THR CA  C    sing N N 334 
THR CA  CB   sing N N 335 
THR CA  HA   sing N N 336 
THR C   O    doub N N 337 
THR C   OXT  sing N N 338 
THR CB  OG1  sing N N 339 
THR CB  CG2  sing N N 340 
THR CB  HB   sing N N 341 
THR OG1 HG1  sing N N 342 
THR CG2 HG21 sing N N 343 
THR CG2 HG22 sing N N 344 
THR CG2 HG23 sing N N 345 
THR OXT HXT  sing N N 346 
TYR N   CA   sing N N 347 
TYR N   H    sing N N 348 
TYR N   H2   sing N N 349 
TYR CA  C    sing N N 350 
TYR CA  CB   sing N N 351 
TYR CA  HA   sing N N 352 
TYR C   O    doub N N 353 
TYR C   OXT  sing N N 354 
TYR CB  CG   sing N N 355 
TYR CB  HB2  sing N N 356 
TYR CB  HB3  sing N N 357 
TYR CG  CD1  doub Y N 358 
TYR CG  CD2  sing Y N 359 
TYR CD1 CE1  sing Y N 360 
TYR CD1 HD1  sing N N 361 
TYR CD2 CE2  doub Y N 362 
TYR CD2 HD2  sing N N 363 
TYR CE1 CZ   doub Y N 364 
TYR CE1 HE1  sing N N 365 
TYR CE2 CZ   sing Y N 366 
TYR CE2 HE2  sing N N 367 
TYR CZ  OH   sing N N 368 
TYR OH  HH   sing N N 369 
TYR OXT HXT  sing N N 370 
VAL N   CA   sing N N 371 
VAL N   H    sing N N 372 
VAL N   H2   sing N N 373 
VAL CA  C    sing N N 374 
VAL CA  CB   sing N N 375 
VAL CA  HA   sing N N 376 
VAL C   O    doub N N 377 
VAL C   OXT  sing N N 378 
VAL CB  CG1  sing N N 379 
VAL CB  CG2  sing N N 380 
VAL CB  HB   sing N N 381 
VAL CG1 HG11 sing N N 382 
VAL CG1 HG12 sing N N 383 
VAL CG1 HG13 sing N N 384 
VAL CG2 HG21 sing N N 385 
VAL CG2 HG22 sing N N 386 
VAL CG2 HG23 sing N N 387 
VAL OXT HXT  sing N N 388 
# 
_atom_sites.entry_id                    2DPK 
_atom_sites.fract_transf_matrix[1][1]   0.00988694 
_atom_sites.fract_transf_matrix[1][2]   -0.00372951 
_atom_sites.fract_transf_matrix[1][3]   -0.01302456 
_atom_sites.fract_transf_matrix[2][1]   -0.01399225 
_atom_sites.fract_transf_matrix[2][2]   -0.01579664 
_atom_sites.fract_transf_matrix[2][3]   -0.00609824 
_atom_sites.fract_transf_matrix[3][1]   -0.00867334 
_atom_sites.fract_transf_matrix[3][2]   0.01149500 
_atom_sites.fract_transf_matrix[3][3]   -0.00987546 
_atom_sites.fract_transf_vector[1]      0.131347 
_atom_sites.fract_transf_vector[2]      0.164343 
_atom_sites.fract_transf_vector[3]      0.522046 
# 
loop_
_atom_type.symbol 
C  
CA 
N  
O  
S  
# 
loop_
_atom_site.group_PDB 
_atom_site.id 
_atom_site.type_symbol 
_atom_site.label_atom_id 
_atom_site.label_alt_id 
_atom_site.label_comp_id 
_atom_site.label_asym_id 
_atom_site.label_entity_id 
_atom_site.label_seq_id 
_atom_site.pdbx_PDB_ins_code 
_atom_site.Cartn_x 
_atom_site.Cartn_y 
_atom_site.Cartn_z 
_atom_site.occupancy 
_atom_site.B_iso_or_equiv 
_atom_site.pdbx_formal_charge 
_atom_site.auth_seq_id 
_atom_site.auth_comp_id 
_atom_site.auth_asym_id 
_atom_site.auth_atom_id 
_atom_site.pdbx_PDB_model_num 
ATOM   1   N  N   . HIS A 1 10  ? -5.754  15.095  -27.247 1.00 89.04 ? 367  HIS A N   1 
ATOM   2   C  CA  . HIS A 1 10  ? -4.993  14.270  -26.259 1.00 87.05 ? 367  HIS A CA  1 
ATOM   3   C  C   . HIS A 1 10  ? -3.490  14.268  -26.596 1.00 83.71 ? 367  HIS A C   1 
ATOM   4   O  O   . HIS A 1 10  ? -2.927  15.326  -26.880 1.00 81.92 ? 367  HIS A O   1 
ATOM   5   C  CB  . HIS A 1 10  ? -5.574  12.848  -26.195 1.00 86.42 ? 367  HIS A CB  1 
ATOM   6   N  N   . GLY A 1 11  ? -2.840  13.104  -26.557 1.00 80.17 ? 368  GLY A N   1 
ATOM   7   C  CA  . GLY A 1 11  ? -1.415  13.001  -26.864 1.00 75.96 ? 368  GLY A CA  1 
ATOM   8   C  C   . GLY A 1 11  ? -0.496  13.587  -25.801 1.00 74.63 ? 368  GLY A C   1 
ATOM   9   O  O   . GLY A 1 11  ? 0.648   13.939  -26.095 1.00 74.92 ? 368  GLY A O   1 
ATOM   10  N  N   . ILE A 1 12  ? -0.992  13.680  -24.569 1.00 70.29 ? 369  ILE A N   1 
ATOM   11  C  CA  . ILE A 1 12  ? -0.210  14.212  -23.448 1.00 67.55 ? 369  ILE A CA  1 
ATOM   12  C  C   . ILE A 1 12  ? -0.125  13.165  -22.338 1.00 62.62 ? 369  ILE A C   1 
ATOM   13  O  O   . ILE A 1 12  ? -1.127  12.529  -22.005 1.00 59.19 ? 369  ILE A O   1 
ATOM   14  C  CB  . ILE A 1 12  ? -0.754  15.574  -22.881 1.00 70.39 ? 369  ILE A CB  1 
ATOM   15  C  CG1 . ILE A 1 12  ? -2.146  15.451  -22.219 1.00 72.58 ? 369  ILE A CG1 1 
ATOM   16  C  CG2 . ILE A 1 12  ? -0.729  16.659  -23.962 1.00 68.99 ? 369  ILE A CG2 1 
ATOM   17  C  CD1 . ILE A 1 12  ? -3.334  15.198  -23.157 1.00 73.47 ? 369  ILE A CD1 1 
ATOM   18  N  N   . PRO A 1 13  ? 1.078   12.973  -21.769 1.00 60.03 ? 370  PRO A N   1 
ATOM   19  C  CA  . PRO A 1 13  ? 1.262   11.973  -20.717 1.00 57.04 ? 370  PRO A CA  1 
ATOM   20  C  C   . PRO A 1 13  ? 0.563   12.330  -19.407 1.00 53.50 ? 370  PRO A C   1 
ATOM   21  O  O   . PRO A 1 13  ? 0.324   13.509  -19.124 1.00 50.02 ? 370  PRO A O   1 
ATOM   22  C  CB  . PRO A 1 13  ? 2.779   11.943  -20.519 1.00 57.70 ? 370  PRO A CB  1 
ATOM   23  C  CG  . PRO A 1 13  ? 3.263   13.247  -21.002 1.00 59.86 ? 370  PRO A CG  1 
ATOM   24  C  CD  . PRO A 1 13  ? 2.331   13.683  -22.082 1.00 59.90 ? 370  PRO A CD  1 
ATOM   25  N  N   . VAL A 1 14  ? 0.245   11.305  -18.621 1.00 49.60 ? 371  VAL A N   1 
ATOM   26  C  CA  . VAL A 1 14  ? -0.422  11.482  -17.335 1.00 47.88 ? 371  VAL A CA  1 
ATOM   27  C  C   . VAL A 1 14  ? 0.345   10.748  -16.244 1.00 47.39 ? 371  VAL A C   1 
ATOM   28  O  O   . VAL A 1 14  ? 1.063   9.788   -16.524 1.00 49.47 ? 371  VAL A O   1 
ATOM   29  C  CB  . VAL A 1 14  ? -1.885  10.968  -17.369 1.00 48.66 ? 371  VAL A CB  1 
ATOM   30  C  CG1 . VAL A 1 14  ? -2.677  11.692  -18.444 1.00 48.53 ? 371  VAL A CG1 1 
ATOM   31  C  CG2 . VAL A 1 14  ? -1.944  9.456   -17.593 1.00 50.57 ? 371  VAL A CG2 1 
ATOM   32  N  N   . SER A 1 15  ? 0.183   11.204  -15.003 1.00 44.25 ? 372  SER A N   1 
ATOM   33  C  CA  . SER A 1 15  ? 0.842   10.584  -13.858 1.00 42.35 ? 372  SER A CA  1 
ATOM   34  C  C   . SER A 1 15  ? 0.183   9.245   -13.531 1.00 41.39 ? 372  SER A C   1 
ATOM   35  O  O   . SER A 1 15  ? -1.030  9.107   -13.642 1.00 44.70 ? 372  SER A O   1 
ATOM   36  C  CB  . SER A 1 15  ? 0.787   11.508  -12.641 1.00 40.86 ? 372  SER A CB  1 
ATOM   37  O  OG  . SER A 1 15  ? 1.429   12.739  -12.910 1.00 39.02 ? 372  SER A OG  1 
ATOM   38  N  N   . LYS A 1 16  ? 0.990   8.265   -13.136 1.00 41.35 ? 373  LYS A N   1 
ATOM   39  C  CA  . LYS A 1 16  ? 0.495   6.929   -12.804 1.00 38.81 ? 373  LYS A CA  1 
ATOM   40  C  C   . LYS A 1 16  ? 0.849   6.580   -11.366 1.00 36.58 ? 373  LYS A C   1 
ATOM   41  O  O   . LYS A 1 16  ? 2.012   6.677   -10.977 1.00 30.86 ? 373  LYS A O   1 
ATOM   42  C  CB  . LYS A 1 16  ? 1.089   5.883   -13.753 1.00 42.02 ? 373  LYS A CB  1 
ATOM   43  C  CG  . LYS A 1 16  ? 0.650   6.025   -15.206 1.00 46.13 ? 373  LYS A CG  1 
ATOM   44  C  CD  . LYS A 1 16  ? -0.846  5.792   -15.376 1.00 51.62 ? 373  LYS A CD  1 
ATOM   45  C  CE  . LYS A 1 16  ? -1.252  5.839   -16.837 1.00 55.48 ? 373  LYS A CE  1 
ATOM   46  N  NZ  . LYS A 1 16  ? -2.713  5.639   -16.990 1.00 62.53 ? 373  LYS A NZ  1 
ATOM   47  N  N   . ILE A 1 17  ? -0.162  6.189   -10.585 1.00 35.51 ? 374  ILE A N   1 
ATOM   48  C  CA  . ILE A 1 17  ? 0.012   5.804   -9.182  1.00 37.59 ? 374  ILE A CA  1 
ATOM   49  C  C   . ILE A 1 17  ? -0.062  4.288   -9.063  1.00 37.84 ? 374  ILE A C   1 
ATOM   50  O  O   . ILE A 1 17  ? -0.972  3.668   -9.603  1.00 38.45 ? 374  ILE A O   1 
ATOM   51  C  CB  . ILE A 1 17  ? -1.088  6.412   -8.264  1.00 38.23 ? 374  ILE A CB  1 
ATOM   52  C  CG1 . ILE A 1 17  ? -1.250  7.917   -8.507  1.00 36.50 ? 374  ILE A CG1 1 
ATOM   53  C  CG2 . ILE A 1 17  ? -0.773  6.139   -6.787  1.00 35.90 ? 374  ILE A CG2 1 
ATOM   54  C  CD1 . ILE A 1 17  ? 0.001   8.717   -8.272  1.00 34.33 ? 374  ILE A CD1 1 
ATOM   55  N  N   . PHE A 1 18  ? 0.888   3.698   -8.345  1.00 37.12 ? 375  PHE A N   1 
ATOM   56  C  CA  . PHE A 1 18  ? 0.929   2.243   -8.181  1.00 38.06 ? 375  PHE A CA  1 
ATOM   57  C  C   . PHE A 1 18  ? 1.917   1.840   -7.090  1.00 34.60 ? 375  PHE A C   1 
ATOM   58  O  O   . PHE A 1 18  ? 2.761   2.638   -6.691  1.00 37.21 ? 375  PHE A O   1 
ATOM   59  C  CB  . PHE A 1 18  ? 1.305   1.562   -9.507  1.00 35.67 ? 375  PHE A CB  1 
ATOM   60  C  CG  . PHE A 1 18  ? 2.555   2.111   -10.138 1.00 34.60 ? 375  PHE A CG  1 
ATOM   61  C  CD1 . PHE A 1 18  ? 2.484   3.157   -11.056 1.00 31.35 ? 375  PHE A CD1 1 
ATOM   62  C  CD2 . PHE A 1 18  ? 3.807   1.588   -9.812  1.00 34.12 ? 375  PHE A CD2 1 
ATOM   63  C  CE1 . PHE A 1 18  ? 3.638   3.674   -11.640 1.00 31.64 ? 375  PHE A CE1 1 
ATOM   64  C  CE2 . PHE A 1 18  ? 4.971   2.099   -10.386 1.00 33.35 ? 375  PHE A CE2 1 
ATOM   65  C  CZ  . PHE A 1 18  ? 4.886   3.143   -11.307 1.00 35.31 ? 375  PHE A CZ  1 
ATOM   66  N  N   . PHE A 1 19  ? 1.794   0.606   -6.605  1.00 40.14 ? 376  PHE A N   1 
ATOM   67  C  CA  . PHE A 1 19  ? 2.733   0.062   -5.618  1.00 39.63 ? 376  PHE A CA  1 
ATOM   68  C  C   . PHE A 1 19  ? 4.034   -0.294  -6.310  1.00 40.28 ? 376  PHE A C   1 
ATOM   69  O  O   . PHE A 1 19  ? 4.028   -0.765  -7.448  1.00 36.90 ? 376  PHE A O   1 
ATOM   70  C  CB  . PHE A 1 19  ? 2.184   -1.204  -4.944  1.00 43.69 ? 376  PHE A CB  1 
ATOM   71  C  CG  . PHE A 1 19  ? 1.188   -0.938  -3.854  1.00 43.80 ? 376  PHE A CG  1 
ATOM   72  C  CD1 . PHE A 1 19  ? -0.154  -1.261  -4.021  1.00 44.31 ? 376  PHE A CD1 1 
ATOM   73  C  CD2 . PHE A 1 19  ? 1.597   -0.384  -2.651  1.00 43.58 ? 376  PHE A CD2 1 
ATOM   74  C  CE1 . PHE A 1 19  ? -1.071  -1.032  -3.004  1.00 43.46 ? 376  PHE A CE1 1 
ATOM   75  C  CE2 . PHE A 1 19  ? 0.685   -0.146  -1.635  1.00 45.94 ? 376  PHE A CE2 1 
ATOM   76  C  CZ  . PHE A 1 19  ? -0.655  -0.468  -1.814  1.00 43.02 ? 376  PHE A CZ  1 
ATOM   77  N  N   . GLU A 1 20  ? 5.150   -0.090  -5.617  1.00 46.12 ? 377  GLU A N   1 
ATOM   78  C  CA  . GLU A 1 20  ? 6.461   -0.405  -6.178  1.00 42.92 ? 377  GLU A CA  1 
ATOM   79  C  C   . GLU A 1 20  ? 6.589   -1.911  -6.442  1.00 44.44 ? 377  GLU A C   1 
ATOM   80  O  O   . GLU A 1 20  ? 7.169   -2.323  -7.450  1.00 42.66 ? 377  GLU A O   1 
ATOM   81  C  CB  . GLU A 1 20  ? 7.572   0.072   -5.242  1.00 42.22 ? 377  GLU A CB  1 
ATOM   82  C  CG  . GLU A 1 20  ? 8.971   -0.004  -5.843  1.00 42.44 ? 377  GLU A CG  1 
ATOM   83  C  CD  . GLU A 1 20  ? 10.033  0.550   -4.920  1.00 45.33 ? 377  GLU A CD  1 
ATOM   84  O  OE1 . GLU A 1 20  ? 9.752   0.693   -3.715  1.00 48.29 ? 377  GLU A OE1 1 
ATOM   85  O  OE2 . GLU A 1 20  ? 11.155  0.839   -5.392  1.00 54.01 ? 377  GLU A OE2 1 
ATOM   86  N  N   . GLN A 1 21  ? 6.042   -2.719  -5.533  1.00 40.21 ? 378  GLN A N   1 
ATOM   87  C  CA  . GLN A 1 21  ? 6.050   -4.176  -5.671  1.00 41.85 ? 378  GLN A CA  1 
ATOM   88  C  C   . GLN A 1 21  ? 4.640   -4.724  -5.552  1.00 37.23 ? 378  GLN A C   1 
ATOM   89  O  O   . GLN A 1 21  ? 3.783   -4.135  -4.892  1.00 41.49 ? 378  GLN A O   1 
ATOM   90  C  CB  . GLN A 1 21  ? 6.908   -4.830  -4.587  1.00 42.10 ? 378  GLN A CB  1 
ATOM   91  C  CG  . GLN A 1 21  ? 8.368   -4.416  -4.581  1.00 47.46 ? 378  GLN A CG  1 
ATOM   92  C  CD  . GLN A 1 21  ? 9.138   -5.030  -3.421  1.00 45.90 ? 378  GLN A CD  1 
ATOM   93  O  OE1 . GLN A 1 21  ? 8.758   -6.075  -2.890  1.00 47.78 ? 378  GLN A OE1 1 
ATOM   94  N  NE2 . GLN A 1 21  ? 10.221  -4.379  -3.020  1.00 42.90 ? 378  GLN A NE2 1 
ATOM   95  N  N   . GLY A 1 22  ? 4.414   -5.872  -6.175  1.00 37.50 ? 379  GLY A N   1 
ATOM   96  C  CA  . GLY A 1 22  ? 3.120   -6.535  -6.118  1.00 34.24 ? 379  GLY A CA  1 
ATOM   97  C  C   . GLY A 1 22  ? 2.931   -7.316  -4.833  1.00 33.67 ? 379  GLY A C   1 
ATOM   98  O  O   . GLY A 1 22  ? 1.815   -7.421  -4.338  1.00 28.86 ? 379  GLY A O   1 
ATOM   99  N  N   . THR A 1 23  ? 4.020   -7.870  -4.293  1.00 38.16 ? 380  THR A N   1 
ATOM   100 C  CA  . THR A 1 23  ? 3.959   -8.665  -3.062  1.00 39.27 ? 380  THR A CA  1 
ATOM   101 C  C   . THR A 1 23  ? 5.019   -8.235  -2.051  1.00 37.71 ? 380  THR A C   1 
ATOM   102 O  O   . THR A 1 23  ? 6.170   -7.983  -2.409  1.00 39.80 ? 380  THR A O   1 
ATOM   103 C  CB  . THR A 1 23  ? 4.142   -10.183 -3.353  1.00 42.39 ? 380  THR A CB  1 
ATOM   104 O  OG1 . THR A 1 23  ? 3.154   -10.620 -4.295  1.00 41.54 ? 380  THR A OG1 1 
ATOM   105 C  CG2 . THR A 1 23  ? 4.022   -11.026 -2.065  1.00 43.15 ? 380  THR A CG2 1 
ATOM   106 N  N   . TYR A 1 24  ? 4.614   -8.162  -0.785  1.00 36.48 ? 381  TYR A N   1 
ATOM   107 C  CA  . TYR A 1 24  ? 5.526   -7.868  0.315   1.00 36.53 ? 381  TYR A CA  1 
ATOM   108 C  C   . TYR A 1 24  ? 5.553   -9.046  1.292   1.00 40.35 ? 381  TYR A C   1 
ATOM   109 O  O   . TYR A 1 24  ? 4.690   -9.928  1.244   1.00 41.69 ? 381  TYR A O   1 
ATOM   110 C  CB  . TYR A 1 24  ? 5.121   -6.572  1.013   1.00 33.56 ? 381  TYR A CB  1 
ATOM   111 C  CG  . TYR A 1 24  ? 5.354   -5.343  0.156   1.00 33.46 ? 381  TYR A CG  1 
ATOM   112 C  CD1 . TYR A 1 24  ? 6.593   -4.709  0.145   1.00 27.12 ? 381  TYR A CD1 1 
ATOM   113 C  CD2 . TYR A 1 24  ? 4.342   -4.820  -0.646  1.00 32.33 ? 381  TYR A CD2 1 
ATOM   114 C  CE1 . TYR A 1 24  ? 6.818   -3.589  -0.631  1.00 32.09 ? 381  TYR A CE1 1 
ATOM   115 C  CE2 . TYR A 1 24  ? 4.559   -3.692  -1.434  1.00 32.33 ? 381  TYR A CE2 1 
ATOM   116 C  CZ  . TYR A 1 24  ? 5.799   -3.083  -1.420  1.00 31.68 ? 381  TYR A CZ  1 
ATOM   117 O  OH  . TYR A 1 24  ? 6.039   -1.973  -2.185  1.00 36.72 ? 381  TYR A OH  1 
ATOM   118 N  N   . GLN A 1 25  ? 6.555   -9.060  2.163   1.00 41.61 ? 382  GLN A N   1 
ATOM   119 C  CA  . GLN A 1 25  ? 6.756   -10.158 3.106   1.00 43.64 ? 382  GLN A CA  1 
ATOM   120 C  C   . GLN A 1 25  ? 7.131   -9.620  4.474   1.00 46.53 ? 382  GLN A C   1 
ATOM   121 O  O   . GLN A 1 25  ? 7.630   -8.498  4.588   1.00 44.68 ? 382  GLN A O   1 
ATOM   122 C  CB  . GLN A 1 25  ? 7.870   -11.082 2.610   1.00 43.23 ? 382  GLN A CB  1 
ATOM   123 C  CG  . GLN A 1 25  ? 7.584   -11.731 1.265   1.00 48.46 ? 382  GLN A CG  1 
ATOM   124 C  CD  . GLN A 1 25  ? 8.718   -12.609 0.758   1.00 49.80 ? 382  GLN A CD  1 
ATOM   125 O  OE1 . GLN A 1 25  ? 8.795   -12.896 -0.438  1.00 51.88 ? 382  GLN A OE1 1 
ATOM   126 N  NE2 . GLN A 1 25  ? 9.599   -13.038 1.657   1.00 50.01 ? 382  GLN A NE2 1 
ATOM   127 N  N   . CYS A 1 26  ? 6.895   -10.425 5.509   1.00 49.92 ? 383  CYS A N   1 
ATOM   128 C  CA  . CYS A 1 26  ? 7.237   -10.040 6.874   1.00 49.68 ? 383  CYS A CA  1 
ATOM   129 C  C   . CYS A 1 26  ? 7.158   -11.254 7.795   1.00 47.13 ? 383  CYS A C   1 
ATOM   130 O  O   . CYS A 1 26  ? 6.256   -12.080 7.654   1.00 45.04 ? 383  CYS A O   1 
ATOM   131 C  CB  . CYS A 1 26  ? 6.260   -8.963  7.380   1.00 54.45 ? 383  CYS A CB  1 
ATOM   132 S  SG  . CYS A 1 26  ? 7.063   -7.511  8.147   1.00 64.44 ? 383  CYS A SG  1 
ATOM   133 N  N   . LEU A 1 27  ? 8.102   -11.373 8.726   1.00 46.89 ? 384  LEU A N   1 
ATOM   134 C  CA  . LEU A 1 27  ? 7.969   -12.364 9.799   1.00 48.41 ? 384  LEU A CA  1 
ATOM   135 C  C   . LEU A 1 27  ? 6.903   -11.827 10.741  1.00 45.62 ? 384  LEU A C   1 
ATOM   136 O  O   . LEU A 1 27  ? 6.644   -10.625 10.782  1.00 44.57 ? 384  LEU A O   1 
ATOM   137 C  CB  . LEU A 1 27  ? 9.275   -12.579 10.576  1.00 50.91 ? 384  LEU A CB  1 
ATOM   138 C  CG  . LEU A 1 27  ? 10.320  -13.570 10.051  1.00 58.38 ? 384  LEU A CG  1 
ATOM   139 C  CD1 . LEU A 1 27  ? 9.744   -14.987 9.986   1.00 59.35 ? 384  LEU A CD1 1 
ATOM   140 C  CD2 . LEU A 1 27  ? 10.876  -13.136 8.695   1.00 61.43 ? 384  LEU A CD2 1 
ATOM   141 N  N   . GLU A 1 28  ? 6.287   -12.713 11.509  1.00 41.26 ? 385  GLU A N   1 
ATOM   142 C  CA  . GLU A 1 28  ? 5.235   -12.305 12.426  1.00 42.93 ? 385  GLU A CA  1 
ATOM   143 C  C   . GLU A 1 28  ? 5.748   -11.370 13.533  1.00 44.67 ? 385  GLU A C   1 
ATOM   144 O  O   . GLU A 1 28  ? 4.969   -10.614 14.113  1.00 40.35 ? 385  GLU A O   1 
ATOM   145 C  CB  . GLU A 1 28  ? 4.561   -13.536 13.024  1.00 45.13 ? 385  GLU A CB  1 
ATOM   146 C  CG  . GLU A 1 28  ? 3.339   -13.215 13.851  1.00 48.63 ? 385  GLU A CG  1 
ATOM   147 C  CD  . GLU A 1 28  ? 2.576   -14.439 14.277  1.00 47.54 ? 385  GLU A CD  1 
ATOM   148 O  OE1 . GLU A 1 28  ? 2.688   -15.487 13.612  1.00 55.30 ? 385  GLU A OE1 1 
ATOM   149 O  OE2 . GLU A 1 28  ? 1.844   -14.355 15.278  1.00 45.97 ? 385  GLU A OE2 1 
ATOM   150 N  N   . ASN A 1 29  ? 7.053   -11.415 13.810  1.00 48.43 ? 386  ASN A N   1 
ATOM   151 C  CA  . ASN A 1 29  ? 7.673   -10.543 14.816  1.00 51.06 ? 386  ASN A CA  1 
ATOM   152 C  C   . ASN A 1 29  ? 8.292   -9.261  14.244  1.00 52.88 ? 386  ASN A C   1 
ATOM   153 O  O   . ASN A 1 29  ? 9.010   -8.553  14.956  1.00 52.17 ? 386  ASN A O   1 
ATOM   154 C  CB  . ASN A 1 29  ? 8.757   -11.311 15.583  1.00 50.63 ? 386  ASN A CB  1 
ATOM   155 C  CG  . ASN A 1 29  ? 10.004  -11.576 14.743  1.00 50.96 ? 386  ASN A CG  1 
ATOM   156 O  OD1 . ASN A 1 29  ? 9.980   -11.491 13.512  1.00 46.20 ? 386  ASN A OD1 1 
ATOM   157 N  ND2 . ASN A 1 29  ? 11.103  -11.901 15.415  1.00 49.81 ? 386  ASN A ND2 1 
ATOM   158 N  N   . CYS A 1 30  ? 8.019   -8.960  12.975  1.00 54.54 ? 387  CYS A N   1 
ATOM   159 C  CA  . CYS A 1 30  ? 8.622   -7.800  12.310  1.00 54.17 ? 387  CYS A CA  1 
ATOM   160 C  C   . CYS A 1 30  ? 8.071   -6.445  12.774  1.00 52.23 ? 387  CYS A C   1 
ATOM   161 O  O   . CYS A 1 30  ? 8.626   -5.403  12.418  1.00 51.06 ? 387  CYS A O   1 
ATOM   162 C  CB  . CYS A 1 30  ? 8.478   -7.917  10.790  1.00 55.45 ? 387  CYS A CB  1 
ATOM   163 S  SG  . CYS A 1 30  ? 6.800   -7.678  10.168  1.00 62.85 ? 387  CYS A SG  1 
ATOM   164 N  N   . GLY A 1 31  ? 6.990   -6.454  13.553  1.00 47.27 ? 388  GLY A N   1 
ATOM   165 C  CA  . GLY A 1 31  ? 6.403   -5.218  14.066  1.00 44.60 ? 388  GLY A CA  1 
ATOM   166 C  C   . GLY A 1 31  ? 5.501   -4.567  13.040  1.00 43.20 ? 388  GLY A C   1 
ATOM   167 O  O   . GLY A 1 31  ? 4.284   -4.543  13.205  1.00 44.22 ? 388  GLY A O   1 
ATOM   168 N  N   . THR A 1 32  ? 6.100   -4.021  11.985  1.00 45.64 ? 389  THR A N   1 
ATOM   169 C  CA  . THR A 1 32  ? 5.341   -3.420  10.885  1.00 48.54 ? 389  THR A CA  1 
ATOM   170 C  C   . THR A 1 32  ? 5.966   -3.781  9.545   1.00 46.01 ? 389  THR A C   1 
ATOM   171 O  O   . THR A 1 32  ? 7.178   -3.997  9.458   1.00 39.48 ? 389  THR A O   1 
ATOM   172 C  CB  . THR A 1 32  ? 5.296   -1.882  10.975  1.00 50.11 ? 389  THR A CB  1 
ATOM   173 O  OG1 . THR A 1 32  ? 6.620   -1.358  10.824  1.00 53.29 ? 389  THR A OG1 1 
ATOM   174 C  CG2 . THR A 1 32  ? 4.717   -1.416  12.309  1.00 52.49 ? 389  THR A CG2 1 
ATOM   175 N  N   . VAL A 1 33  ? 5.126   -3.843  8.511   1.00 42.88 ? 390  VAL A N   1 
ATOM   176 C  CA  . VAL A 1 33  ? 5.575   -4.091  7.142   1.00 42.42 ? 390  VAL A CA  1 
ATOM   177 C  C   . VAL A 1 33  ? 5.443   -2.788  6.348   1.00 39.15 ? 390  VAL A C   1 
ATOM   178 O  O   . VAL A 1 33  ? 4.469   -2.046  6.510   1.00 36.24 ? 390  VAL A O   1 
ATOM   179 C  CB  . VAL A 1 33  ? 4.781   -5.252  6.449   1.00 46.87 ? 390  VAL A CB  1 
ATOM   180 C  CG1 . VAL A 1 33  ? 3.294   -4.902  6.266   1.00 42.27 ? 390  VAL A CG1 1 
ATOM   181 C  CG2 . VAL A 1 33  ? 5.420   -5.610  5.100   1.00 43.89 ? 390  VAL A CG2 1 
ATOM   182 N  N   . ALA A 1 34  ? 6.415   -2.529  5.478   1.00 39.98 ? 391  ALA A N   1 
ATOM   183 C  CA  . ALA A 1 34  ? 6.470   -1.290  4.704   1.00 35.86 ? 391  ALA A CA  1 
ATOM   184 C  C   . ALA A 1 34  ? 6.149   -1.485  3.222   1.00 36.40 ? 391  ALA A C   1 
ATOM   185 O  O   . ALA A 1 34  ? 6.784   -2.297  2.544   1.00 37.33 ? 391  ALA A O   1 
ATOM   186 C  CB  . ALA A 1 34  ? 7.845   -0.676  4.846   1.00 36.58 ? 391  ALA A CB  1 
ATOM   187 N  N   . LEU A 1 35  ? 5.169   -0.728  2.726   1.00 36.70 ? 392  LEU A N   1 
ATOM   188 C  CA  . LEU A 1 35  ? 4.816   -0.730  1.303   1.00 31.06 ? 392  LEU A CA  1 
ATOM   189 C  C   . LEU A 1 35  ? 5.131   0.648   0.736   1.00 36.07 ? 392  LEU A C   1 
ATOM   190 O  O   . LEU A 1 35  ? 4.942   1.657   1.418   1.00 40.94 ? 392  LEU A O   1 
ATOM   191 C  CB  . LEU A 1 35  ? 3.334   -1.048  1.082   1.00 32.64 ? 392  LEU A CB  1 
ATOM   192 C  CG  . LEU A 1 35  ? 2.784   -2.387  1.591   1.00 34.34 ? 392  LEU A CG  1 
ATOM   193 C  CD1 . LEU A 1 35  ? 2.390   -2.309  3.068   1.00 33.10 ? 392  LEU A CD1 1 
ATOM   194 C  CD2 . LEU A 1 35  ? 1.576   -2.828  0.756   1.00 34.56 ? 392  LEU A CD2 1 
ATOM   195 N  N   . THR A 1 36  ? 5.609   0.688   -0.506  1.00 35.79 ? 393  THR A N   1 
ATOM   196 C  CA  . THR A 1 36  ? 5.969   1.944   -1.155  1.00 37.54 ? 393  THR A CA  1 
ATOM   197 C  C   . THR A 1 36  ? 5.029   2.225   -2.324  1.00 36.85 ? 393  THR A C   1 
ATOM   198 O  O   . THR A 1 36  ? 4.894   1.401   -3.234  1.00 37.75 ? 393  THR A O   1 
ATOM   199 C  CB  . THR A 1 36  ? 7.440   1.928   -1.643  1.00 39.06 ? 393  THR A CB  1 
ATOM   200 O  OG1 . THR A 1 36  ? 8.317   1.768   -0.521  1.00 41.42 ? 393  THR A OG1 1 
ATOM   201 C  CG2 . THR A 1 36  ? 7.799   3.229   -2.362  1.00 41.03 ? 393  THR A CG2 1 
ATOM   202 N  N   . ILE A 1 37  ? 4.382   3.388   -2.281  1.00 36.37 ? 394  ILE A N   1 
ATOM   203 C  CA  . ILE A 1 37  ? 3.474   3.835   -3.339  1.00 36.51 ? 394  ILE A CA  1 
ATOM   204 C  C   . ILE A 1 37  ? 4.271   4.746   -4.260  1.00 37.61 ? 394  ILE A C   1 
ATOM   205 O  O   . ILE A 1 37  ? 4.977   5.640   -3.787  1.00 33.84 ? 394  ILE A O   1 
ATOM   206 C  CB  . ILE A 1 37  ? 2.274   4.623   -2.773  1.00 39.25 ? 394  ILE A CB  1 
ATOM   207 C  CG1 . ILE A 1 37  ? 1.562   3.807   -1.689  1.00 42.69 ? 394  ILE A CG1 1 
ATOM   208 C  CG2 . ILE A 1 37  ? 1.299   4.988   -3.897  1.00 41.47 ? 394  ILE A CG2 1 
ATOM   209 C  CD1 . ILE A 1 37  ? 0.516   4.583   -0.922  1.00 43.97 ? 394  ILE A CD1 1 
ATOM   210 N  N   . ILE A 1 38  ? 4.141   4.522   -5.566  1.00 31.77 ? 395  ILE A N   1 
ATOM   211 C  CA  . ILE A 1 38  ? 4.908   5.251   -6.566  1.00 33.12 ? 395  ILE A CA  1 
ATOM   212 C  C   . ILE A 1 38  ? 4.035   6.205   -7.374  1.00 34.32 ? 395  ILE A C   1 
ATOM   213 O  O   . ILE A 1 38  ? 2.869   5.932   -7.632  1.00 36.32 ? 395  ILE A O   1 
ATOM   214 C  CB  . ILE A 1 38  ? 5.613   4.262   -7.544  1.00 36.83 ? 395  ILE A CB  1 
ATOM   215 C  CG1 . ILE A 1 38  ? 6.648   3.397   -6.806  1.00 37.55 ? 395  ILE A CG1 1 
ATOM   216 C  CG2 . ILE A 1 38  ? 6.278   5.000   -8.717  1.00 35.96 ? 395  ILE A CG2 1 
ATOM   217 C  CD1 . ILE A 1 38  ? 7.744   4.174   -6.095  1.00 37.05 ? 395  ILE A CD1 1 
ATOM   218 N  N   . ARG A 1 39  ? 4.632   7.324   -7.777  1.00 35.73 ? 396  ARG A N   1 
ATOM   219 C  CA  . ARG A 1 39  ? 3.989   8.282   -8.666  1.00 36.19 ? 396  ARG A CA  1 
ATOM   220 C  C   . ARG A 1 39  ? 4.930   8.535   -9.832  1.00 35.29 ? 396  ARG A C   1 
ATOM   221 O  O   . ARG A 1 39  ? 6.031   9.055   -9.638  1.00 33.07 ? 396  ARG A O   1 
ATOM   222 C  CB  . ARG A 1 39  ? 3.742   9.603   -7.962  1.00 36.72 ? 396  ARG A CB  1 
ATOM   223 C  CG  . ARG A 1 39  ? 2.607   10.381  -8.572  1.00 38.96 ? 396  ARG A CG  1 
ATOM   224 C  CD  . ARG A 1 39  ? 2.958   11.782  -8.974  1.00 36.77 ? 396  ARG A CD  1 
ATOM   225 N  NE  . ARG A 1 39  ? 3.575   12.580  -7.916  1.00 35.47 ? 396  ARG A NE  1 
ATOM   226 C  CZ  . ARG A 1 39  ? 3.477   13.907  -7.828  1.00 36.21 ? 396  ARG A CZ  1 
ATOM   227 N  NH1 . ARG A 1 39  ? 2.736   14.595  -8.690  1.00 37.67 ? 396  ARG A NH1 1 
ATOM   228 N  NH2 . ARG A 1 39  ? 4.092   14.559  -6.852  1.00 36.55 ? 396  ARG A NH2 1 
ATOM   229 N  N   . ARG A 1 40  ? 4.504   8.194   -11.042 1.00 36.56 ? 397  ARG A N   1 
ATOM   230 C  CA  . ARG A 1 40  ? 5.386   8.294   -12.194 1.00 36.94 ? 397  ARG A CA  1 
ATOM   231 C  C   . ARG A 1 40  ? 4.879   9.200   -13.301 1.00 36.09 ? 397  ARG A C   1 
ATOM   232 O  O   . ARG A 1 40  ? 3.696   9.209   -13.626 1.00 40.12 ? 397  ARG A O   1 
ATOM   233 C  CB  . ARG A 1 40  ? 5.641   6.903   -12.775 1.00 41.40 ? 397  ARG A CB  1 
ATOM   234 C  CG  . ARG A 1 40  ? 6.367   6.929   -14.119 1.00 44.09 ? 397  ARG A CG  1 
ATOM   235 C  CD  . ARG A 1 40  ? 6.556   5.554   -14.680 1.00 46.29 ? 397  ARG A CD  1 
ATOM   236 N  NE  . ARG A 1 40  ? 7.460   4.763   -13.856 1.00 51.17 ? 397  ARG A NE  1 
ATOM   237 C  CZ  . ARG A 1 40  ? 7.828   3.518   -14.136 1.00 53.75 ? 397  ARG A CZ  1 
ATOM   238 N  NH1 . ARG A 1 40  ? 7.372   2.917   -15.228 1.00 56.18 ? 397  ARG A NH1 1 
ATOM   239 N  NH2 . ARG A 1 40  ? 8.656   2.872   -13.323 1.00 53.21 ? 397  ARG A NH2 1 
ATOM   240 N  N   . GLY A 1 41  ? 5.809   9.946   -13.889 1.00 37.41 ? 398  GLY A N   1 
ATOM   241 C  CA  . GLY A 1 41  ? 5.541   10.745  -15.071 1.00 39.95 ? 398  GLY A CA  1 
ATOM   242 C  C   . GLY A 1 41  ? 4.522   11.848  -14.913 1.00 39.98 ? 398  GLY A C   1 
ATOM   243 O  O   . GLY A 1 41  ? 4.204   12.276  -13.801 1.00 37.83 ? 398  GLY A O   1 
ATOM   244 N  N   . GLY A 1 42  ? 4.018   12.310  -16.055 1.00 40.15 ? 399  GLY A N   1 
ATOM   245 C  CA  . GLY A 1 42  ? 3.064   13.399  -16.097 1.00 39.50 ? 399  GLY A CA  1 
ATOM   246 C  C   . GLY A 1 42  ? 3.688   14.680  -15.583 1.00 40.14 ? 399  GLY A C   1 
ATOM   247 O  O   . GLY A 1 42  ? 4.903   14.878  -15.682 1.00 37.84 ? 399  GLY A O   1 
ATOM   248 N  N   . ASP A 1 43  ? 2.845   15.544  -15.029 1.00 40.42 ? 400  ASP A N   1 
ATOM   249 C  CA  . ASP A 1 43  ? 3.277   16.813  -14.469 1.00 37.06 ? 400  ASP A CA  1 
ATOM   250 C  C   . ASP A 1 43  ? 3.470   16.626  -12.970 1.00 27.29 ? 400  ASP A C   1 
ATOM   251 O  O   . ASP A 1 43  ? 2.502   16.614  -12.209 1.00 23.39 ? 400  ASP A O   1 
ATOM   252 C  CB  . ASP A 1 43  ? 2.229   17.896  -14.762 1.00 39.13 ? 400  ASP A CB  1 
ATOM   253 C  CG  . ASP A 1 43  ? 2.644   19.272  -14.270 1.00 41.04 ? 400  ASP A CG  1 
ATOM   254 O  OD1 . ASP A 1 43  ? 2.066   20.273  -14.748 1.00 47.59 ? 400  ASP A OD1 1 
ATOM   255 O  OD2 . ASP A 1 43  ? 3.544   19.359  -13.413 1.00 43.28 ? 400  ASP A OD2 1 
ATOM   256 N  N   . LEU A 1 44  ? 4.723   16.492  -12.549 1.00 30.43 ? 401  LEU A N   1 
ATOM   257 C  CA  . LEU A 1 44  ? 5.030   16.250  -11.132 1.00 35.25 ? 401  LEU A CA  1 
ATOM   258 C  C   . LEU A 1 44  ? 4.988   17.502  -10.239 1.00 35.39 ? 401  LEU A C   1 
ATOM   259 O  O   . LEU A 1 44  ? 5.285   17.412  -9.042  1.00 37.59 ? 401  LEU A O   1 
ATOM   260 C  CB  . LEU A 1 44  ? 6.373   15.520  -10.988 1.00 35.71 ? 401  LEU A CB  1 
ATOM   261 C  CG  . LEU A 1 44  ? 6.419   14.080  -11.517 1.00 38.90 ? 401  LEU A CG  1 
ATOM   262 C  CD1 . LEU A 1 44  ? 7.837   13.518  -11.423 1.00 38.62 ? 401  LEU A CD1 1 
ATOM   263 C  CD2 . LEU A 1 44  ? 5.452   13.169  -10.772 1.00 38.67 ? 401  LEU A CD2 1 
ATOM   264 N  N   . THR A 1 45  ? 4.613   18.655  -10.803 1.00 28.67 ? 402  THR A N   1 
ATOM   265 C  CA  . THR A 1 45  ? 4.432   19.875  -10.009 1.00 30.05 ? 402  THR A CA  1 
ATOM   266 C  C   . THR A 1 45  ? 3.078   19.875  -9.298  1.00 30.24 ? 402  THR A C   1 
ATOM   267 O  O   . THR A 1 45  ? 2.857   20.668  -8.385  1.00 33.88 ? 402  THR A O   1 
ATOM   268 C  CB  . THR A 1 45  ? 4.521   21.165  -10.860 1.00 28.22 ? 402  THR A CB  1 
ATOM   269 O  OG1 . THR A 1 45  ? 3.440   21.208  -11.801 1.00 31.19 ? 402  THR A OG1 1 
ATOM   270 C  CG2 . THR A 1 45  ? 5.850   21.249  -11.591 1.00 28.73 ? 402  THR A CG2 1 
ATOM   271 N  N   . ASN A 1 46  ? 2.169   19.004  -9.734  1.00 30.63 ? 403  ASN A N   1 
ATOM   272 C  CA  . ASN A 1 46  ? 0.851   18.888  -9.114  1.00 35.24 ? 403  ASN A CA  1 
ATOM   273 C  C   . ASN A 1 46  ? 0.921   18.235  -7.741  1.00 34.83 ? 403  ASN A C   1 
ATOM   274 O  O   . ASN A 1 46  ? 1.895   17.554  -7.402  1.00 33.08 ? 403  ASN A O   1 
ATOM   275 C  CB  . ASN A 1 46  ? -0.098  18.052  -9.988  1.00 38.39 ? 403  ASN A CB  1 
ATOM   276 C  CG  . ASN A 1 46  ? -0.368  18.678  -11.350 1.00 43.79 ? 403  ASN A CG  1 
ATOM   277 O  OD1 . ASN A 1 46  ? -0.712  17.978  -12.303 1.00 45.29 ? 403  ASN A OD1 1 
ATOM   278 N  ND2 . ASN A 1 46  ? -0.214  19.995  -11.448 1.00 47.82 ? 403  ASN A ND2 1 
ATOM   279 N  N   . THR A 1 47  ? -0.125  18.457  -6.953  1.00 35.12 ? 404  THR A N   1 
ATOM   280 C  CA  . THR A 1 47  ? -0.286  17.781  -5.680  1.00 30.05 ? 404  THR A CA  1 
ATOM   281 C  C   . THR A 1 47  ? -1.305  16.678  -5.946  1.00 27.14 ? 404  THR A C   1 
ATOM   282 O  O   . THR A 1 47  ? -2.400  16.943  -6.444  1.00 24.40 ? 404  THR A O   1 
ATOM   283 C  CB  . THR A 1 47  ? -0.773  18.736  -4.568  1.00 32.54 ? 404  THR A CB  1 
ATOM   284 O  OG1 . THR A 1 47  ? 0.146   19.831  -4.434  1.00 30.69 ? 404  THR A OG1 1 
ATOM   285 C  CG2 . THR A 1 47  ? -0.877  18.003  -3.228  1.00 36.80 ? 404  THR A CG2 1 
ATOM   286 N  N   . VAL A 1 48  ? -0.931  15.439  -5.641  1.00 33.25 ? 405  VAL A N   1 
ATOM   287 C  CA  . VAL A 1 48  ? -1.791  14.282  -5.889  1.00 33.92 ? 405  VAL A CA  1 
ATOM   288 C  C   . VAL A 1 48  ? -2.134  13.556  -4.587  1.00 35.71 ? 405  VAL A C   1 
ATOM   289 O  O   . VAL A 1 48  ? -1.251  13.242  -3.783  1.00 31.47 ? 405  VAL A O   1 
ATOM   290 C  CB  . VAL A 1 48  ? -1.119  13.284  -6.869  1.00 35.58 ? 405  VAL A CB  1 
ATOM   291 C  CG1 . VAL A 1 48  ? -2.028  12.065  -7.136  1.00 35.50 ? 405  VAL A CG1 1 
ATOM   292 C  CG2 . VAL A 1 48  ? -0.758  13.983  -8.181  1.00 30.91 ? 405  VAL A CG2 1 
ATOM   293 N  N   . PHE A 1 49  ? -3.426  13.295  -4.401  1.00 39.90 ? 406  PHE A N   1 
ATOM   294 C  CA  . PHE A 1 49  ? -3.936  12.544  -3.261  1.00 38.36 ? 406  PHE A CA  1 
ATOM   295 C  C   . PHE A 1 49  ? -4.314  11.139  -3.701  1.00 36.07 ? 406  PHE A C   1 
ATOM   296 O  O   . PHE A 1 49  ? -4.972  10.975  -4.723  1.00 36.91 ? 406  PHE A O   1 
ATOM   297 C  CB  . PHE A 1 49  ? -5.195  13.211  -2.703  1.00 43.37 ? 406  PHE A CB  1 
ATOM   298 C  CG  . PHE A 1 49  ? -4.941  14.494  -1.975  1.00 45.22 ? 406  PHE A CG  1 
ATOM   299 C  CD1 . PHE A 1 49  ? -4.889  15.702  -2.659  1.00 45.46 ? 406  PHE A CD1 1 
ATOM   300 C  CD2 . PHE A 1 49  ? -4.779  14.499  -0.598  1.00 47.72 ? 406  PHE A CD2 1 
ATOM   301 C  CE1 . PHE A 1 49  ? -4.664  16.888  -1.983  1.00 44.84 ? 406  PHE A CE1 1 
ATOM   302 C  CE2 . PHE A 1 49  ? -4.553  15.685  0.085   1.00 50.88 ? 406  PHE A CE2 1 
ATOM   303 C  CZ  . PHE A 1 49  ? -4.495  16.882  -0.610  1.00 47.39 ? 406  PHE A CZ  1 
ATOM   304 N  N   . VAL A 1 50  ? -3.908  10.132  -2.928  1.00 38.90 ? 407  VAL A N   1 
ATOM   305 C  CA  . VAL A 1 50  ? -4.346  8.753   -3.158  1.00 37.75 ? 407  VAL A CA  1 
ATOM   306 C  C   . VAL A 1 50  ? -4.678  8.066   -1.826  1.00 40.02 ? 407  VAL A C   1 
ATOM   307 O  O   . VAL A 1 50  ? -3.904  8.135   -0.869  1.00 40.54 ? 407  VAL A O   1 
ATOM   308 C  CB  . VAL A 1 50  ? -3.305  7.936   -3.962  1.00 42.56 ? 407  VAL A CB  1 
ATOM   309 C  CG1 . VAL A 1 50  ? -2.011  7.763   -3.193  1.00 46.58 ? 407  VAL A CG1 1 
ATOM   310 C  CG2 . VAL A 1 50  ? -3.879  6.576   -4.357  1.00 44.88 ? 407  VAL A CG2 1 
ATOM   311 N  N   . ASP A 1 51  ? -5.843  7.424   -1.762  1.00 35.50 ? 408  ASP A N   1 
ATOM   312 C  CA  . ASP A 1 51  ? -6.249  6.696   -0.562  1.00 37.14 ? 408  ASP A CA  1 
ATOM   313 C  C   . ASP A 1 51  ? -5.679  5.285   -0.577  1.00 33.54 ? 408  ASP A C   1 
ATOM   314 O  O   . ASP A 1 51  ? -5.429  4.722   -1.641  1.00 41.07 ? 408  ASP A O   1 
ATOM   315 C  CB  . ASP A 1 51  ? -7.778  6.607   -0.469  1.00 41.41 ? 408  ASP A CB  1 
ATOM   316 C  CG  . ASP A 1 51  ? -8.450  7.966   -0.321  1.00 39.46 ? 408  ASP A CG  1 
ATOM   317 O  OD1 . ASP A 1 51  ? -7.755  8.963   -0.044  1.00 40.33 ? 408  ASP A OD1 1 
ATOM   318 O  OD2 . ASP A 1 51  ? -9.691  8.028   -0.472  1.00 38.97 ? 408  ASP A OD2 1 
ATOM   319 N  N   . PHE A 1 52  ? -5.474  4.719   0.608   1.00 39.01 ? 409  PHE A N   1 
ATOM   320 C  CA  . PHE A 1 52  ? -5.032  3.326   0.744   1.00 37.97 ? 409  PHE A CA  1 
ATOM   321 C  C   . PHE A 1 52  ? -5.841  2.652   1.850   1.00 39.55 ? 409  PHE A C   1 
ATOM   322 O  O   . PHE A 1 52  ? -6.360  3.323   2.749   1.00 37.44 ? 409  PHE A O   1 
ATOM   323 C  CB  . PHE A 1 52  ? -3.518  3.220   0.996   1.00 39.97 ? 409  PHE A CB  1 
ATOM   324 C  CG  . PHE A 1 52  ? -3.089  3.612   2.385   1.00 39.03 ? 409  PHE A CG  1 
ATOM   325 C  CD1 . PHE A 1 52  ? -2.932  2.646   3.376   1.00 41.82 ? 409  PHE A CD1 1 
ATOM   326 C  CD2 . PHE A 1 52  ? -2.818  4.939   2.699   1.00 40.03 ? 409  PHE A CD2 1 
ATOM   327 C  CE1 . PHE A 1 52  ? -2.533  3.001   4.669   1.00 40.28 ? 409  PHE A CE1 1 
ATOM   328 C  CE2 . PHE A 1 52  ? -2.414  5.304   3.994   1.00 41.25 ? 409  PHE A CE2 1 
ATOM   329 C  CZ  . PHE A 1 52  ? -2.270  4.332   4.976   1.00 38.20 ? 409  PHE A CZ  1 
ATOM   330 N  N   . ARG A 1 53  ? -5.955  1.330   1.772   1.00 38.26 ? 410  ARG A N   1 
ATOM   331 C  CA  . ARG A 1 53  ? -6.792  0.577   2.700   1.00 41.05 ? 410  ARG A CA  1 
ATOM   332 C  C   . ARG A 1 53  ? -6.473  -0.917  2.635   1.00 40.37 ? 410  ARG A C   1 
ATOM   333 O  O   . ARG A 1 53  ? -6.220  -1.456  1.557   1.00 41.25 ? 410  ARG A O   1 
ATOM   334 C  CB  . ARG A 1 53  ? -8.267  0.816   2.352   1.00 44.00 ? 410  ARG A CB  1 
ATOM   335 C  CG  . ARG A 1 53  ? -9.281  0.068   3.207   1.00 48.77 ? 410  ARG A CG  1 
ATOM   336 C  CD  . ARG A 1 53  ? -10.694 0.369   2.733   1.00 55.97 ? 410  ARG A CD  1 
ATOM   337 N  NE  . ARG A 1 53  ? -11.719 -0.226  3.592   1.00 64.57 ? 410  ARG A NE  1 
ATOM   338 C  CZ  . ARG A 1 53  ? -12.110 -1.502  3.551   1.00 67.92 ? 410  ARG A CZ  1 
ATOM   339 N  NH1 . ARG A 1 53  ? -11.561 -2.365  2.699   1.00 71.36 ? 410  ARG A NH1 1 
ATOM   340 N  NH2 . ARG A 1 53  ? -13.056 -1.921  4.384   1.00 67.75 ? 410  ARG A NH2 1 
ATOM   341 N  N   . THR A 1 54  ? -6.497  -1.580  3.789   1.00 38.32 ? 411  THR A N   1 
ATOM   342 C  CA  . THR A 1 54  ? -6.226  -3.015  3.864   1.00 35.44 ? 411  THR A CA  1 
ATOM   343 C  C   . THR A 1 54  ? -7.500  -3.857  3.770   1.00 36.14 ? 411  THR A C   1 
ATOM   344 O  O   . THR A 1 54  ? -8.605  -3.383  4.044   1.00 36.41 ? 411  THR A O   1 
ATOM   345 C  CB  . THR A 1 54  ? -5.512  -3.385  5.181   1.00 40.08 ? 411  THR A CB  1 
ATOM   346 O  OG1 . THR A 1 54  ? -6.355  -3.063  6.295   1.00 42.80 ? 411  THR A OG1 1 
ATOM   347 C  CG2 . THR A 1 54  ? -4.204  -2.628  5.326   1.00 42.40 ? 411  THR A CG2 1 
ATOM   348 N  N   . GLU A 1 55  ? -7.330  -5.110  3.363   1.00 39.92 ? 412  GLU A N   1 
ATOM   349 C  CA  . GLU A 1 55  ? -8.420  -6.082  3.323   1.00 34.82 ? 412  GLU A CA  1 
ATOM   350 C  C   . GLU A 1 55  ? -7.856  -7.446  3.685   1.00 34.46 ? 412  GLU A C   1 
ATOM   351 O  O   . GLU A 1 55  ? -6.703  -7.737  3.382   1.00 34.30 ? 412  GLU A O   1 
ATOM   352 C  CB  . GLU A 1 55  ? -9.070  -6.142  1.942   1.00 34.28 ? 412  GLU A CB  1 
ATOM   353 C  CG  . GLU A 1 55  ? -10.324 -7.037  1.898   1.00 35.50 ? 412  GLU A CG  1 
ATOM   354 C  CD  . GLU A 1 55  ? -10.880 -7.228  0.498   1.00 31.77 ? 412  GLU A CD  1 
ATOM   355 O  OE1 . GLU A 1 55  ? -11.912 -7.906  0.371   1.00 28.21 ? 412  GLU A OE1 1 
ATOM   356 O  OE2 . GLU A 1 55  ? -10.285 -6.719  -0.473  1.00 37.25 ? 412  GLU A OE2 1 
ATOM   357 N  N   . ASP A 1 56  ? -8.673  -8.273  4.332   1.00 38.72 ? 413  ASP A N   1 
ATOM   358 C  CA  . ASP A 1 56  ? -8.253  -9.605  4.749   1.00 40.48 ? 413  ASP A CA  1 
ATOM   359 C  C   . ASP A 1 56  ? -8.093  -10.528 3.548   1.00 41.93 ? 413  ASP A C   1 
ATOM   360 O  O   . ASP A 1 56  ? -8.767  -10.369 2.529   1.00 42.78 ? 413  ASP A O   1 
ATOM   361 C  CB  . ASP A 1 56  ? -9.284  -10.255 5.690   1.00 43.04 ? 413  ASP A CB  1 
ATOM   362 C  CG  . ASP A 1 56  ? -9.497  -9.490  6.985   1.00 47.37 ? 413  ASP A CG  1 
ATOM   363 O  OD1 . ASP A 1 56  ? -8.615  -8.699  7.393   1.00 42.96 ? 413  ASP A OD1 1 
ATOM   364 O  OD2 . ASP A 1 56  ? -10.563 -9.710  7.607   1.00 45.72 ? 413  ASP A OD2 1 
ATOM   365 N  N   . GLY A 1 57  ? -7.169  -11.473 3.681   1.00 45.25 ? 414  GLY A N   1 
ATOM   366 C  CA  . GLY A 1 57  ? -7.038  -12.592 2.762   1.00 44.17 ? 414  GLY A CA  1 
ATOM   367 C  C   . GLY A 1 57  ? -7.289  -13.794 3.654   1.00 42.02 ? 414  GLY A C   1 
ATOM   368 O  O   . GLY A 1 57  ? -8.417  -14.008 4.103   1.00 45.61 ? 414  GLY A O   1 
ATOM   369 N  N   . THR A 1 58  ? -6.233  -14.555 3.928   1.00 37.24 ? 415  THR A N   1 
ATOM   370 C  CA  . THR A 1 58  ? -6.280  -15.647 4.897   1.00 36.17 ? 415  THR A CA  1 
ATOM   371 C  C   . THR A 1 58  ? -5.802  -15.140 6.263   1.00 35.14 ? 415  THR A C   1 
ATOM   372 O  O   . THR A 1 58  ? -5.945  -15.829 7.265   1.00 34.74 ? 415  THR A O   1 
ATOM   373 C  CB  . THR A 1 58  ? -5.421  -16.840 4.452   1.00 35.21 ? 415  THR A CB  1 
ATOM   374 O  OG1 . THR A 1 58  ? -4.073  -16.408 4.239   1.00 39.96 ? 415  THR A OG1 1 
ATOM   375 C  CG2 . THR A 1 58  ? -5.963  -17.434 3.166   1.00 32.50 ? 415  THR A CG2 1 
ATOM   376 N  N   . ALA A 1 59  ? -5.216  -13.943 6.286   1.00 37.08 ? 416  ALA A N   1 
ATOM   377 C  CA  . ALA A 1 59  ? -4.836  -13.277 7.528   1.00 32.77 ? 416  ALA A CA  1 
ATOM   378 C  C   . ALA A 1 59  ? -5.939  -12.278 7.849   1.00 31.63 ? 416  ALA A C   1 
ATOM   379 O  O   . ALA A 1 59  ? -6.456  -11.608 6.951   1.00 30.67 ? 416  ALA A O   1 
ATOM   380 C  CB  . ALA A 1 59  ? -3.505  -12.568 7.373   1.00 36.01 ? 416  ALA A CB  1 
ATOM   381 N  N   . ASN A 1 60  ? -6.297  -12.178 9.126   1.00 31.32 ? 417  ASN A N   1 
ATOM   382 C  CA  . ASN A 1 60  ? -7.423  -11.348 9.560   1.00 39.77 ? 417  ASN A CA  1 
ATOM   383 C  C   . ASN A 1 60  ? -7.027  -10.124 10.394  1.00 39.36 ? 417  ASN A C   1 
ATOM   384 O  O   . ASN A 1 60  ? -6.190  -10.212 11.292  1.00 40.32 ? 417  ASN A O   1 
ATOM   385 C  CB  . ASN A 1 60  ? -8.414  -12.218 10.340  1.00 34.30 ? 417  ASN A CB  1 
ATOM   386 C  CG  . ASN A 1 60  ? -8.948  -13.361 9.510   1.00 28.70 ? 417  ASN A CG  1 
ATOM   387 O  OD1 . ASN A 1 60  ? -9.828  -13.178 8.671   1.00 36.50 ? 417  ASN A OD1 1 
ATOM   388 N  ND2 . ASN A 1 60  ? -8.414  -14.553 9.736   1.00 37.09 ? 417  ASN A ND2 1 
ATOM   389 N  N   . ALA A 1 61  ? -7.653  -8.986  10.097  1.00 44.50 ? 418  ALA A N   1 
ATOM   390 C  CA  . ALA A 1 61  ? -7.383  -7.735  10.807  1.00 42.04 ? 418  ALA A CA  1 
ATOM   391 C  C   . ALA A 1 61  ? -7.877  -7.850  12.231  1.00 41.90 ? 418  ALA A C   1 
ATOM   392 O  O   . ALA A 1 61  ? -9.008  -8.269  12.457  1.00 39.17 ? 418  ALA A O   1 
ATOM   393 C  CB  . ALA A 1 61  ? -8.070  -6.576  10.121  1.00 44.61 ? 418  ALA A CB  1 
ATOM   394 N  N   . GLY A 1 62  ? -7.032  -7.471  13.186  1.00 44.41 ? 419  GLY A N   1 
ATOM   395 C  CA  . GLY A 1 62  ? -7.373  -7.567  14.604  1.00 40.63 ? 419  GLY A CA  1 
ATOM   396 C  C   . GLY A 1 62  ? -6.659  -8.718  15.287  1.00 40.43 ? 419  GLY A C   1 
ATOM   397 O  O   . GLY A 1 62  ? -6.356  -8.630  16.475  1.00 43.71 ? 419  GLY A O   1 
ATOM   398 N  N   . SER A 1 63  ? -6.404  -9.799  14.546  1.00 38.83 ? 420  SER A N   1 
ATOM   399 C  CA  . SER A 1 63  ? -5.664  -10.955 15.072  1.00 45.02 ? 420  SER A CA  1 
ATOM   400 C  C   . SER A 1 63  ? -4.290  -11.154 14.404  1.00 43.40 ? 420  SER A C   1 
ATOM   401 O  O   . SER A 1 63  ? -3.347  -11.591 15.064  1.00 45.41 ? 420  SER A O   1 
ATOM   402 C  CB  . SER A 1 63  ? -6.499  -12.235 14.949  1.00 46.12 ? 420  SER A CB  1 
ATOM   403 O  OG  . SER A 1 63  ? -6.645  -12.639 13.600  1.00 51.27 ? 420  SER A OG  1 
ATOM   404 N  N   . ASP A 1 64  ? -4.188  -10.847 13.106  1.00 41.03 ? 421  ASP A N   1 
ATOM   405 C  CA  . ASP A 1 64  ? -2.930  -10.993 12.347  1.00 41.73 ? 421  ASP A CA  1 
ATOM   406 C  C   . ASP A 1 64  ? -2.236  -9.674  12.024  1.00 42.90 ? 421  ASP A C   1 
ATOM   407 O  O   . ASP A 1 64  ? -1.001  -9.614  12.007  1.00 40.82 ? 421  ASP A O   1 
ATOM   408 C  CB  . ASP A 1 64  ? -3.185  -11.744 11.044  1.00 41.20 ? 421  ASP A CB  1 
ATOM   409 C  CG  . ASP A 1 64  ? -3.564  -13.183 11.278  1.00 42.12 ? 421  ASP A CG  1 
ATOM   410 O  OD1 . ASP A 1 64  ? -4.635  -13.593 10.796  1.00 40.12 ? 421  ASP A OD1 1 
ATOM   411 O  OD2 . ASP A 1 64  ? -2.799  -13.906 11.959  1.00 43.02 ? 421  ASP A OD2 1 
ATOM   412 N  N   . TYR A 1 65  ? -3.027  -8.639  11.739  1.00 42.65 ? 422  TYR A N   1 
ATOM   413 C  CA  . TYR A 1 65  ? -2.508  -7.298  11.443  1.00 39.75 ? 422  TYR A CA  1 
ATOM   414 C  C   . TYR A 1 65  ? -3.528  -6.248  11.878  1.00 39.43 ? 422  TYR A C   1 
ATOM   415 O  O   . TYR A 1 65  ? -4.627  -6.588  12.314  1.00 42.29 ? 422  TYR A O   1 
ATOM   416 C  CB  . TYR A 1 65  ? -2.197  -7.155  9.946   1.00 39.28 ? 422  TYR A CB  1 
ATOM   417 C  CG  . TYR A 1 65  ? -3.419  -7.209  9.056   1.00 38.89 ? 422  TYR A CG  1 
ATOM   418 C  CD1 . TYR A 1 65  ? -3.963  -8.425  8.653   1.00 37.62 ? 422  TYR A CD1 1 
ATOM   419 C  CD2 . TYR A 1 65  ? -4.036  -6.042  8.625   1.00 42.82 ? 422  TYR A CD2 1 
ATOM   420 C  CE1 . TYR A 1 65  ? -5.097  -8.469  7.848   1.00 38.94 ? 422  TYR A CE1 1 
ATOM   421 C  CE2 . TYR A 1 65  ? -5.168  -6.075  7.820   1.00 40.16 ? 422  TYR A CE2 1 
ATOM   422 C  CZ  . TYR A 1 65  ? -5.693  -7.287  7.436   1.00 37.34 ? 422  TYR A CZ  1 
ATOM   423 O  OH  . TYR A 1 65  ? -6.812  -7.307  6.638   1.00 39.54 ? 422  TYR A OH  1 
ATOM   424 N  N   . GLU A 1 66  ? -3.160  -4.977  11.763  1.00 38.08 ? 423  GLU A N   1 
ATOM   425 C  CA  . GLU A 1 66  ? -4.060  -3.893  12.127  1.00 43.86 ? 423  GLU A CA  1 
ATOM   426 C  C   . GLU A 1 66  ? -4.814  -3.367  10.919  1.00 38.92 ? 423  GLU A C   1 
ATOM   427 O  O   . GLU A 1 66  ? -4.208  -3.107  9.883   1.00 37.62 ? 423  GLU A O   1 
ATOM   428 C  CB  . GLU A 1 66  ? -3.281  -2.732  12.730  1.00 48.17 ? 423  GLU A CB  1 
ATOM   429 C  CG  . GLU A 1 66  ? -2.495  -3.078  13.967  1.00 53.56 ? 423  GLU A CG  1 
ATOM   430 C  CD  . GLU A 1 66  ? -1.914  -1.852  14.634  1.00 53.44 ? 423  GLU A CD  1 
ATOM   431 O  OE1 . GLU A 1 66  ? -2.617  -0.822  14.680  1.00 58.16 ? 423  GLU A OE1 1 
ATOM   432 O  OE2 . GLU A 1 66  ? -0.765  -1.921  15.117  1.00 60.59 ? 423  GLU A OE2 1 
ATOM   433 N  N   . PHE A 1 67  ? -6.129  -3.190  11.051  1.00 39.49 ? 424  PHE A N   1 
ATOM   434 C  CA  . PHE A 1 67  ? -6.870  -2.500  10.012  1.00 41.67 ? 424  PHE A CA  1 
ATOM   435 C  C   . PHE A 1 67  ? -6.166  -1.175  9.923   1.00 40.20 ? 424  PHE A C   1 
ATOM   436 O  O   . PHE A 1 67  ? -6.063  -0.452  10.913  1.00 44.27 ? 424  PHE A O   1 
ATOM   437 C  CB  . PHE A 1 67  ? -8.319  -2.205  10.375  1.00 39.58 ? 424  PHE A CB  1 
ATOM   438 C  CG  . PHE A 1 67  ? -9.026  -1.360  9.336   1.00 38.86 ? 424  PHE A CG  1 
ATOM   439 C  CD1 . PHE A 1 67  ? -9.394  -0.042  9.598   1.00 34.49 ? 424  PHE A CD1 1 
ATOM   440 C  CD2 . PHE A 1 67  ? -9.281  -1.883  8.078   1.00 39.08 ? 424  PHE A CD2 1 
ATOM   441 C  CE1 . PHE A 1 67  ? -10.031 0.725   8.625   1.00 41.45 ? 424  PHE A CE1 1 
ATOM   442 C  CE2 . PHE A 1 67  ? -9.917  -1.128  7.105   1.00 42.63 ? 424  PHE A CE2 1 
ATOM   443 C  CZ  . PHE A 1 67  ? -10.291 0.180   7.376   1.00 42.69 ? 424  PHE A CZ  1 
ATOM   444 N  N   . THR A 1 68  ? -5.678  -0.860  8.739   1.00 41.06 ? 425  THR A N   1 
ATOM   445 C  CA  . THR A 1 68  ? -4.935  0.354   8.526   1.00 46.95 ? 425  THR A CA  1 
ATOM   446 C  C   . THR A 1 68  ? -5.540  1.033   7.301   1.00 40.59 ? 425  THR A C   1 
ATOM   447 O  O   . THR A 1 68  ? -5.825  0.370   6.301   1.00 34.44 ? 425  THR A O   1 
ATOM   448 C  CB  . THR A 1 68  ? -3.450  -0.020  8.295   1.00 46.38 ? 425  THR A CB  1 
ATOM   449 O  OG1 . THR A 1 68  ? -2.935  -0.708  9.445   1.00 48.35 ? 425  THR A OG1 1 
ATOM   450 C  CG2 . THR A 1 68  ? -2.595  1.195   8.026   1.00 47.55 ? 425  THR A CG2 1 
ATOM   451 N  N   . GLU A 1 69  ? -5.782  2.338   7.390   1.00 42.68 ? 426  GLU A N   1 
ATOM   452 C  CA  . GLU A 1 69  ? -6.247  3.112   6.232   1.00 39.34 ? 426  GLU A CA  1 
ATOM   453 C  C   . GLU A 1 69  ? -5.784  4.562   6.318   1.00 37.66 ? 426  GLU A C   1 
ATOM   454 O  O   . GLU A 1 69  ? -5.381  5.042   7.379   1.00 35.87 ? 426  GLU A O   1 
ATOM   455 C  CB  . GLU A 1 69  ? -7.769  3.058   6.082   1.00 39.61 ? 426  GLU A CB  1 
ATOM   456 C  CG  . GLU A 1 69  ? -8.559  3.740   7.201   1.00 43.85 ? 426  GLU A CG  1 
ATOM   457 C  CD  . GLU A 1 69  ? -10.030 3.953   6.858   1.00 44.20 ? 426  GLU A CD  1 
ATOM   458 O  OE1 . GLU A 1 69  ? -10.393 3.923   5.660   1.00 46.45 ? 426  GLU A OE1 1 
ATOM   459 O  OE2 . GLU A 1 69  ? -10.825 4.173   7.795   1.00 51.08 ? 426  GLU A OE2 1 
ATOM   460 N  N   . GLY A 1 70  ? -5.838  5.257   5.191   1.00 35.60 ? 427  GLY A N   1 
ATOM   461 C  CA  . GLY A 1 70  ? -5.446  6.653   5.155   1.00 37.19 ? 427  GLY A CA  1 
ATOM   462 C  C   . GLY A 1 70  ? -5.313  7.229   3.765   1.00 37.49 ? 427  GLY A C   1 
ATOM   463 O  O   . GLY A 1 70  ? -5.817  6.667   2.787   1.00 32.82 ? 427  GLY A O   1 
ATOM   464 N  N   . THR A 1 71  ? -4.624  8.362   3.692   1.00 38.34 ? 428  THR A N   1 
ATOM   465 C  CA  . THR A 1 71  ? -4.409  9.065   2.437   1.00 37.97 ? 428  THR A CA  1 
ATOM   466 C  C   . THR A 1 71  ? -2.967  9.554   2.372   1.00 39.52 ? 428  THR A C   1 
ATOM   467 O  O   . THR A 1 71  ? -2.432  10.098  3.338   1.00 41.20 ? 428  THR A O   1 
ATOM   468 C  CB  . THR A 1 71  ? -5.386  10.259  2.284   1.00 37.17 ? 428  THR A CB  1 
ATOM   469 O  OG1 . THR A 1 71  ? -6.735  9.789   2.386   1.00 33.28 ? 428  THR A OG1 1 
ATOM   470 C  CG2 . THR A 1 71  ? -5.211  10.956  0.939   1.00 39.20 ? 428  THR A CG2 1 
ATOM   471 N  N   . VAL A 1 72  ? -2.349  9.333   1.220   1.00 38.51 ? 429  VAL A N   1 
ATOM   472 C  CA  . VAL A 1 72  ? -0.996  9.783   0.950   1.00 38.06 ? 429  VAL A CA  1 
ATOM   473 C  C   . VAL A 1 72  ? -1.089  11.033  0.079   1.00 37.96 ? 429  VAL A C   1 
ATOM   474 O  O   . VAL A 1 72  ? -1.978  11.143  -0.763  1.00 38.30 ? 429  VAL A O   1 
ATOM   475 C  CB  . VAL A 1 72  ? -0.183  8.658   0.260   1.00 38.41 ? 429  VAL A CB  1 
ATOM   476 C  CG1 . VAL A 1 72  ? 0.990   9.206   -0.503  1.00 40.58 ? 429  VAL A CG1 1 
ATOM   477 C  CG2 . VAL A 1 72  ? 0.278   7.636   1.299   1.00 41.01 ? 429  VAL A CG2 1 
ATOM   478 N  N   . VAL A 1 73  ? -0.169  11.970  0.290   1.00 36.26 ? 430  VAL A N   1 
ATOM   479 C  CA  . VAL A 1 73  ? -0.153  13.224  -0.453  1.00 37.54 ? 430  VAL A CA  1 
ATOM   480 C  C   . VAL A 1 73  ? 1.216   13.455  -1.098  1.00 39.61 ? 430  VAL A C   1 
ATOM   481 O  O   . VAL A 1 73  ? 2.195   13.738  -0.406  1.00 37.83 ? 430  VAL A O   1 
ATOM   482 C  CB  . VAL A 1 73  ? -0.480  14.426  0.468   1.00 39.14 ? 430  VAL A CB  1 
ATOM   483 C  CG1 . VAL A 1 73  ? -0.631  15.709  -0.354  1.00 38.99 ? 430  VAL A CG1 1 
ATOM   484 C  CG2 . VAL A 1 73  ? -1.747  14.162  1.283   1.00 37.74 ? 430  VAL A CG2 1 
ATOM   485 N  N   . PHE A 1 74  ? 1.279   13.332  -2.422  1.00 35.60 ? 431  PHE A N   1 
ATOM   486 C  CA  . PHE A 1 74  ? 2.505   13.621  -3.156  1.00 36.16 ? 431  PHE A CA  1 
ATOM   487 C  C   . PHE A 1 74  ? 2.605   15.128  -3.406  1.00 37.43 ? 431  PHE A C   1 
ATOM   488 O  O   . PHE A 1 74  ? 1.872   15.679  -4.230  1.00 37.91 ? 431  PHE A O   1 
ATOM   489 C  CB  . PHE A 1 74  ? 2.543   12.877  -4.498  1.00 34.48 ? 431  PHE A CB  1 
ATOM   490 C  CG  . PHE A 1 74  ? 2.640   11.381  -4.372  1.00 34.14 ? 431  PHE A CG  1 
ATOM   491 C  CD1 . PHE A 1 74  ? 1.495   10.599  -4.311  1.00 34.25 ? 431  PHE A CD1 1 
ATOM   492 C  CD2 . PHE A 1 74  ? 3.879   10.754  -4.339  1.00 37.28 ? 431  PHE A CD2 1 
ATOM   493 C  CE1 . PHE A 1 74  ? 1.581   9.219   -4.205  1.00 33.93 ? 431  PHE A CE1 1 
ATOM   494 C  CE2 . PHE A 1 74  ? 3.975   9.374   -4.232  1.00 35.18 ? 431  PHE A CE2 1 
ATOM   495 C  CZ  . PHE A 1 74  ? 2.823   8.605   -4.166  1.00 37.34 ? 431  PHE A CZ  1 
ATOM   496 N  N   . LYS A 1 75  ? 3.506   15.789  -2.687  1.00 35.95 ? 432  LYS A N   1 
ATOM   497 C  CA  . LYS A 1 75  ? 3.762   17.215  -2.885  1.00 42.02 ? 432  LYS A CA  1 
ATOM   498 C  C   . LYS A 1 75  ? 4.544   17.371  -4.192  1.00 37.86 ? 432  LYS A C   1 
ATOM   499 O  O   . LYS A 1 75  ? 5.053   16.381  -4.719  1.00 38.96 ? 432  LYS A O   1 
ATOM   500 C  CB  . LYS A 1 75  ? 4.570   17.793  -1.713  1.00 42.60 ? 432  LYS A CB  1 
ATOM   501 C  CG  . LYS A 1 75  ? 3.935   17.615  -0.339  1.00 43.75 ? 432  LYS A CG  1 
ATOM   502 C  CD  . LYS A 1 75  ? 4.850   18.148  0.760   1.00 44.71 ? 432  LYS A CD  1 
ATOM   503 C  CE  . LYS A 1 75  ? 4.510   17.550  2.120   1.00 48.33 ? 432  LYS A CE  1 
ATOM   504 N  NZ  . LYS A 1 75  ? 4.749   16.067  2.175   1.00 45.43 ? 432  LYS A NZ  1 
ATOM   505 N  N   . PRO A 1 76  ? 4.648   18.603  -4.725  1.00 35.54 ? 433  PRO A N   1 
ATOM   506 C  CA  . PRO A 1 76  ? 5.404   18.792  -5.966  1.00 35.53 ? 433  PRO A CA  1 
ATOM   507 C  C   . PRO A 1 76  ? 6.789   18.137  -5.932  1.00 36.50 ? 433  PRO A C   1 
ATOM   508 O  O   . PRO A 1 76  ? 7.511   18.262  -4.942  1.00 36.41 ? 433  PRO A O   1 
ATOM   509 C  CB  . PRO A 1 76  ? 5.529   20.313  -6.072  1.00 35.88 ? 433  PRO A CB  1 
ATOM   510 C  CG  . PRO A 1 76  ? 4.329   20.835  -5.353  1.00 35.80 ? 433  PRO A CG  1 
ATOM   511 C  CD  . PRO A 1 76  ? 4.069   19.869  -4.236  1.00 35.15 ? 433  PRO A CD  1 
ATOM   512 N  N   . GLY A 1 77  ? 7.126   17.407  -6.992  1.00 35.41 ? 434  GLY A N   1 
ATOM   513 C  CA  . GLY A 1 77  ? 8.428   16.756  -7.105  1.00 36.91 ? 434  GLY A CA  1 
ATOM   514 C  C   . GLY A 1 77  ? 8.565   15.393  -6.451  1.00 35.17 ? 434  GLY A C   1 
ATOM   515 O  O   . GLY A 1 77  ? 9.537   14.689  -6.710  1.00 37.36 ? 434  GLY A O   1 
ATOM   516 N  N   . GLU A 1 78  ? 7.604   15.011  -5.612  1.00 36.02 ? 435  GLU A N   1 
ATOM   517 C  CA  . GLU A 1 78  ? 7.668   13.731  -4.910  1.00 31.70 ? 435  GLU A CA  1 
ATOM   518 C  C   . GLU A 1 78  ? 7.201   12.592  -5.804  1.00 34.31 ? 435  GLU A C   1 
ATOM   519 O  O   . GLU A 1 78  ? 6.197   12.709  -6.498  1.00 33.82 ? 435  GLU A O   1 
ATOM   520 C  CB  . GLU A 1 78  ? 6.848   13.775  -3.623  1.00 33.26 ? 435  GLU A CB  1 
ATOM   521 C  CG  . GLU A 1 78  ? 7.388   14.759  -2.598  1.00 31.80 ? 435  GLU A CG  1 
ATOM   522 C  CD  . GLU A 1 78  ? 6.663   14.690  -1.268  1.00 37.44 ? 435  GLU A CD  1 
ATOM   523 O  OE1 . GLU A 1 78  ? 7.330   14.874  -0.223  1.00 42.93 ? 435  GLU A OE1 1 
ATOM   524 O  OE2 . GLU A 1 78  ? 5.434   14.447  -1.263  1.00 31.86 ? 435  GLU A OE2 1 
ATOM   525 N  N   . THR A 1 79  ? 7.947   11.489  -5.783  1.00 38.25 ? 436  THR A N   1 
ATOM   526 C  CA  . THR A 1 79  ? 7.657   10.327  -6.625  1.00 36.59 ? 436  THR A CA  1 
ATOM   527 C  C   . THR A 1 79  ? 7.526   9.019   -5.846  1.00 37.97 ? 436  THR A C   1 
ATOM   528 O  O   . THR A 1 79  ? 7.354   7.952   -6.441  1.00 44.87 ? 436  THR A O   1 
ATOM   529 C  CB  . THR A 1 79  ? 8.769   10.146  -7.664  1.00 32.82 ? 436  THR A CB  1 
ATOM   530 O  OG1 . THR A 1 79  ? 10.036  10.162  -6.998  1.00 37.39 ? 436  THR A OG1 1 
ATOM   531 C  CG2 . THR A 1 79  ? 8.724   11.272  -8.695  1.00 33.99 ? 436  THR A CG2 1 
ATOM   532 N  N   . GLN A 1 80  ? 7.577   9.099   -4.523  1.00 38.39 ? 437  GLN A N   1 
ATOM   533 C  CA  . GLN A 1 80  ? 7.558   7.907   -3.694  1.00 37.44 ? 437  GLN A CA  1 
ATOM   534 C  C   . GLN A 1 80  ? 7.080   8.227   -2.288  1.00 37.07 ? 437  GLN A C   1 
ATOM   535 O  O   . GLN A 1 80  ? 7.510   9.206   -1.687  1.00 31.01 ? 437  GLN A O   1 
ATOM   536 C  CB  . GLN A 1 80  ? 8.947   7.285   -3.654  1.00 43.40 ? 437  GLN A CB  1 
ATOM   537 C  CG  . GLN A 1 80  ? 10.046  8.263   -3.269  1.00 51.09 ? 437  GLN A CG  1 
ATOM   538 C  CD  . GLN A 1 80  ? 11.430  7.763   -3.623  1.00 58.14 ? 437  GLN A CD  1 
ATOM   539 O  OE1 . GLN A 1 80  ? 11.597  6.973   -4.555  1.00 62.22 ? 437  GLN A OE1 1 
ATOM   540 N  NE2 . GLN A 1 80  ? 12.436  8.238   -2.891  1.00 60.56 ? 437  GLN A NE2 1 
ATOM   541 N  N   . LYS A 1 81  ? 6.171   7.393   -1.789  1.00 37.56 ? 438  LYS A N   1 
ATOM   542 C  CA  . LYS A 1 81  ? 5.601   7.539   -0.463  1.00 35.97 ? 438  LYS A CA  1 
ATOM   543 C  C   . LYS A 1 81  ? 5.525   6.164   0.179   1.00 40.51 ? 438  LYS A C   1 
ATOM   544 O  O   . LYS A 1 81  ? 5.104   5.193   -0.455  1.00 44.70 ? 438  LYS A O   1 
ATOM   545 C  CB  . LYS A 1 81  ? 4.210   8.170   -0.559  1.00 37.27 ? 438  LYS A CB  1 
ATOM   546 C  CG  . LYS A 1 81  ? 4.238   9.675   -0.810  1.00 36.88 ? 438  LYS A CG  1 
ATOM   547 C  CD  . LYS A 1 81  ? 4.466   10.427  0.490   1.00 37.39 ? 438  LYS A CD  1 
ATOM   548 C  CE  . LYS A 1 81  ? 4.853   11.869  0.241   1.00 37.89 ? 438  LYS A CE  1 
ATOM   549 N  NZ  . LYS A 1 81  ? 5.133   12.598  1.507   1.00 32.32 ? 438  LYS A NZ  1 
ATOM   550 N  N   . GLU A 1 82  ? 5.944   6.086   1.436   1.00 39.78 ? 439  GLU A N   1 
ATOM   551 C  CA  . GLU A 1 82  ? 5.970   4.830   2.166   1.00 42.76 ? 439  GLU A CA  1 
ATOM   552 C  C   . GLU A 1 82  ? 4.813   4.777   3.149   1.00 43.70 ? 439  GLU A C   1 
ATOM   553 O  O   . GLU A 1 82  ? 4.435   5.802   3.721   1.00 45.18 ? 439  GLU A O   1 
ATOM   554 C  CB  . GLU A 1 82  ? 7.303   4.691   2.908   1.00 40.03 ? 439  GLU A CB  1 
ATOM   555 C  CG  . GLU A 1 82  ? 7.510   3.346   3.587   1.00 43.86 ? 439  GLU A CG  1 
ATOM   556 C  CD  . GLU A 1 82  ? 8.895   3.200   4.193   1.00 47.66 ? 439  GLU A CD  1 
ATOM   557 O  OE1 . GLU A 1 82  ? 9.755   4.068   3.938   1.00 51.76 ? 439  GLU A OE1 1 
ATOM   558 O  OE2 . GLU A 1 82  ? 9.126   2.217   4.928   1.00 47.96 ? 439  GLU A OE2 1 
ATOM   559 N  N   . ILE A 1 83  ? 4.255   3.581   3.334   1.00 45.59 ? 440  ILE A N   1 
ATOM   560 C  CA  . ILE A 1 83  ? 3.171   3.352   4.296   1.00 42.67 ? 440  ILE A CA  1 
ATOM   561 C  C   . ILE A 1 83  ? 3.462   2.113   5.142   1.00 42.29 ? 440  ILE A C   1 
ATOM   562 O  O   . ILE A 1 83  ? 4.194   1.223   4.711   1.00 39.76 ? 440  ILE A O   1 
ATOM   563 C  CB  . ILE A 1 83  ? 1.800   3.218   3.604   1.00 41.51 ? 440  ILE A CB  1 
ATOM   564 C  CG1 . ILE A 1 83  ? 1.798   2.053   2.608   1.00 40.17 ? 440  ILE A CG1 1 
ATOM   565 C  CG2 . ILE A 1 83  ? 1.444   4.539   2.913   1.00 42.22 ? 440  ILE A CG2 1 
ATOM   566 C  CD1 . ILE A 1 83  ? 0.423   1.690   2.086   1.00 38.12 ? 440  ILE A CD1 1 
ATOM   567 N  N   . ARG A 1 84  ? 2.875   2.068   6.336   1.00 42.63 ? 441  ARG A N   1 
ATOM   568 C  CA  . ARG A 1 84  ? 3.148   1.009   7.308   1.00 45.37 ? 441  ARG A CA  1 
ATOM   569 C  C   . ARG A 1 84  ? 1.883   0.300   7.751   1.00 43.31 ? 441  ARG A C   1 
ATOM   570 O  O   . ARG A 1 84  ? 0.841   0.932   7.941   1.00 41.37 ? 441  ARG A O   1 
ATOM   571 C  CB  . ARG A 1 84  ? 3.813   1.600   8.552   1.00 50.25 ? 441  ARG A CB  1 
ATOM   572 C  CG  . ARG A 1 84  ? 5.152   2.259   8.298   1.00 54.07 ? 441  ARG A CG  1 
ATOM   573 C  CD  . ARG A 1 84  ? 6.255   1.238   8.131   1.00 57.32 ? 441  ARG A CD  1 
ATOM   574 N  NE  . ARG A 1 84  ? 7.509   1.886   7.758   1.00 60.80 ? 441  ARG A NE  1 
ATOM   575 C  CZ  . ARG A 1 84  ? 8.313   2.543   8.592   1.00 59.50 ? 441  ARG A CZ  1 
ATOM   576 N  NH1 . ARG A 1 84  ? 8.017   2.662   9.884   1.00 57.65 ? 441  ARG A NH1 1 
ATOM   577 N  NH2 . ARG A 1 84  ? 9.428   3.095   8.125   1.00 61.04 ? 441  ARG A NH2 1 
ATOM   578 N  N   . VAL A 1 85  ? 1.992   -1.015  7.934   1.00 41.65 ? 442  VAL A N   1 
ATOM   579 C  CA  . VAL A 1 85  ? 0.888   -1.836  8.423   1.00 38.32 ? 442  VAL A CA  1 
ATOM   580 C  C   . VAL A 1 85  ? 1.426   -2.669  9.580   1.00 34.93 ? 442  VAL A C   1 
ATOM   581 O  O   . VAL A 1 85  ? 2.393   -3.414  9.415   1.00 32.88 ? 442  VAL A O   1 
ATOM   582 C  CB  . VAL A 1 85  ? 0.322   -2.763  7.321   1.00 40.53 ? 442  VAL A CB  1 
ATOM   583 C  CG1 . VAL A 1 85  ? -0.836  -3.596  7.857   1.00 41.80 ? 442  VAL A CG1 1 
ATOM   584 C  CG2 . VAL A 1 85  ? -0.127  -1.950  6.111   1.00 40.71 ? 442  VAL A CG2 1 
ATOM   585 N  N   . GLY A 1 86  ? 0.814   -2.518  10.752  1.00 37.76 ? 443  GLY A N   1 
ATOM   586 C  CA  . GLY A 1 86  ? 1.218   -3.261  11.942  1.00 39.05 ? 443  GLY A CA  1 
ATOM   587 C  C   . GLY A 1 86  ? 0.911   -4.742  11.805  1.00 38.71 ? 443  GLY A C   1 
ATOM   588 O  O   . GLY A 1 86  ? -0.150  -5.111  11.310  1.00 38.74 ? 443  GLY A O   1 
ATOM   589 N  N   . ILE A 1 87  ? 1.861   -5.580  12.220  1.00 39.54 ? 444  ILE A N   1 
ATOM   590 C  CA  . ILE A 1 87  ? 1.709   -7.036  12.203  1.00 39.51 ? 444  ILE A CA  1 
ATOM   591 C  C   . ILE A 1 87  ? 1.601   -7.487  13.651  1.00 40.57 ? 444  ILE A C   1 
ATOM   592 O  O   . ILE A 1 87  ? 2.480   -7.196  14.469  1.00 35.53 ? 444  ILE A O   1 
ATOM   593 C  CB  . ILE A 1 87  ? 2.907   -7.745  11.502  1.00 42.58 ? 444  ILE A CB  1 
ATOM   594 C  CG1 . ILE A 1 87  ? 2.707   -7.785  9.986   1.00 46.63 ? 444  ILE A CG1 1 
ATOM   595 C  CG2 . ILE A 1 87  ? 3.049   -9.197  11.959  1.00 39.64 ? 444  ILE A CG2 1 
ATOM   596 C  CD1 . ILE A 1 87  ? 2.564   -6.452  9.327   1.00 47.37 ? 444  ILE A CD1 1 
ATOM   597 N  N   . ILE A 1 88  ? 0.520   -8.198  13.958  1.00 38.93 ? 445  ILE A N   1 
ATOM   598 C  CA  . ILE A 1 88  ? 0.267   -8.669  15.308  1.00 43.14 ? 445  ILE A CA  1 
ATOM   599 C  C   . ILE A 1 88  ? 1.004   -9.983  15.546  1.00 41.70 ? 445  ILE A C   1 
ATOM   600 O  O   . ILE A 1 88  ? 0.764   -10.982 14.862  1.00 41.82 ? 445  ILE A O   1 
ATOM   601 C  CB  . ILE A 1 88  ? -1.244  -8.840  15.583  1.00 43.99 ? 445  ILE A CB  1 
ATOM   602 C  CG1 . ILE A 1 88  ? -1.954  -7.494  15.401  1.00 45.69 ? 445  ILE A CG1 1 
ATOM   603 C  CG2 . ILE A 1 88  ? -1.477  -9.380  17.008  1.00 45.92 ? 445  ILE A CG2 1 
ATOM   604 C  CD1 . ILE A 1 88  ? -3.467  -7.555  15.518  1.00 47.03 ? 445  ILE A CD1 1 
ATOM   605 N  N   . ASP A 1 89  ? 1.902   -9.959  16.526  1.00 43.03 ? 446  ASP A N   1 
ATOM   606 C  CA  . ASP A 1 89  ? 2.683   -11.122 16.908  1.00 42.92 ? 446  ASP A CA  1 
ATOM   607 C  C   . ASP A 1 89  ? 2.013   -11.783 18.108  1.00 44.10 ? 446  ASP A C   1 
ATOM   608 O  O   . ASP A 1 89  ? 1.671   -11.114 19.087  1.00 43.07 ? 446  ASP A O   1 
ATOM   609 C  CB  . ASP A 1 89  ? 4.108   -10.684 17.262  1.00 45.10 ? 446  ASP A CB  1 
ATOM   610 C  CG  . ASP A 1 89  ? 5.073   -11.848 17.403  1.00 49.04 ? 446  ASP A CG  1 
ATOM   611 O  OD1 . ASP A 1 89  ? 6.214   -11.599 17.854  1.00 43.67 ? 446  ASP A OD1 1 
ATOM   612 O  OD2 . ASP A 1 89  ? 4.709   -12.998 17.065  1.00 50.83 ? 446  ASP A OD2 1 
ATOM   613 N  N   . ASP A 1 90  ? 1.800   -13.091 18.009  1.00 43.01 ? 447  ASP A N   1 
ATOM   614 C  CA  . ASP A 1 90  ? 1.229   -13.873 19.107  1.00 47.52 ? 447  ASP A CA  1 
ATOM   615 C  C   . ASP A 1 90  ? 2.116   -15.097 19.343  1.00 49.36 ? 447  ASP A C   1 
ATOM   616 O  O   . ASP A 1 90  ? 3.187   -15.213 18.744  1.00 41.76 ? 447  ASP A O   1 
ATOM   617 C  CB  . ASP A 1 90  ? -0.235  -14.249 18.819  1.00 46.22 ? 447  ASP A CB  1 
ATOM   618 C  CG  . ASP A 1 90  ? -0.400  -15.085 17.563  1.00 44.58 ? 447  ASP A CG  1 
ATOM   619 O  OD1 . ASP A 1 90  ? -1.492  -15.029 16.962  1.00 42.35 ? 447  ASP A OD1 1 
ATOM   620 O  OD2 . ASP A 1 90  ? 0.552   -15.798 17.176  1.00 41.66 ? 447  ASP A OD2 1 
ATOM   621 N  N   . ASP A 1 91  ? 1.675   -16.008 20.202  1.00 54.08 ? 448  ASP A N   1 
ATOM   622 C  CA  . ASP A 1 91  ? 2.486   -17.157 20.581  1.00 57.89 ? 448  ASP A CA  1 
ATOM   623 C  C   . ASP A 1 91  ? 1.946   -18.486 20.033  1.00 56.66 ? 448  ASP A C   1 
ATOM   624 O  O   . ASP A 1 91  ? 2.387   -19.550 20.475  1.00 55.46 ? 448  ASP A O   1 
ATOM   625 C  CB  . ASP A 1 91  ? 2.560   -17.207 22.114  1.00 65.09 ? 448  ASP A CB  1 
ATOM   626 C  CG  . ASP A 1 91  ? 3.653   -18.132 22.631  1.00 72.25 ? 448  ASP A CG  1 
ATOM   627 O  OD1 . ASP A 1 91  ? 4.632   -18.394 21.897  1.00 76.42 ? 448  ASP A OD1 1 
ATOM   628 O  OD2 . ASP A 1 91  ? 3.535   -18.589 23.790  1.00 78.44 ? 448  ASP A OD2 1 
ATOM   629 N  N   . ILE A 1 92  ? 1.030   -18.442 19.063  1.00 51.43 ? 449  ILE A N   1 
ATOM   630 C  CA  . ILE A 1 92  ? 0.398   -19.680 18.578  1.00 51.62 ? 449  ILE A CA  1 
ATOM   631 C  C   . ILE A 1 92  ? 0.843   -20.061 17.162  1.00 48.76 ? 449  ILE A C   1 
ATOM   632 O  O   . ILE A 1 92  ? 1.126   -19.202 16.329  1.00 42.21 ? 449  ILE A O   1 
ATOM   633 C  CB  . ILE A 1 92  ? -1.179  -19.661 18.720  1.00 55.16 ? 449  ILE A CB  1 
ATOM   634 C  CG1 . ILE A 1 92  ? -1.917  -19.429 17.389  1.00 58.29 ? 449  ILE A CG1 1 
ATOM   635 C  CG2 . ILE A 1 92  ? -1.632  -18.682 19.829  1.00 53.60 ? 449  ILE A CG2 1 
ATOM   636 C  CD1 . ILE A 1 92  ? -1.914  -18.014 16.888  1.00 62.88 ? 449  ILE A CD1 1 
ATOM   637 N  N   . PHE A 1 93  ? 0.896   -21.367 16.909  1.00 48.43 ? 450  PHE A N   1 
ATOM   638 C  CA  . PHE A 1 93  ? 1.295   -21.904 15.608  1.00 45.92 ? 450  PHE A CA  1 
ATOM   639 C  C   . PHE A 1 93  ? 0.236   -21.593 14.541  1.00 46.92 ? 450  PHE A C   1 
ATOM   640 O  O   . PHE A 1 93  ? -0.969  -21.679 14.803  1.00 46.78 ? 450  PHE A O   1 
ATOM   641 C  CB  . PHE A 1 93  ? 1.513   -23.420 15.716  1.00 44.30 ? 450  PHE A CB  1 
ATOM   642 C  CG  . PHE A 1 93  ? 1.905   -24.078 14.422  1.00 44.12 ? 450  PHE A CG  1 
ATOM   643 C  CD1 . PHE A 1 93  ? 0.969   -24.776 13.666  1.00 41.88 ? 450  PHE A CD1 1 
ATOM   644 C  CD2 . PHE A 1 93  ? 3.212   -24.002 13.961  1.00 42.74 ? 450  PHE A CD2 1 
ATOM   645 C  CE1 . PHE A 1 93  ? 1.330   -25.386 12.470  1.00 41.77 ? 450  PHE A CE1 1 
ATOM   646 C  CE2 . PHE A 1 93  ? 3.581   -24.613 12.768  1.00 43.98 ? 450  PHE A CE2 1 
ATOM   647 C  CZ  . PHE A 1 93  ? 2.637   -25.304 12.021  1.00 42.46 ? 450  PHE A CZ  1 
ATOM   648 N  N   . GLU A 1 94  ? 0.695   -21.227 13.345  1.00 42.10 ? 451  GLU A N   1 
ATOM   649 C  CA  . GLU A 1 94  ? -0.202  -20.896 12.234  1.00 44.53 ? 451  GLU A CA  1 
ATOM   650 C  C   . GLU A 1 94  ? 0.434   -21.198 10.885  1.00 42.22 ? 451  GLU A C   1 
ATOM   651 O  O   . GLU A 1 94  ? 1.644   -21.391 10.776  1.00 41.29 ? 451  GLU A O   1 
ATOM   652 C  CB  . GLU A 1 94  ? -0.545  -19.401 12.225  1.00 45.02 ? 451  GLU A CB  1 
ATOM   653 C  CG  . GLU A 1 94  ? -1.167  -18.827 13.479  1.00 44.92 ? 451  GLU A CG  1 
ATOM   654 C  CD  . GLU A 1 94  ? -1.304  -17.317 13.389  1.00 47.74 ? 451  GLU A CD  1 
ATOM   655 O  OE1 . GLU A 1 94  ? -0.762  -16.614 14.269  1.00 52.60 ? 451  GLU A OE1 1 
ATOM   656 O  OE2 . GLU A 1 94  ? -1.915  -16.820 12.416  1.00 45.56 ? 451  GLU A OE2 1 
ATOM   657 N  N   . GLU A 1 95  ? -0.405  -21.213 9.856   1.00 42.94 ? 452  GLU A N   1 
ATOM   658 C  CA  . GLU A 1 95  ? 0.064   -21.262 8.480   1.00 42.90 ? 452  GLU A CA  1 
ATOM   659 C  C   . GLU A 1 95  ? 0.608   -19.890 8.122   1.00 38.03 ? 452  GLU A C   1 
ATOM   660 O  O   . GLU A 1 95  ? 0.358   -18.904 8.822   1.00 38.53 ? 452  GLU A O   1 
ATOM   661 C  CB  . GLU A 1 95  ? -1.088  -21.538 7.510   1.00 45.43 ? 452  GLU A CB  1 
ATOM   662 C  CG  . GLU A 1 95  ? -1.633  -22.949 7.470   1.00 47.29 ? 452  GLU A CG  1 
ATOM   663 C  CD  . GLU A 1 95  ? -2.758  -23.074 6.457   1.00 47.86 ? 452  GLU A CD  1 
ATOM   664 O  OE1 . GLU A 1 95  ? -3.610  -22.162 6.403   1.00 51.79 ? 452  GLU A OE1 1 
ATOM   665 O  OE2 . GLU A 1 95  ? -2.790  -24.068 5.706   1.00 49.11 ? 452  GLU A OE2 1 
ATOM   666 N  N   . ASP A 1 96  ? 1.342   -19.828 7.020   1.00 38.55 ? 453  ASP A N   1 
ATOM   667 C  CA  . ASP A 1 96  ? 1.725   -18.548 6.452   1.00 36.27 ? 453  ASP A CA  1 
ATOM   668 C  C   . ASP A 1 96  ? 0.456   -18.033 5.771   1.00 36.64 ? 453  ASP A C   1 
ATOM   669 O  O   . ASP A 1 96  ? -0.259  -18.791 5.106   1.00 33.35 ? 453  ASP A O   1 
ATOM   670 C  CB  . ASP A 1 96  ? 2.887   -18.706 5.476   1.00 34.16 ? 453  ASP A CB  1 
ATOM   671 C  CG  . ASP A 1 96  ? 4.117   -19.299 6.134   1.00 32.84 ? 453  ASP A CG  1 
ATOM   672 O  OD1 . ASP A 1 96  ? 4.190   -19.291 7.385   1.00 29.60 ? 453  ASP A OD1 1 
ATOM   673 O  OD2 . ASP A 1 96  ? 5.003   -19.783 5.404   1.00 29.98 ? 453  ASP A OD2 1 
ATOM   674 N  N   . GLU A 1 97  ? 0.158   -16.756 5.977   1.00 39.19 ? 454  GLU A N   1 
ATOM   675 C  CA  . GLU A 1 97  ? -1.090  -16.167 5.509   1.00 44.63 ? 454  GLU A CA  1 
ATOM   676 C  C   . GLU A 1 97  ? -0.815  -14.912 4.704   1.00 41.32 ? 454  GLU A C   1 
ATOM   677 O  O   . GLU A 1 97  ? 0.339   -14.540 4.510   1.00 52.51 ? 454  GLU A O   1 
ATOM   678 C  CB  . GLU A 1 97  ? -1.965  -15.825 6.718   1.00 46.32 ? 454  GLU A CB  1 
ATOM   679 C  CG  . GLU A 1 97  ? -2.296  -17.016 7.610   1.00 45.54 ? 454  GLU A CG  1 
ATOM   680 C  CD  . GLU A 1 97  ? -2.951  -16.613 8.920   1.00 48.74 ? 454  GLU A CD  1 
ATOM   681 O  OE1 . GLU A 1 97  ? -2.727  -15.476 9.393   1.00 50.64 ? 454  GLU A OE1 1 
ATOM   682 O  OE2 . GLU A 1 97  ? -3.685  -17.444 9.496   1.00 49.23 ? 454  GLU A OE2 1 
ATOM   683 N  N   . ASN A 1 98  ? -1.878  -14.271 4.229   1.00 37.15 ? 455  ASN A N   1 
ATOM   684 C  CA  . ASN A 1 98  ? -1.743  -13.016 3.502   1.00 38.59 ? 455  ASN A CA  1 
ATOM   685 C  C   . ASN A 1 98  ? -2.953  -12.097 3.629   1.00 37.61 ? 455  ASN A C   1 
ATOM   686 O  O   . ASN A 1 98  ? -4.066  -12.557 3.883   1.00 42.52 ? 455  ASN A O   1 
ATOM   687 C  CB  . ASN A 1 98  ? -1.415  -13.268 2.021   1.00 39.89 ? 455  ASN A CB  1 
ATOM   688 C  CG  . ASN A 1 98  ? -2.593  -13.832 1.223   1.00 40.02 ? 455  ASN A CG  1 
ATOM   689 O  OD1 . ASN A 1 98  ? -2.612  -13.739 -0.001  1.00 47.26 ? 455  ASN A OD1 1 
ATOM   690 N  ND2 . ASN A 1 98  ? -3.561  -14.414 1.902   1.00 34.31 ? 455  ASN A ND2 1 
ATOM   691 N  N   . PHE A 1 99  ? -2.711  -10.796 3.487   1.00 34.36 ? 456  PHE A N   1 
ATOM   692 C  CA  . PHE A 1 99  ? -3.786  -9.801  3.409   1.00 36.11 ? 456  PHE A CA  1 
ATOM   693 C  C   . PHE A 1 99  ? -3.492  -8.861  2.240   1.00 34.29 ? 456  PHE A C   1 
ATOM   694 O  O   . PHE A 1 99  ? -2.412  -8.907  1.657   1.00 34.12 ? 456  PHE A O   1 
ATOM   695 C  CB  . PHE A 1 99  ? -3.966  -9.043  4.726   1.00 35.58 ? 456  PHE A CB  1 
ATOM   696 C  CG  . PHE A 1 99  ? -2.792  -8.195  5.120   1.00 39.02 ? 456  PHE A CG  1 
ATOM   697 C  CD1 . PHE A 1 99  ? -2.733  -6.852  4.752   1.00 39.10 ? 456  PHE A CD1 1 
ATOM   698 C  CD2 . PHE A 1 99  ? -1.755  -8.726  5.886   1.00 38.30 ? 456  PHE A CD2 1 
ATOM   699 C  CE1 . PHE A 1 99  ? -1.654  -6.061  5.124   1.00 37.20 ? 456  PHE A CE1 1 
ATOM   700 C  CE2 . PHE A 1 99  ? -0.670  -7.936  6.267   1.00 35.71 ? 456  PHE A CE2 1 
ATOM   701 C  CZ  . PHE A 1 99  ? -0.621  -6.604  5.883   1.00 37.39 ? 456  PHE A CZ  1 
ATOM   702 N  N   . LEU A 1 100 ? -4.461  -8.025  1.888   1.00 42.32 ? 457  LEU A N   1 
ATOM   703 C  CA  . LEU A 1 100 ? -4.336  -7.151  0.724   1.00 36.73 ? 457  LEU A CA  1 
ATOM   704 C  C   . LEU A 1 100 ? -4.307  -5.686  1.139   1.00 33.78 ? 457  LEU A C   1 
ATOM   705 O  O   . LEU A 1 100 ? -4.811  -5.330  2.206   1.00 36.75 ? 457  LEU A O   1 
ATOM   706 C  CB  . LEU A 1 100 ? -5.505  -7.399  -0.231  1.00 40.48 ? 457  LEU A CB  1 
ATOM   707 C  CG  . LEU A 1 100 ? -5.830  -8.857  -0.586  1.00 44.85 ? 457  LEU A CG  1 
ATOM   708 C  CD1 . LEU A 1 100 ? -7.065  -8.924  -1.488  1.00 44.62 ? 457  LEU A CD1 1 
ATOM   709 C  CD2 . LEU A 1 100 ? -4.648  -9.560  -1.246  1.00 46.45 ? 457  LEU A CD2 1 
ATOM   710 N  N   . VAL A 1 101 ? -3.697  -4.847  0.300   1.00 32.09 ? 458  VAL A N   1 
ATOM   711 C  CA  . VAL A 1 101 ? -3.681  -3.389  0.507   1.00 30.90 ? 458  VAL A CA  1 
ATOM   712 C  C   . VAL A 1 101 ? -4.067  -2.746  -0.822  1.00 30.85 ? 458  VAL A C   1 
ATOM   713 O  O   . VAL A 1 101 ? -3.415  -2.993  -1.836  1.00 34.98 ? 458  VAL A O   1 
ATOM   714 C  CB  . VAL A 1 101 ? -2.310  -2.868  0.965   1.00 29.53 ? 458  VAL A CB  1 
ATOM   715 C  CG1 . VAL A 1 101 ? -2.402  -1.392  1.344   1.00 28.54 ? 458  VAL A CG1 1 
ATOM   716 C  CG2 . VAL A 1 101 ? -1.796  -3.681  2.153   1.00 33.10 ? 458  VAL A CG2 1 
ATOM   717 N  N   . HIS A 1 102 ? -5.122  -1.933  -0.814  1.00 26.30 ? 459  HIS A N   1 
ATOM   718 C  CA  . HIS A 1 102 ? -5.679  -1.356  -2.046  1.00 32.58 ? 459  HIS A CA  1 
ATOM   719 C  C   . HIS A 1 102 ? -5.470  0.151   -2.156  1.00 35.15 ? 459  HIS A C   1 
ATOM   720 O  O   . HIS A 1 102 ? -5.779  0.889   -1.219  1.00 39.21 ? 459  HIS A O   1 
ATOM   721 C  CB  . HIS A 1 102 ? -7.192  -1.592  -2.105  1.00 31.12 ? 459  HIS A CB  1 
ATOM   722 C  CG  . HIS A 1 102 ? -7.600  -3.030  -2.049  1.00 31.60 ? 459  HIS A CG  1 
ATOM   723 N  ND1 . HIS A 1 102 ? -7.446  -3.892  -3.116  1.00 31.86 ? 459  HIS A ND1 1 
ATOM   724 C  CD2 . HIS A 1 102 ? -8.203  -3.746  -1.071  1.00 29.33 ? 459  HIS A CD2 1 
ATOM   725 C  CE1 . HIS A 1 102 ? -7.915  -5.082  -2.787  1.00 34.05 ? 459  HIS A CE1 1 
ATOM   726 N  NE2 . HIS A 1 102 ? -8.382  -5.021  -1.552  1.00 32.47 ? 459  HIS A NE2 1 
ATOM   727 N  N   . LEU A 1 103 ? -4.971  0.601   -3.305  1.00 34.41 ? 460  LEU A N   1 
ATOM   728 C  CA  . LEU A 1 103 ? -4.928  2.025   -3.626  1.00 36.56 ? 460  LEU A CA  1 
ATOM   729 C  C   . LEU A 1 103 ? -6.245  2.378   -4.309  1.00 35.41 ? 460  LEU A C   1 
ATOM   730 O  O   . LEU A 1 103 ? -6.845  1.533   -4.970  1.00 37.42 ? 460  LEU A O   1 
ATOM   731 C  CB  . LEU A 1 103 ? -3.767  2.357   -4.563  1.00 36.26 ? 460  LEU A CB  1 
ATOM   732 C  CG  . LEU A 1 103 ? -2.355  2.129   -4.035  1.00 36.24 ? 460  LEU A CG  1 
ATOM   733 C  CD1 . LEU A 1 103 ? -1.341  2.448   -5.116  1.00 37.73 ? 460  LEU A CD1 1 
ATOM   734 C  CD2 . LEU A 1 103 ? -2.091  2.957   -2.797  1.00 40.77 ? 460  LEU A CD2 1 
ATOM   735 N  N   . SER A 1 104 ? -6.694  3.619   -4.141  1.00 38.42 ? 461  SER A N   1 
ATOM   736 C  CA  . SER A 1 104 ? -7.932  4.088   -4.775  1.00 36.11 ? 461  SER A CA  1 
ATOM   737 C  C   . SER A 1 104 ? -8.080  5.600   -4.645  1.00 35.22 ? 461  SER A C   1 
ATOM   738 O  O   . SER A 1 104 ? -7.297  6.250   -3.950  1.00 38.13 ? 461  SER A O   1 
ATOM   739 C  CB  . SER A 1 104 ? -9.154  3.425   -4.124  1.00 32.56 ? 461  SER A CB  1 
ATOM   740 O  OG  . SER A 1 104 ? -9.266  3.812   -2.763  1.00 30.49 ? 461  SER A OG  1 
ATOM   741 N  N   . ASN A 1 105 ? -9.093  6.136   -5.323  1.00 37.46 ? 462  ASN A N   1 
ATOM   742 C  CA  . ASN A 1 105 ? -9.493  7.542   -5.198  1.00 32.56 ? 462  ASN A CA  1 
ATOM   743 C  C   . ASN A 1 105 ? -8.354  8.531   -5.459  1.00 31.22 ? 462  ASN A C   1 
ATOM   744 O  O   . ASN A 1 105 ? -8.015  9.346   -4.598  1.00 32.83 ? 462  ASN A O   1 
ATOM   745 C  CB  . ASN A 1 105 ? -10.099 7.761   -3.806  1.00 34.24 ? 462  ASN A CB  1 
ATOM   746 C  CG  . ASN A 1 105 ? -10.858 9.070   -3.682  1.00 36.63 ? 462  ASN A CG  1 
ATOM   747 O  OD1 . ASN A 1 105 ? -11.529 9.514   -4.616  1.00 41.04 ? 462  ASN A OD1 1 
ATOM   748 N  ND2 . ASN A 1 105 ? -10.774 9.683   -2.507  1.00 34.81 ? 462  ASN A ND2 1 
ATOM   749 N  N   . VAL A 1 106 ? -7.764  8.444   -6.651  1.00 32.70 ? 463  VAL A N   1 
ATOM   750 C  CA  . VAL A 1 106 ? -6.678  9.343   -7.055  1.00 34.14 ? 463  VAL A CA  1 
ATOM   751 C  C   . VAL A 1 106 ? -7.275  10.686  -7.481  1.00 36.75 ? 463  VAL A C   1 
ATOM   752 O  O   . VAL A 1 106 ? -8.096  10.734  -8.399  1.00 31.78 ? 463  VAL A O   1 
ATOM   753 C  CB  . VAL A 1 106 ? -5.841  8.760   -8.220  1.00 35.94 ? 463  VAL A CB  1 
ATOM   754 C  CG1 . VAL A 1 106 ? -4.728  9.717   -8.617  1.00 34.80 ? 463  VAL A CG1 1 
ATOM   755 C  CG2 . VAL A 1 106 ? -5.243  7.414   -7.835  1.00 39.40 ? 463  VAL A CG2 1 
ATOM   756 N  N   . LYS A 1 107 ? -6.858  11.763  -6.812  1.00 38.37 ? 464  LYS A N   1 
ATOM   757 C  CA  . LYS A 1 107 ? -7.369  13.108  -7.092  1.00 40.28 ? 464  LYS A CA  1 
ATOM   758 C  C   . LYS A 1 107 ? -6.221  14.114  -7.165  1.00 39.83 ? 464  LYS A C   1 
ATOM   759 O  O   . LYS A 1 107 ? -5.206  13.947  -6.491  1.00 36.26 ? 464  LYS A O   1 
ATOM   760 C  CB  . LYS A 1 107 ? -8.370  13.535  -6.009  1.00 42.25 ? 464  LYS A CB  1 
ATOM   761 C  CG  . LYS A 1 107 ? -9.436  12.489  -5.698  1.00 44.19 ? 464  LYS A CG  1 
ATOM   762 C  CD  . LYS A 1 107 ? -10.444 12.965  -4.670  1.00 46.24 ? 464  LYS A CD  1 
ATOM   763 C  CE  . LYS A 1 107 ? -11.461 13.920  -5.271  1.00 50.17 ? 464  LYS A CE  1 
ATOM   764 N  NZ  . LYS A 1 107 ? -12.532 14.283  -4.295  1.00 51.93 ? 464  LYS A NZ  1 
ATOM   765 N  N   . VAL A 1 108 ? -6.389  15.143  -7.998  1.00 39.03 ? 465  VAL A N   1 
ATOM   766 C  CA  . VAL A 1 108 ? -5.395  16.208  -8.157  1.00 39.86 ? 465  VAL A CA  1 
ATOM   767 C  C   . VAL A 1 108 ? -5.933  17.476  -7.508  1.00 42.60 ? 465  VAL A C   1 
ATOM   768 O  O   . VAL A 1 108 ? -7.118  17.797  -7.638  1.00 44.16 ? 465  VAL A O   1 
ATOM   769 C  CB  . VAL A 1 108 ? -5.065  16.480  -9.645  1.00 38.41 ? 465  VAL A CB  1 
ATOM   770 C  CG1 . VAL A 1 108 ? -4.006  17.569  -9.781  1.00 35.77 ? 465  VAL A CG1 1 
ATOM   771 C  CG2 . VAL A 1 108 ? -4.584  15.211  -10.317 1.00 40.95 ? 465  VAL A CG2 1 
ATOM   772 N  N   . SER A 1 109 ? -5.053  18.202  -6.824  1.00 45.84 ? 466  SER A N   1 
ATOM   773 C  CA  . SER A 1 109 ? -5.458  19.367  -6.056  1.00 49.43 ? 466  SER A CA  1 
ATOM   774 C  C   . SER A 1 109 ? -5.467  20.658  -6.846  1.00 53.34 ? 466  SER A C   1 
ATOM   775 O  O   . SER A 1 109 ? -4.578  20.909  -7.664  1.00 56.15 ? 466  SER A O   1 
ATOM   776 C  CB  . SER A 1 109 ? -4.520  19.563  -4.869  1.00 51.53 ? 466  SER A CB  1 
ATOM   777 O  OG  . SER A 1 109 ? -4.969  20.619  -4.038  1.00 54.00 ? 466  SER A OG  1 
ATOM   778 N  N   . SER A 1 110 ? -6.492  21.467  -6.588  1.00 55.64 ? 467  SER A N   1 
ATOM   779 C  CA  . SER A 1 110 ? -6.508  22.849  -7.044  1.00 57.30 ? 467  SER A CA  1 
ATOM   780 C  C   . SER A 1 110 ? -6.300  23.823  -5.864  1.00 57.05 ? 467  SER A C   1 
ATOM   781 O  O   . SER A 1 110 ? -6.024  23.413  -4.730  1.00 57.40 ? 467  SER A O   1 
ATOM   782 C  CB  . SER A 1 110 ? -7.710  23.187  -7.948  1.00 56.41 ? 467  SER A CB  1 
ATOM   783 O  OG  . SER A 1 110 ? -8.834  22.351  -7.678  1.00 55.61 ? 467  SER A OG  1 
ATOM   784 N  N   . GLU A 1 111 ? -6.484  25.108  -6.155  1.00 57.27 ? 468  GLU A N   1 
ATOM   785 C  CA  . GLU A 1 111 ? -5.704  26.126  -5.480  1.00 55.62 ? 468  GLU A CA  1 
ATOM   786 C  C   . GLU A 1 111 ? -6.476  27.437  -5.293  1.00 51.00 ? 468  GLU A C   1 
ATOM   787 O  O   . GLU A 1 111 ? -6.218  28.190  -4.348  1.00 50.90 ? 468  GLU A O   1 
ATOM   788 C  CB  . GLU A 1 111 ? -4.467  26.365  -6.386  1.00 53.74 ? 468  GLU A CB  1 
ATOM   789 C  CG  . GLU A 1 111 ? -3.979  25.109  -7.220  1.00 54.01 ? 468  GLU A CG  1 
ATOM   790 C  CD  . GLU A 1 111 ? -2.855  24.293  -6.548  1.00 53.41 ? 468  GLU A CD  1 
ATOM   791 O  OE1 . GLU A 1 111 ? -1.879  23.929  -7.263  1.00 49.40 ? 468  GLU A OE1 1 
ATOM   792 O  OE2 . GLU A 1 111 ? -2.947  24.004  -5.329  1.00 50.12 ? 468  GLU A OE2 1 
ATOM   793 N  N   . SER A 1 124 ? -9.373  11.695  -13.675 1.00 84.21 ? 481  SER A N   1 
ATOM   794 C  CA  . SER A 1 124 ? -9.150  13.142  -13.792 1.00 82.29 ? 481  SER A CA  1 
ATOM   795 C  C   . SER A 1 124 ? -7.882  13.376  -14.605 1.00 79.83 ? 481  SER A C   1 
ATOM   796 O  O   . SER A 1 124 ? -7.009  14.158  -14.207 1.00 83.66 ? 481  SER A O   1 
ATOM   797 C  CB  . SER A 1 124 ? -8.999  13.761  -12.395 1.00 82.46 ? 481  SER A CB  1 
ATOM   798 O  OG  . SER A 1 124 ? -10.208 13.676  -11.651 1.00 80.95 ? 481  SER A OG  1 
ATOM   799 N  N   . ALA A 1 125 ? -7.825  12.736  -15.771 1.00 75.01 ? 482  ALA A N   1 
ATOM   800 C  CA  . ALA A 1 125 ? -6.567  12.517  -16.509 1.00 71.15 ? 482  ALA A CA  1 
ATOM   801 C  C   . ALA A 1 125 ? -5.453  13.580  -16.488 1.00 68.03 ? 482  ALA A C   1 
ATOM   802 O  O   . ALA A 1 125 ? -5.033  14.102  -17.529 1.00 67.90 ? 482  ALA A O   1 
ATOM   803 C  CB  . ALA A 1 125 ? -6.844  12.042  -17.941 1.00 69.86 ? 482  ALA A CB  1 
ATOM   804 N  N   . LEU A 1 126 ? -5.028  13.912  -15.274 1.00 61.34 ? 483  LEU A N   1 
ATOM   805 C  CA  . LEU A 1 126 ? -3.707  14.462  -15.028 1.00 53.81 ? 483  LEU A CA  1 
ATOM   806 C  C   . LEU A 1 126 ? -2.978  13.375  -14.236 1.00 49.63 ? 483  LEU A C   1 
ATOM   807 O  O   . LEU A 1 126 ? -1.764  13.231  -14.350 1.00 47.98 ? 483  LEU A O   1 
ATOM   808 C  CB  . LEU A 1 126 ? -3.751  15.761  -14.230 1.00 53.02 ? 483  LEU A CB  1 
ATOM   809 C  CG  . LEU A 1 126 ? -4.306  16.989  -14.945 1.00 55.11 ? 483  LEU A CG  1 
ATOM   810 C  CD1 . LEU A 1 126 ? -4.470  18.136  -13.959 1.00 55.31 ? 483  LEU A CD1 1 
ATOM   811 C  CD2 . LEU A 1 126 ? -3.401  17.395  -16.101 1.00 54.45 ? 483  LEU A CD2 1 
ATOM   812 N  N   . ALA A 1 127 ? -3.734  12.611  -13.440 1.00 48.25 ? 484  ALA A N   1 
ATOM   813 C  CA  . ALA A 1 127 ? -3.192  11.518  -12.636 1.00 44.88 ? 484  ALA A CA  1 
ATOM   814 C  C   . ALA A 1 127 ? -4.167  10.338  -12.603 1.00 40.40 ? 484  ALA A C   1 
ATOM   815 O  O   . ALA A 1 127 ? -5.367  10.523  -12.406 1.00 41.19 ? 484  ALA A O   1 
ATOM   816 C  CB  . ALA A 1 127 ? -2.897  12.001  -11.228 1.00 44.12 ? 484  ALA A CB  1 
ATOM   817 N  N   . CYS A 1 128 ? -3.635  9.132   -12.802 1.00 38.06 ? 485  CYS A N   1 
ATOM   818 C  CA  . CYS A 1 128 ? -4.439  7.913   -12.838 1.00 37.08 ? 485  CYS A CA  1 
ATOM   819 C  C   . CYS A 1 128 ? -3.844  6.809   -11.986 1.00 37.43 ? 485  CYS A C   1 
ATOM   820 O  O   . CYS A 1 128 ? -2.645  6.793   -11.695 1.00 28.74 ? 485  CYS A O   1 
ATOM   821 C  CB  . CYS A 1 128 ? -4.553  7.380   -14.272 1.00 43.73 ? 485  CYS A CB  1 
ATOM   822 S  SG  . CYS A 1 128 ? -5.432  8.454   -15.414 1.00 53.49 ? 485  CYS A SG  1 
ATOM   823 N  N   . LEU A 1 129 ? -4.707  5.875   -11.607 1.00 38.33 ? 486  LEU A N   1 
ATOM   824 C  CA  . LEU A 1 129 ? -4.282  4.686   -10.904 1.00 38.22 ? 486  LEU A CA  1 
ATOM   825 C  C   . LEU A 1 129 ? -3.632  3.770   -11.949 1.00 42.45 ? 486  LEU A C   1 
ATOM   826 O  O   . LEU A 1 129 ? -4.219  3.498   -13.000 1.00 42.09 ? 486  LEU A O   1 
ATOM   827 C  CB  . LEU A 1 129 ? -5.497  4.011   -10.261 1.00 34.90 ? 486  LEU A CB  1 
ATOM   828 C  CG  . LEU A 1 129 ? -5.308  3.153   -9.011  1.00 37.61 ? 486  LEU A CG  1 
ATOM   829 C  CD1 . LEU A 1 129 ? -4.450  3.831   -7.960  1.00 36.34 ? 486  LEU A CD1 1 
ATOM   830 C  CD2 . LEU A 1 129 ? -6.672  2.817   -8.435  1.00 36.97 ? 486  LEU A CD2 1 
ATOM   831 N  N   . GLY A 1 130 ? -2.401  3.351   -11.674 1.00 44.04 ? 487  GLY A N   1 
ATOM   832 C  CA  . GLY A 1 130 ? -1.684  2.424   -12.535 1.00 44.30 ? 487  GLY A CA  1 
ATOM   833 C  C   . GLY A 1 130 ? -1.865  1.003   -12.038 1.00 46.15 ? 487  GLY A C   1 
ATOM   834 O  O   . GLY A 1 130 ? -2.798  0.701   -11.291 1.00 48.66 ? 487  GLY A O   1 
ATOM   835 N  N   . SER A 1 131 ? -0.963  0.131   -12.464 1.00 48.93 ? 488  SER A N   1 
ATOM   836 C  CA  . SER A 1 131 ? -0.983  -1.259  -12.050 1.00 52.93 ? 488  SER A CA  1 
ATOM   837 C  C   . SER A 1 131 ? 0.422   -1.595  -11.564 1.00 48.32 ? 488  SER A C   1 
ATOM   838 O  O   . SER A 1 131 ? 1.406   -1.269  -12.238 1.00 49.84 ? 488  SER A O   1 
ATOM   839 C  CB  . SER A 1 131 ? -1.396  -2.149  -13.222 1.00 51.67 ? 488  SER A CB  1 
ATOM   840 O  OG  . SER A 1 131 ? -1.757  -3.443  -12.773 1.00 58.19 ? 488  SER A OG  1 
ATOM   841 N  N   . PRO A 1 132 ? 0.541   -2.254  -10.402 1.00 43.43 ? 489  PRO A N   1 
ATOM   842 C  CA  . PRO A 1 132 ? -0.467  -2.800  -9.503  1.00 39.44 ? 489  PRO A CA  1 
ATOM   843 C  C   . PRO A 1 132 ? -1.047  -1.792  -8.507  1.00 39.72 ? 489  PRO A C   1 
ATOM   844 O  O   . PRO A 1 132 ? -0.298  -1.185  -7.732  1.00 36.21 ? 489  PRO A O   1 
ATOM   845 C  CB  . PRO A 1 132 ? 0.307   -3.887  -8.757  1.00 38.27 ? 489  PRO A CB  1 
ATOM   846 C  CG  . PRO A 1 132 ? 1.694   -3.383  -8.702  1.00 40.00 ? 489  PRO A CG  1 
ATOM   847 C  CD  . PRO A 1 132 ? 1.901   -2.497  -9.896  1.00 41.37 ? 489  PRO A CD  1 
ATOM   848 N  N   . SER A 1 133 ? -2.371  -1.635  -8.541  1.00 37.35 ? 490  SER A N   1 
ATOM   849 C  CA  . SER A 1 133 ? -3.100  -0.790  -7.592  1.00 40.21 ? 490  SER A CA  1 
ATOM   850 C  C   . SER A 1 133 ? -3.442  -1.556  -6.304  1.00 39.51 ? 490  SER A C   1 
ATOM   851 O  O   . SER A 1 133 ? -3.936  -0.967  -5.339  1.00 35.61 ? 490  SER A O   1 
ATOM   852 C  CB  . SER A 1 133 ? -4.378  -0.247  -8.229  1.00 40.13 ? 490  SER A CB  1 
ATOM   853 O  OG  . SER A 1 133 ? -5.242  -1.297  -8.611  1.00 37.39 ? 490  SER A OG  1 
ATOM   854 N  N   . THR A 1 134 ? -3.185  -2.863  -6.305  1.00 39.13 ? 491  THR A N   1 
ATOM   855 C  CA  . THR A 1 134 ? -3.365  -3.707  -5.128  1.00 41.80 ? 491  THR A CA  1 
ATOM   856 C  C   . THR A 1 134 ? -2.102  -4.529  -4.876  1.00 42.33 ? 491  THR A C   1 
ATOM   857 O  O   . THR A 1 134 ? -1.558  -5.159  -5.792  1.00 39.49 ? 491  THR A O   1 
ATOM   858 C  CB  . THR A 1 134 ? -4.571  -4.661  -5.288  1.00 43.37 ? 491  THR A CB  1 
ATOM   859 O  OG1 . THR A 1 134 ? -5.781  -3.894  -5.347  1.00 47.69 ? 491  THR A OG1 1 
ATOM   860 C  CG2 . THR A 1 134 ? -4.661  -5.649  -4.120  1.00 41.51 ? 491  THR A CG2 1 
ATOM   861 N  N   . ALA A 1 135 ? -1.635  -4.503  -3.630  1.00 41.28 ? 492  ALA A N   1 
ATOM   862 C  CA  . ALA A 1 135 ? -0.494  -5.304  -3.209  1.00 37.57 ? 492  ALA A CA  1 
ATOM   863 C  C   . ALA A 1 135 ? -0.966  -6.371  -2.224  1.00 39.57 ? 492  ALA A C   1 
ATOM   864 O  O   . ALA A 1 135 ? -1.995  -6.208  -1.565  1.00 35.59 ? 492  ALA A O   1 
ATOM   865 C  CB  . ALA A 1 135 ? 0.559   -4.432  -2.568  1.00 37.66 ? 492  ALA A CB  1 
ATOM   866 N  N   . THR A 1 136 ? -0.208  -7.462  -2.147  1.00 38.13 ? 493  THR A N   1 
ATOM   867 C  CA  . THR A 1 136 ? -0.478  -8.552  -1.214  1.00 40.81 ? 493  THR A CA  1 
ATOM   868 C  C   . THR A 1 136 ? 0.667   -8.616  -0.201  1.00 40.60 ? 493  THR A C   1 
ATOM   869 O  O   . THR A 1 136 ? 1.813   -8.297  -0.534  1.00 38.58 ? 493  THR A O   1 
ATOM   870 C  CB  . THR A 1 136 ? -0.660  -9.915  -1.944  1.00 44.78 ? 493  THR A CB  1 
ATOM   871 O  OG1 . THR A 1 136 ? -0.807  -10.962 -0.980  1.00 55.70 ? 493  THR A OG1 1 
ATOM   872 C  CG2 . THR A 1 136 ? 0.514   -10.245 -2.839  1.00 44.18 ? 493  THR A CG2 1 
ATOM   873 N  N   . VAL A 1 137 ? 0.358   -9.008  1.036   1.00 35.21 ? 494  VAL A N   1 
ATOM   874 C  CA  . VAL A 1 137 ? 1.373   -9.089  2.087   1.00 38.57 ? 494  VAL A CA  1 
ATOM   875 C  C   . VAL A 1 137 ? 1.418   -10.482 2.700   1.00 40.05 ? 494  VAL A C   1 
ATOM   876 O  O   . VAL A 1 137 ? 0.463   -10.896 3.351   1.00 44.42 ? 494  VAL A O   1 
ATOM   877 C  CB  . VAL A 1 137 ? 1.109   -8.069  3.207   1.00 40.06 ? 494  VAL A CB  1 
ATOM   878 C  CG1 . VAL A 1 137 ? 2.213   -8.140  4.273   1.00 39.76 ? 494  VAL A CG1 1 
ATOM   879 C  CG2 . VAL A 1 137 ? 1.013   -6.661  2.642   1.00 41.26 ? 494  VAL A CG2 1 
ATOM   880 N  N   . THR A 1 138 ? 2.527   -11.196 2.508   1.00 37.48 ? 495  THR A N   1 
ATOM   881 C  CA  . THR A 1 138 ? 2.690   -12.534 3.083   1.00 34.46 ? 495  THR A CA  1 
ATOM   882 C  C   . THR A 1 138 ? 3.245   -12.419 4.497   1.00 35.73 ? 495  THR A C   1 
ATOM   883 O  O   . THR A 1 138 ? 4.257   -11.752 4.706   1.00 34.94 ? 495  THR A O   1 
ATOM   884 C  CB  . THR A 1 138 ? 3.633   -13.413 2.237   1.00 36.69 ? 495  THR A CB  1 
ATOM   885 O  OG1 . THR A 1 138 ? 3.086   -13.574 0.924   1.00 32.36 ? 495  THR A OG1 1 
ATOM   886 C  CG2 . THR A 1 138 ? 3.815   -14.798 2.868   1.00 37.41 ? 495  THR A CG2 1 
ATOM   887 N  N   . ILE A 1 139 ? 2.568   -13.058 5.456   1.00 37.06 ? 496  ILE A N   1 
ATOM   888 C  CA  . ILE A 1 139 ? 2.994   -13.091 6.857   1.00 34.97 ? 496  ILE A CA  1 
ATOM   889 C  C   . ILE A 1 139 ? 3.464   -14.502 7.197   1.00 38.01 ? 496  ILE A C   1 
ATOM   890 O  O   . ILE A 1 139 ? 2.653   -15.416 7.329   1.00 35.38 ? 496  ILE A O   1 
ATOM   891 C  CB  . ILE A 1 139 ? 1.843   -12.722 7.833   1.00 35.48 ? 496  ILE A CB  1 
ATOM   892 C  CG1 . ILE A 1 139 ? 1.329   -11.307 7.568   1.00 39.01 ? 496  ILE A CG1 1 
ATOM   893 C  CG2 . ILE A 1 139 ? 2.308   -12.843 9.297   1.00 35.48 ? 496  ILE A CG2 1 
ATOM   894 C  CD1 . ILE A 1 139 ? 0.066   -10.950 8.364   1.00 38.57 ? 496  ILE A CD1 1 
ATOM   895 N  N   . PHE A 1 140 ? 4.773   -14.678 7.340   1.00 38.56 ? 497  PHE A N   1 
ATOM   896 C  CA  . PHE A 1 140 ? 5.329   -15.963 7.744   1.00 41.20 ? 497  PHE A CA  1 
ATOM   897 C  C   . PHE A 1 140 ? 5.190   -16.103 9.256   1.00 44.70 ? 497  PHE A C   1 
ATOM   898 O  O   . PHE A 1 140 ? 5.625   -15.229 10.000  1.00 45.95 ? 497  PHE A O   1 
ATOM   899 C  CB  . PHE A 1 140 ? 6.808   -16.065 7.364   1.00 42.29 ? 497  PHE A CB  1 
ATOM   900 C  CG  . PHE A 1 140 ? 7.065   -16.013 5.886   1.00 42.38 ? 497  PHE A CG  1 
ATOM   901 C  CD1 . PHE A 1 140 ? 7.315   -14.806 5.251   1.00 43.86 ? 497  PHE A CD1 1 
ATOM   902 C  CD2 . PHE A 1 140 ? 7.063   -17.176 5.129   1.00 43.87 ? 497  PHE A CD2 1 
ATOM   903 C  CE1 . PHE A 1 140 ? 7.552   -14.760 3.884   1.00 46.08 ? 497  PHE A CE1 1 
ATOM   904 C  CE2 . PHE A 1 140 ? 7.303   -17.136 3.764   1.00 41.48 ? 497  PHE A CE2 1 
ATOM   905 C  CZ  . PHE A 1 140 ? 7.548   -15.928 3.143   1.00 43.63 ? 497  PHE A CZ  1 
ATOM   906 N  N   . ASP A 1 141 ? 4.575   -17.194 9.702   1.00 52.37 ? 498  ASP A N   1 
ATOM   907 C  CA  . ASP A 1 141 ? 4.423   -17.470 11.129  1.00 58.80 ? 498  ASP A CA  1 
ATOM   908 C  C   . ASP A 1 141 ? 5.788   -17.794 11.725  1.00 63.60 ? 498  ASP A C   1 
ATOM   909 O  O   . ASP A 1 141 ? 6.631   -18.388 11.050  1.00 61.58 ? 498  ASP A O   1 
ATOM   910 C  CB  . ASP A 1 141 ? 3.484   -18.656 11.340  1.00 63.57 ? 498  ASP A CB  1 
ATOM   911 C  CG  . ASP A 1 141 ? 3.216   -18.928 12.802  1.00 62.47 ? 498  ASP A CG  1 
ATOM   912 O  OD1 . ASP A 1 141 ? 2.668   -18.037 13.481  1.00 55.73 ? 498  ASP A OD1 1 
ATOM   913 O  OD2 . ASP A 1 141 ? 3.541   -20.040 13.268  1.00 65.94 ? 498  ASP A OD2 1 
ATOM   914 N  N   . ASP A 1 142 ? 6.004   -17.412 12.983  1.00 66.79 ? 499  ASP A N   1 
ATOM   915 C  CA  . ASP A 1 142 ? 7.297   -17.629 13.644  1.00 69.26 ? 499  ASP A CA  1 
ATOM   916 C  C   . ASP A 1 142 ? 7.162   -18.443 14.929  1.00 69.85 ? 499  ASP A C   1 
ATOM   917 O  O   . ASP A 1 142 ? 7.904   -18.221 15.889  1.00 73.99 ? 499  ASP A O   1 
ATOM   918 C  CB  . ASP A 1 142 ? 7.960   -16.281 13.951  1.00 71.29 ? 499  ASP A CB  1 
ATOM   919 C  CG  . ASP A 1 142 ? 7.238   -15.505 15.029  1.00 73.31 ? 499  ASP A CG  1 
ATOM   920 O  OD1 . ASP A 1 142 ? 6.029   -15.753 15.251  1.00 73.81 ? 499  ASP A OD1 1 
ATOM   921 O  OD2 . ASP A 1 142 ? 7.889   -14.652 15.661  1.00 77.16 ? 499  ASP A OD2 1 
ATOM   922 N  N   . ASP A 1 143 ? 6.228   -19.395 14.941  1.00 69.12 ? 500  ASP A N   1 
ATOM   923 C  CA  . ASP A 1 143 ? 5.957   -20.198 16.134  1.00 67.46 ? 500  ASP A CA  1 
ATOM   924 C  C   . ASP A 1 143 ? 6.073   -21.693 15.840  1.00 74.30 ? 500  ASP A C   1 
ATOM   925 O  O   . ASP A 1 143 ? 5.996   -22.117 14.684  1.00 80.78 ? 500  ASP A O   1 
ATOM   926 C  CB  . ASP A 1 143 ? 4.592   -19.828 16.711  1.00 62.46 ? 500  ASP A CB  1 
ATOM   927 C  CG  . ASP A 1 143 ? 4.454   -18.326 16.958  1.00 57.59 ? 500  ASP A CG  1 
ATOM   928 O  OD1 . ASP A 1 143 ? 5.428   -17.683 17.399  1.00 53.75 ? 500  ASP A OD1 1 
ATOM   929 O  OD2 . ASP A 1 143 ? 3.372   -17.768 16.712  1.00 60.47 ? 500  ASP A OD2 1 
ATOM   930 N  N   . HIS A 1 144 ? 6.236   -22.484 16.897  1.00 73.82 ? 501  HIS A N   1 
ATOM   931 C  CA  . HIS A 1 144 ? 6.639   -23.887 16.758  1.00 75.97 ? 501  HIS A CA  1 
ATOM   932 C  C   . HIS A 1 144 ? 5.558   -24.968 16.763  1.00 68.32 ? 501  HIS A C   1 
ATOM   933 O  O   . HIS A 1 144 ? 5.432   -25.716 15.790  1.00 75.61 ? 501  HIS A O   1 
ATOM   934 C  CB  . HIS A 1 144 ? 7.684   -24.233 17.830  1.00 81.79 ? 501  HIS A CB  1 
ATOM   935 C  CG  . HIS A 1 144 ? 9.060   -23.744 17.505  1.00 87.18 ? 501  HIS A CG  1 
ATOM   936 N  ND1 . HIS A 1 144 ? 9.946   -23.305 18.466  1.00 90.44 ? 501  HIS A ND1 1 
ATOM   937 C  CD2 . HIS A 1 144 ? 9.694   -23.605 16.316  1.00 88.55 ? 501  HIS A CD2 1 
ATOM   938 C  CE1 . HIS A 1 144 ? 11.075  -22.937 17.884  1.00 90.45 ? 501  HIS A CE1 1 
ATOM   939 N  NE2 . HIS A 1 144 ? 10.944  -23.102 16.579  1.00 89.85 ? 501  HIS A NE2 1 
ATOM   940 N  N   . ALA A 1 145 ? 4.808   -25.056 17.859  1.00 53.23 ? 502  ALA A N   1 
ATOM   941 C  CA  . ALA A 1 145 ? 3.869   -26.169 18.113  1.00 54.82 ? 502  ALA A CA  1 
ATOM   942 C  C   . ALA A 1 145 ? 4.603   -27.268 18.875  1.00 47.95 ? 502  ALA A C   1 
ATOM   943 O  O   . ALA A 1 145 ? 5.402   -28.010 18.268  1.00 42.78 ? 502  ALA A O   1 
ATOM   944 C  CB  . ALA A 1 145 ? 3.282   -26.748 16.810  1.00 49.33 ? 502  ALA A CB  1 
HETATM 945 CA CA  . CA  B 2 .   ? -4.211  -16.203 11.719  1.00 62.24 ? 1001 CA  A CA  1 
HETATM 946 CA CA  . CA  C 2 .   ? -0.506  -14.353 12.768  1.00 59.27 ? 2001 CA  A CA  1 
HETATM 947 CA CA  . CA  D 2 .   ? 1.526   -17.069 15.405  1.00 55.54 ? 3001 CA  A CA  1 
HETATM 948 CA CA  . CA  E 2 .   ? 4.654   -15.296 16.984  1.00 57.66 ? 4001 CA  A CA  1 
HETATM 949 C  C   . GAI F 3 .   ? 7.723   -20.929 8.242   1.00 73.01 ? 1008 GAI A C   1 
HETATM 950 N  N1  . GAI F 3 .   ? 6.972   -20.092 8.805   1.00 73.56 ? 1008 GAI A N1  1 
HETATM 951 N  N2  . GAI F 3 .   ? 7.725   -21.044 6.921   1.00 73.11 ? 1008 GAI A N2  1 
HETATM 952 N  N3  . GAI F 3 .   ? 8.525   -21.706 8.967   1.00 77.90 ? 1008 GAI A N3  1 
HETATM 953 N  N1  . EPE G 4 .   ? -11.575 -5.261  9.940   1.00 71.06 ? 1009 EPE A N1  1 
HETATM 954 C  C2  . EPE G 4 .   ? -11.894 -3.933  10.498  1.00 70.41 ? 1009 EPE A C2  1 
HETATM 955 C  C3  . EPE G 4 .   ? -11.578 -3.905  11.985  1.00 71.68 ? 1009 EPE A C3  1 
HETATM 956 N  N4  . EPE G 4 .   ? -12.349 -4.916  12.688  1.00 75.65 ? 1009 EPE A N4  1 
HETATM 957 C  C5  . EPE G 4 .   ? -11.995 -6.231  12.180  1.00 72.95 ? 1009 EPE A C5  1 
HETATM 958 C  C6  . EPE G 4 .   ? -12.268 -6.339  10.683  1.00 70.69 ? 1009 EPE A C6  1 
HETATM 959 C  C7  . EPE G 4 .   ? -12.138 -4.824  14.127  1.00 77.21 ? 1009 EPE A C7  1 
HETATM 960 C  C8  . EPE G 4 .   ? -13.289 -4.112  14.833  1.00 76.23 ? 1009 EPE A C8  1 
HETATM 961 O  O8  . EPE G 4 .   ? -13.373 -2.762  14.428  1.00 76.57 ? 1009 EPE A O8  1 
HETATM 962 C  C9  . EPE G 4 .   ? -11.963 -5.269  8.518   1.00 65.83 ? 1009 EPE A C9  1 
HETATM 963 C  C10 . EPE G 4 .   ? -11.357 -6.451  7.771   1.00 61.08 ? 1009 EPE A C10 1 
HETATM 964 S  S   . EPE G 4 .   ? -11.698 -6.312  6.003   1.00 56.30 ? 1009 EPE A S   1 
HETATM 965 O  O1S . EPE G 4 .   ? -10.955 -5.168  5.471   1.00 64.67 ? 1009 EPE A O1S 1 
HETATM 966 O  O2S . EPE G 4 .   ? -13.127 -6.082  5.803   1.00 57.90 ? 1009 EPE A O2S 1 
HETATM 967 O  O3S . EPE G 4 .   ? -11.297 -7.541  5.331   1.00 57.05 ? 1009 EPE A O3S 1 
HETATM 968 O  O   . HOH H 5 .   ? 0.935   -15.581 11.535  1.00 63.15 ? 1    HOH A O   1 
HETATM 969 O  O   . HOH H 5 .   ? -3.704  -22.260 14.747  1.00 38.20 ? 2    HOH A O   1 
HETATM 970 O  O   . HOH H 5 .   ? -3.887  9.373   6.504   1.00 33.48 ? 3    HOH A O   1 
HETATM 971 O  O   . HOH H 5 .   ? -8.142  2.039   -1.187  1.00 42.14 ? 4    HOH A O   1 
HETATM 972 O  O   . HOH H 5 .   ? -6.730  -17.484 8.819   1.00 29.47 ? 5    HOH A O   1 
HETATM 973 O  O   . HOH H 5 .   ? 5.257   -22.072 12.161  1.00 38.55 ? 6    HOH A O   1 
HETATM 974 O  O   . HOH H 5 .   ? 4.983   -8.130  14.865  1.00 40.10 ? 7    HOH A O   1 
HETATM 975 O  O   . HOH H 5 .   ? 7.532   -13.587 17.925  1.00 38.91 ? 8    HOH A O   1 
HETATM 976 O  O   . HOH H 5 .   ? -12.706 -11.313 5.900   1.00 36.98 ? 9    HOH A O   1 
HETATM 977 O  O   . HOH H 5 .   ? 8.582   9.701   -15.029 1.00 34.43 ? 10   HOH A O   1 
HETATM 978 O  O   . HOH H 5 .   ? -7.682  -4.109  13.565  1.00 30.91 ? 11   HOH A O   1 
HETATM 979 O  O   . HOH H 5 .   ? 1.200   -12.642 -0.639  1.00 39.01 ? 12   HOH A O   1 
HETATM 980 O  O   . HOH H 5 .   ? -8.209  -5.146  6.800   1.00 34.80 ? 13   HOH A O   1 
HETATM 981 O  O   . HOH H 5 .   ? 1.013   -16.324 9.082   1.00 35.25 ? 14   HOH A O   1 
HETATM 982 O  O   . HOH H 5 .   ? -1.703  -13.615 14.779  1.00 46.10 ? 15   HOH A O   1 
HETATM 983 O  O   . HOH H 5 .   ? 0.232   -12.225 12.619  1.00 46.96 ? 16   HOH A O   1 
HETATM 984 O  O   . HOH H 5 .   ? -7.357  10.560  -2.254  1.00 45.87 ? 17   HOH A O   1 
# 
